data_1R6Z
#
_entry.id   1R6Z
#
_cell.length_a   89.811
_cell.length_b   89.811
_cell.length_c   380.326
_cell.angle_alpha   90.00
_cell.angle_beta   90.00
_cell.angle_gamma   120.00
#
_symmetry.space_group_name_H-M   'P 65'
#
loop_
_entity.id
_entity.type
_entity.pdbx_description
1 polymer 'Chimera of Maltose-binding periplasmic protein and Argonaute 2'
2 branched alpha-D-glucopyranose-(1-4)-alpha-D-glucopyranose
3 non-polymer 'NICKEL (II) ION'
4 water water
#
_entity_poly.entity_id   1
_entity_poly.type   'polypeptide(L)'
_entity_poly.pdbx_seq_one_letter_code
;MKIEEGKLVIWINGDKGYNGLAEVGKKFEKDTGIKVTVEHPDKLEEKFPQVAATGDGPDIIFWAHDRFGGYAQSGLLAEI
TPDKAFQDKLYPFTWDAVRYNGKLIAYPIAVEALSLIYNKDLLPNPPKTWEEIPALDKELKAKGKSALMFNLQEPYFTWP
LIAADGGYAFKYENGKYDIKDVGVDNAGAKAGLTFLVDLIKNKHMNADTDYSIAEAAFNKGETAMTINGPWAWSNIDTSK
VNYGVTVLPTFKGQPSKPFVGVLSAGINAASPNKELAKEFLENYLLTDEGLEAVNKDKPLGAVALKSYEEELAKDPRIAA
TMENAQKGEIMPNIPQMSAFWYAVRTAVINAASGRQTVDEALKDAQTNAAAEFVDISHKSFPISMPMIEYLERFSLKAKI
NNTTNLDYSRRFLEPFLRGINVVYTPPQSFQSAPRVYRVNGLSRAPASSETFEHDGKKVTIASYFHSRNYPLKFPQLHCL
NVGSSIKSILLPIELCSIEEGQALNRKDG
;
_entity_poly.pdbx_strand_id   P,A,Z
#
loop_
_chem_comp.id
_chem_comp.type
_chem_comp.name
_chem_comp.formula
GLC D-saccharide, alpha linking alpha-D-glucopyranose 'C6 H12 O6'
NI non-polymer 'NICKEL (II) ION' 'Ni 2'
#
# COMPACT_ATOMS: atom_id res chain seq x y z
N ILE A 3 -38.33 8.13 -25.98
CA ILE A 3 -39.61 7.42 -26.13
C ILE A 3 -40.35 7.40 -24.78
N GLU A 4 -39.98 8.33 -23.89
CA GLU A 4 -40.59 8.44 -22.57
C GLU A 4 -41.62 9.55 -22.57
N GLU A 5 -42.81 9.24 -22.05
CA GLU A 5 -43.91 10.20 -22.02
C GLU A 5 -43.71 11.38 -21.07
N GLY A 6 -44.74 12.22 -20.98
CA GLY A 6 -44.71 13.37 -20.08
C GLY A 6 -45.28 13.05 -18.70
N LYS A 7 -44.78 11.97 -18.09
CA LYS A 7 -45.21 11.52 -16.77
C LYS A 7 -44.04 10.95 -15.98
N LEU A 8 -44.32 10.08 -15.02
CA LEU A 8 -43.27 9.46 -14.22
C LEU A 8 -43.38 7.96 -14.06
N VAL A 9 -42.35 7.26 -14.51
CA VAL A 9 -42.27 5.80 -14.40
C VAL A 9 -41.06 5.45 -13.54
N ILE A 10 -41.31 4.66 -12.50
CA ILE A 10 -40.26 4.30 -11.56
C ILE A 10 -40.00 2.80 -11.48
N TRP A 11 -38.73 2.43 -11.37
CA TRP A 11 -38.34 1.04 -11.25
C TRP A 11 -37.58 0.85 -9.94
N ILE A 12 -38.06 -0.08 -9.14
CA ILE A 12 -37.42 -0.39 -7.87
C ILE A 12 -37.45 -1.92 -7.76
N ASN A 13 -36.54 -2.49 -6.97
CA ASN A 13 -36.49 -3.94 -6.82
C ASN A 13 -37.66 -4.52 -6.03
N GLY A 14 -38.15 -5.67 -6.45
CA GLY A 14 -39.27 -6.32 -5.79
C GLY A 14 -39.20 -6.59 -4.30
N ASP A 15 -38.01 -6.74 -3.75
CA ASP A 15 -37.94 -7.00 -2.33
C ASP A 15 -38.18 -5.72 -1.55
N LYS A 16 -38.16 -4.59 -2.26
CA LYS A 16 -38.38 -3.29 -1.64
C LYS A 16 -39.86 -2.97 -1.48
N GLY A 17 -40.16 -1.84 -0.84
CA GLY A 17 -41.55 -1.48 -0.64
C GLY A 17 -42.18 -0.67 -1.76
N TYR A 18 -42.38 -1.30 -2.91
CA TYR A 18 -42.96 -0.60 -4.06
C TYR A 18 -44.41 -0.16 -3.88
N ASN A 19 -45.16 -0.88 -3.06
CA ASN A 19 -46.53 -0.48 -2.81
C ASN A 19 -46.52 0.81 -2.02
N GLY A 20 -45.52 0.96 -1.16
CA GLY A 20 -45.40 2.17 -0.37
C GLY A 20 -44.95 3.32 -1.25
N LEU A 21 -43.91 3.09 -2.03
CA LEU A 21 -43.39 4.11 -2.91
C LEU A 21 -44.51 4.63 -3.78
N ALA A 22 -45.40 3.72 -4.14
CA ALA A 22 -46.53 4.06 -4.97
C ALA A 22 -47.54 4.93 -4.22
N GLU A 23 -47.68 4.70 -2.92
CA GLU A 23 -48.62 5.52 -2.16
C GLU A 23 -48.15 6.95 -2.31
N VAL A 24 -46.83 7.13 -2.28
CA VAL A 24 -46.23 8.44 -2.42
C VAL A 24 -46.59 8.97 -3.82
N GLY A 25 -46.49 8.10 -4.81
CA GLY A 25 -46.83 8.50 -6.17
C GLY A 25 -48.24 9.05 -6.25
N LYS A 26 -49.17 8.41 -5.57
CA LYS A 26 -50.55 8.87 -5.59
C LYS A 26 -50.63 10.27 -4.99
N LYS A 27 -49.96 10.46 -3.86
CA LYS A 27 -49.95 11.75 -3.18
C LYS A 27 -49.40 12.81 -4.14
N PHE A 28 -48.47 12.41 -4.99
CA PHE A 28 -47.86 13.32 -5.96
C PHE A 28 -48.87 13.70 -7.03
N GLU A 29 -49.58 12.72 -7.56
CA GLU A 29 -50.59 12.95 -8.60
C GLU A 29 -51.71 13.85 -8.08
N LYS A 30 -52.16 13.59 -6.86
CA LYS A 30 -53.22 14.37 -6.24
C LYS A 30 -52.83 15.84 -6.14
N ASP A 31 -51.52 16.12 -6.19
CA ASP A 31 -51.03 17.49 -6.10
C ASP A 31 -50.59 18.10 -7.42
N THR A 32 -50.18 17.26 -8.37
CA THR A 32 -49.70 17.76 -9.65
C THR A 32 -50.50 17.25 -10.83
N GLY A 33 -51.20 16.13 -10.64
CA GLY A 33 -51.97 15.54 -11.72
C GLY A 33 -51.08 14.62 -12.53
N ILE A 34 -49.78 14.66 -12.23
CA ILE A 34 -48.81 13.82 -12.91
C ILE A 34 -48.92 12.40 -12.40
N LYS A 35 -49.25 11.48 -13.29
CA LYS A 35 -49.39 10.09 -12.88
C LYS A 35 -48.03 9.46 -12.72
N VAL A 36 -47.83 8.83 -11.56
CA VAL A 36 -46.58 8.17 -11.25
C VAL A 36 -46.83 6.67 -11.25
N THR A 37 -46.08 5.96 -12.09
CA THR A 37 -46.23 4.51 -12.18
C THR A 37 -44.98 3.82 -11.67
N VAL A 38 -45.18 2.85 -10.78
CA VAL A 38 -44.06 2.11 -10.23
C VAL A 38 -44.08 0.65 -10.68
N GLU A 39 -42.92 0.16 -11.12
CA GLU A 39 -42.81 -1.21 -11.58
C GLU A 39 -41.60 -1.87 -10.97
N HIS A 40 -41.63 -3.19 -10.89
CA HIS A 40 -40.53 -3.93 -10.31
C HIS A 40 -40.18 -5.14 -11.16
N PRO A 41 -39.45 -4.89 -12.27
CA PRO A 41 -39.01 -5.91 -13.22
C PRO A 41 -37.92 -6.83 -12.67
N ASP A 42 -37.87 -8.07 -13.16
CA ASP A 42 -36.85 -9.02 -12.71
C ASP A 42 -35.49 -8.58 -13.23
N LYS A 43 -34.46 -8.73 -12.40
CA LYS A 43 -33.11 -8.35 -12.79
C LYS A 43 -33.11 -6.93 -13.34
N LEU A 44 -33.77 -6.01 -12.64
CA LEU A 44 -33.81 -4.65 -13.14
C LEU A 44 -32.43 -4.01 -13.21
N GLU A 45 -31.58 -4.29 -12.23
CA GLU A 45 -30.24 -3.70 -12.24
C GLU A 45 -29.56 -4.10 -13.54
N GLU A 46 -30.03 -5.21 -14.11
CA GLU A 46 -29.48 -5.75 -15.34
C GLU A 46 -30.18 -5.15 -16.59
N LYS A 47 -31.51 -5.04 -16.54
CA LYS A 47 -32.27 -4.49 -17.65
C LYS A 47 -32.11 -2.99 -17.86
N PHE A 48 -32.09 -2.24 -16.77
CA PHE A 48 -31.96 -0.80 -16.91
C PHE A 48 -30.89 -0.42 -17.92
N PRO A 49 -29.66 -0.87 -17.71
CA PRO A 49 -28.55 -0.54 -18.61
C PRO A 49 -28.86 -0.83 -20.07
N GLN A 50 -29.47 -1.99 -20.31
CA GLN A 50 -29.81 -2.39 -21.67
C GLN A 50 -30.78 -1.44 -22.34
N VAL A 51 -31.96 -1.27 -21.73
CA VAL A 51 -33.00 -0.39 -22.27
C VAL A 51 -32.60 1.08 -22.29
N ALA A 52 -32.01 1.55 -21.21
CA ALA A 52 -31.59 2.93 -21.10
C ALA A 52 -30.58 3.27 -22.19
N ALA A 53 -29.85 2.26 -22.65
CA ALA A 53 -28.88 2.47 -23.71
C ALA A 53 -29.62 2.83 -24.99
N THR A 54 -30.79 2.23 -25.17
CA THR A 54 -31.63 2.46 -26.34
C THR A 54 -32.33 3.81 -26.20
N GLY A 55 -32.26 4.38 -25.01
CA GLY A 55 -32.91 5.65 -24.76
C GLY A 55 -34.27 5.36 -24.16
N ASP A 56 -34.45 4.12 -23.70
CA ASP A 56 -35.70 3.69 -23.09
C ASP A 56 -35.50 3.48 -21.60
N GLY A 57 -36.49 2.89 -20.94
CA GLY A 57 -36.39 2.63 -19.52
C GLY A 57 -37.27 3.57 -18.71
N PRO A 58 -37.23 3.47 -17.37
CA PRO A 58 -38.05 4.33 -16.51
C PRO A 58 -37.41 5.70 -16.36
N ASP A 59 -38.15 6.61 -15.73
CA ASP A 59 -37.64 7.96 -15.50
C ASP A 59 -36.70 7.87 -14.31
N ILE A 60 -37.18 7.21 -13.26
CA ILE A 60 -36.41 7.02 -12.02
C ILE A 60 -36.03 5.55 -11.88
N ILE A 61 -34.80 5.32 -11.43
CA ILE A 61 -34.28 3.97 -11.22
C ILE A 61 -33.77 3.84 -9.78
N PHE A 62 -34.31 2.87 -9.04
CA PHE A 62 -33.91 2.63 -7.64
C PHE A 62 -33.03 1.40 -7.48
N TRP A 63 -31.89 1.56 -6.83
CA TRP A 63 -30.97 0.45 -6.59
C TRP A 63 -29.90 0.87 -5.61
N ALA A 64 -29.08 -0.09 -5.19
CA ALA A 64 -27.98 0.20 -4.29
C ALA A 64 -27.00 1.05 -5.08
N HIS A 65 -26.39 2.02 -4.43
CA HIS A 65 -25.46 2.91 -5.07
C HIS A 65 -24.34 2.25 -5.92
N ASP A 66 -23.93 1.03 -5.55
CA ASP A 66 -22.84 0.38 -6.26
C ASP A 66 -22.99 0.23 -7.78
N ARG A 67 -24.22 0.27 -8.30
CA ARG A 67 -24.45 0.09 -9.73
C ARG A 67 -24.39 1.38 -10.55
N PHE A 68 -24.76 2.49 -9.90
CA PHE A 68 -24.82 3.78 -10.55
C PHE A 68 -23.53 4.31 -11.16
N GLY A 69 -22.38 3.91 -10.60
CA GLY A 69 -21.12 4.37 -11.15
C GLY A 69 -21.00 3.93 -12.59
N GLY A 70 -21.27 2.65 -12.82
CA GLY A 70 -21.21 2.11 -14.16
C GLY A 70 -22.28 2.74 -15.04
N TYR A 71 -23.45 3.04 -14.46
CA TYR A 71 -24.54 3.65 -15.21
C TYR A 71 -24.10 5.04 -15.60
N ALA A 72 -23.58 5.77 -14.63
CA ALA A 72 -23.11 7.12 -14.89
C ALA A 72 -22.06 7.05 -15.98
N GLN A 73 -21.15 6.09 -15.86
CA GLN A 73 -20.09 5.92 -16.86
C GLN A 73 -20.68 5.68 -18.23
N SER A 74 -21.70 4.84 -18.31
CA SER A 74 -22.35 4.57 -19.60
C SER A 74 -23.23 5.75 -19.98
N GLY A 75 -23.12 6.83 -19.21
CA GLY A 75 -23.89 8.03 -19.47
C GLY A 75 -25.37 7.76 -19.52
N LEU A 76 -25.85 6.91 -18.62
CA LEU A 76 -27.26 6.56 -18.58
C LEU A 76 -28.00 7.31 -17.49
N LEU A 77 -27.25 8.01 -16.66
CA LEU A 77 -27.86 8.78 -15.57
C LEU A 77 -27.68 10.27 -15.76
N ALA A 78 -28.62 11.03 -15.22
CA ALA A 78 -28.57 12.47 -15.29
C ALA A 78 -27.93 12.99 -14.03
N GLU A 79 -27.29 14.15 -14.11
CA GLU A 79 -26.68 14.74 -12.95
C GLU A 79 -27.80 15.43 -12.18
N ILE A 80 -28.03 15.00 -10.94
CA ILE A 80 -29.09 15.58 -10.13
C ILE A 80 -28.61 16.95 -9.66
N THR A 81 -29.54 17.85 -9.38
CA THR A 81 -29.16 19.20 -8.96
C THR A 81 -29.82 19.69 -7.68
N PRO A 82 -29.48 19.07 -6.55
CA PRO A 82 -30.07 19.52 -5.28
C PRO A 82 -29.21 20.67 -4.77
N ASP A 83 -29.82 21.70 -4.18
CA ASP A 83 -29.02 22.81 -3.66
C ASP A 83 -28.59 22.50 -2.24
N LYS A 84 -27.71 23.33 -1.70
CA LYS A 84 -27.19 23.14 -0.36
C LYS A 84 -28.31 22.95 0.66
N ALA A 85 -29.35 23.76 0.54
CA ALA A 85 -30.48 23.65 1.46
C ALA A 85 -30.94 22.22 1.59
N PHE A 86 -31.08 21.55 0.44
CA PHE A 86 -31.52 20.16 0.42
C PHE A 86 -30.42 19.19 0.81
N GLN A 87 -29.23 19.37 0.23
CA GLN A 87 -28.11 18.49 0.52
C GLN A 87 -27.83 18.42 2.00
N ASP A 88 -28.22 19.45 2.75
CA ASP A 88 -27.99 19.44 4.18
C ASP A 88 -29.04 18.64 4.94
N LYS A 89 -30.12 18.29 4.27
CA LYS A 89 -31.19 17.52 4.88
C LYS A 89 -30.86 16.04 5.01
N LEU A 90 -29.83 15.59 4.28
CA LEU A 90 -29.39 14.20 4.34
C LEU A 90 -27.95 14.12 4.85
N TYR A 91 -27.55 12.93 5.27
CA TYR A 91 -26.20 12.72 5.78
C TYR A 91 -25.17 12.75 4.69
N PRO A 92 -24.15 13.59 4.85
CA PRO A 92 -23.10 13.69 3.83
C PRO A 92 -22.51 12.37 3.36
N PHE A 93 -22.29 11.42 4.25
CA PHE A 93 -21.69 10.16 3.82
C PHE A 93 -22.57 9.43 2.83
N THR A 94 -23.85 9.78 2.82
CA THR A 94 -24.78 9.16 1.90
C THR A 94 -24.52 9.78 0.52
N TRP A 95 -24.37 11.10 0.49
CA TRP A 95 -24.11 11.80 -0.75
C TRP A 95 -22.82 11.28 -1.37
N ASP A 96 -21.85 10.95 -0.53
CA ASP A 96 -20.58 10.45 -1.02
C ASP A 96 -20.82 9.19 -1.85
N ALA A 97 -21.63 8.32 -1.29
CA ALA A 97 -21.96 7.07 -1.94
C ALA A 97 -22.47 7.31 -3.37
N VAL A 98 -23.26 8.36 -3.54
CA VAL A 98 -23.83 8.70 -4.84
C VAL A 98 -23.04 9.74 -5.62
N ARG A 99 -21.78 9.94 -5.24
CA ARG A 99 -20.95 10.89 -5.93
C ARG A 99 -20.02 10.12 -6.87
N TYR A 100 -20.06 10.44 -8.16
CA TYR A 100 -19.21 9.76 -9.13
C TYR A 100 -18.50 10.77 -10.02
N ASN A 101 -17.18 10.75 -9.97
CA ASN A 101 -16.41 11.67 -10.77
C ASN A 101 -16.78 13.09 -10.37
N GLY A 102 -16.91 13.31 -9.06
CA GLY A 102 -17.23 14.64 -8.53
C GLY A 102 -18.67 15.06 -8.68
N LYS A 103 -19.43 14.35 -9.47
CA LYS A 103 -20.83 14.71 -9.69
C LYS A 103 -21.79 13.81 -8.92
N LEU A 104 -22.91 14.38 -8.51
CA LEU A 104 -23.92 13.61 -7.80
C LEU A 104 -24.82 13.01 -8.85
N ILE A 105 -24.90 11.67 -8.85
CA ILE A 105 -25.67 10.96 -9.85
C ILE A 105 -26.99 10.33 -9.40
N ALA A 106 -27.36 10.55 -8.14
CA ALA A 106 -28.61 9.99 -7.65
C ALA A 106 -28.90 10.48 -6.24
N TYR A 107 -30.16 10.35 -5.84
CA TYR A 107 -30.56 10.77 -4.51
C TYR A 107 -30.49 9.59 -3.55
N PRO A 108 -29.71 9.73 -2.47
CA PRO A 108 -29.55 8.69 -1.45
C PRO A 108 -30.86 8.51 -0.71
N ILE A 109 -31.27 7.25 -0.49
CA ILE A 109 -32.52 7.02 0.22
C ILE A 109 -32.33 6.40 1.62
N ALA A 110 -31.49 5.38 1.72
CA ALA A 110 -31.24 4.74 3.01
C ALA A 110 -30.05 3.79 3.01
N VAL A 111 -29.46 3.60 4.18
CA VAL A 111 -28.33 2.68 4.29
C VAL A 111 -28.83 1.30 4.65
N GLU A 112 -28.35 0.30 3.93
CA GLU A 112 -28.76 -1.09 4.14
C GLU A 112 -27.57 -1.94 4.54
N ALA A 113 -27.83 -2.94 5.36
CA ALA A 113 -26.80 -3.87 5.81
C ALA A 113 -27.43 -5.13 6.36
N LEU A 114 -26.96 -6.28 5.87
CA LEU A 114 -27.44 -7.58 6.30
C LEU A 114 -27.13 -7.80 7.77
N SER A 115 -28.07 -8.39 8.50
CA SER A 115 -27.89 -8.67 9.91
C SER A 115 -28.34 -10.11 10.15
N LEU A 116 -28.02 -10.63 11.33
CA LEU A 116 -28.43 -11.99 11.68
C LEU A 116 -29.84 -11.95 12.31
N ILE A 117 -30.81 -12.59 11.66
CA ILE A 117 -32.17 -12.64 12.16
C ILE A 117 -32.38 -14.03 12.74
N TYR A 118 -32.98 -14.10 13.91
CA TYR A 118 -33.20 -15.39 14.55
C TYR A 118 -34.56 -15.56 15.21
N ASN A 119 -34.94 -16.82 15.38
CA ASN A 119 -36.20 -17.20 16.01
C ASN A 119 -35.91 -17.36 17.51
N LYS A 120 -36.40 -16.40 18.29
CA LYS A 120 -36.18 -16.39 19.72
C LYS A 120 -36.73 -17.64 20.39
N ASP A 121 -37.91 -18.08 19.96
CA ASP A 121 -38.53 -19.26 20.53
C ASP A 121 -37.70 -20.53 20.34
N LEU A 122 -36.72 -20.49 19.45
CA LEU A 122 -35.88 -21.66 19.20
C LEU A 122 -34.47 -21.40 19.63
N LEU A 123 -34.00 -20.19 19.34
CA LEU A 123 -32.63 -19.82 19.65
C LEU A 123 -32.65 -18.52 20.46
N PRO A 124 -33.12 -18.61 21.71
CA PRO A 124 -33.20 -17.44 22.59
C PRO A 124 -31.86 -16.72 22.71
N ASN A 125 -30.79 -17.49 22.62
CA ASN A 125 -29.42 -16.98 22.69
C ASN A 125 -28.73 -17.40 21.43
N PRO A 126 -28.68 -16.52 20.43
CA PRO A 126 -28.06 -16.80 19.14
C PRO A 126 -26.55 -16.88 19.20
N PRO A 127 -25.96 -17.68 18.30
CA PRO A 127 -24.51 -17.91 18.17
C PRO A 127 -23.80 -16.61 18.07
N LYS A 128 -22.53 -16.58 18.46
CA LYS A 128 -21.76 -15.36 18.36
C LYS A 128 -20.71 -15.58 17.28
N THR A 129 -20.61 -16.83 16.83
CA THR A 129 -19.63 -17.20 15.82
C THR A 129 -20.11 -18.29 14.84
N TRP A 130 -19.62 -18.20 13.62
CA TRP A 130 -19.95 -19.18 12.60
C TRP A 130 -19.50 -20.56 13.03
N GLU A 131 -18.34 -20.62 13.67
CA GLU A 131 -17.78 -21.89 14.10
C GLU A 131 -18.68 -22.75 14.97
N GLU A 132 -19.55 -22.13 15.75
CA GLU A 132 -20.43 -22.90 16.60
C GLU A 132 -21.75 -23.31 15.93
N ILE A 133 -21.94 -22.84 14.70
CA ILE A 133 -23.15 -23.12 13.95
C ILE A 133 -23.38 -24.61 13.71
N PRO A 134 -22.36 -25.33 13.24
CA PRO A 134 -22.52 -26.76 12.99
C PRO A 134 -23.17 -27.52 14.13
N ALA A 135 -22.59 -27.38 15.32
CA ALA A 135 -23.09 -28.04 16.49
C ALA A 135 -24.53 -27.64 16.73
N LEU A 136 -24.78 -26.34 16.61
CA LEU A 136 -26.12 -25.82 16.80
C LEU A 136 -27.12 -26.49 15.87
N ASP A 137 -26.70 -26.78 14.64
CA ASP A 137 -27.57 -27.41 13.65
C ASP A 137 -27.97 -28.79 14.18
N LYS A 138 -26.99 -29.53 14.68
CA LYS A 138 -27.23 -30.85 15.24
C LYS A 138 -28.38 -30.78 16.23
N GLU A 139 -28.25 -29.87 17.19
CA GLU A 139 -29.28 -29.69 18.19
C GLU A 139 -30.64 -29.53 17.57
N LEU A 140 -30.78 -28.49 16.77
CA LEU A 140 -32.05 -28.21 16.12
C LEU A 140 -32.56 -29.34 15.23
N LYS A 141 -31.64 -29.96 14.49
CA LYS A 141 -32.01 -31.04 13.59
C LYS A 141 -32.76 -32.12 14.37
N ALA A 142 -32.39 -32.29 15.62
CA ALA A 142 -33.04 -33.29 16.46
C ALA A 142 -34.49 -32.92 16.71
N LYS A 143 -34.79 -31.64 16.66
CA LYS A 143 -36.16 -31.18 16.87
C LYS A 143 -36.89 -30.95 15.55
N GLY A 144 -36.32 -31.44 14.45
CA GLY A 144 -36.94 -31.27 13.15
C GLY A 144 -36.80 -29.85 12.63
N LYS A 145 -35.64 -29.24 12.89
CA LYS A 145 -35.39 -27.89 12.42
C LYS A 145 -33.93 -27.80 11.98
N SER A 146 -33.51 -26.61 11.54
CA SER A 146 -32.14 -26.41 11.09
C SER A 146 -31.69 -25.13 11.75
N ALA A 147 -30.39 -24.95 11.88
CA ALA A 147 -29.87 -23.75 12.51
C ALA A 147 -29.92 -22.50 11.64
N LEU A 148 -29.45 -22.62 10.41
CA LEU A 148 -29.38 -21.45 9.55
C LEU A 148 -29.80 -21.68 8.11
N MET A 149 -30.34 -20.62 7.52
CA MET A 149 -30.77 -20.65 6.12
C MET A 149 -30.82 -19.26 5.52
N PHE A 150 -30.04 -19.06 4.46
CA PHE A 150 -30.03 -17.78 3.77
C PHE A 150 -29.70 -17.95 2.28
N ASN A 151 -30.04 -16.93 1.50
CA ASN A 151 -29.83 -16.93 0.07
C ASN A 151 -28.39 -17.20 -0.30
N LEU A 152 -28.15 -18.33 -0.95
CA LEU A 152 -26.78 -18.70 -1.36
C LEU A 152 -26.58 -18.44 -2.85
N GLN A 153 -27.62 -17.99 -3.51
CA GLN A 153 -27.53 -17.71 -4.93
C GLN A 153 -26.94 -16.35 -5.17
N GLU A 154 -27.10 -15.44 -4.21
CA GLU A 154 -26.55 -14.12 -4.35
C GLU A 154 -25.34 -13.97 -3.45
N PRO A 155 -24.21 -13.55 -4.03
CA PRO A 155 -22.93 -13.36 -3.33
C PRO A 155 -23.01 -12.31 -2.23
N TYR A 156 -23.97 -11.41 -2.37
CA TYR A 156 -24.21 -10.34 -1.40
C TYR A 156 -24.32 -10.93 0.00
N PHE A 157 -25.04 -12.04 0.09
CA PHE A 157 -25.28 -12.68 1.37
C PHE A 157 -24.11 -13.50 1.87
N THR A 158 -23.23 -13.87 0.96
CA THR A 158 -22.10 -14.70 1.31
C THR A 158 -20.82 -13.94 1.57
N TRP A 159 -20.74 -12.75 0.98
CA TRP A 159 -19.58 -11.91 1.10
C TRP A 159 -19.14 -11.58 2.54
N PRO A 160 -20.11 -11.29 3.42
CA PRO A 160 -19.78 -10.96 4.81
C PRO A 160 -18.80 -11.93 5.44
N LEU A 161 -19.04 -13.22 5.20
CA LEU A 161 -18.21 -14.29 5.73
C LEU A 161 -16.91 -14.39 4.96
N ILE A 162 -17.01 -14.36 3.65
CA ILE A 162 -15.83 -14.42 2.81
C ILE A 162 -14.87 -13.28 3.17
N ALA A 163 -15.41 -12.10 3.41
CA ALA A 163 -14.59 -10.94 3.74
C ALA A 163 -14.09 -10.87 5.19
N ALA A 164 -14.86 -11.40 6.12
CA ALA A 164 -14.49 -11.37 7.54
C ALA A 164 -13.00 -11.51 7.82
N ASP A 165 -12.41 -12.60 7.32
CA ASP A 165 -11.00 -12.87 7.55
C ASP A 165 -10.03 -12.38 6.47
N GLY A 166 -10.33 -11.26 5.85
CA GLY A 166 -9.38 -10.76 4.86
C GLY A 166 -9.78 -10.59 3.41
N GLY A 167 -10.80 -11.29 2.94
CA GLY A 167 -11.18 -11.14 1.55
C GLY A 167 -11.72 -9.75 1.26
N TYR A 168 -11.54 -9.25 0.04
CA TYR A 168 -12.07 -7.93 -0.32
C TYR A 168 -12.23 -7.77 -1.82
N ALA A 169 -12.96 -6.74 -2.22
CA ALA A 169 -13.19 -6.47 -3.64
C ALA A 169 -11.99 -5.80 -4.28
N PHE A 170 -11.88 -4.49 -4.08
CA PHE A 170 -10.78 -3.70 -4.61
C PHE A 170 -10.18 -2.91 -3.48
N LYS A 171 -8.85 -2.93 -3.37
CA LYS A 171 -8.18 -2.20 -2.30
C LYS A 171 -8.32 -0.69 -2.46
N TYR A 172 -8.65 -0.01 -1.37
CA TYR A 172 -8.80 1.44 -1.40
C TYR A 172 -7.45 2.06 -1.05
N GLU A 173 -6.76 2.60 -2.06
CA GLU A 173 -5.43 3.17 -1.85
C GLU A 173 -5.39 4.68 -1.97
N ASN A 174 -4.93 5.33 -0.90
CA ASN A 174 -4.77 6.78 -0.83
C ASN A 174 -5.73 7.56 -1.72
N GLY A 175 -7.02 7.44 -1.46
CA GLY A 175 -7.99 8.18 -2.25
C GLY A 175 -8.96 7.40 -3.13
N LYS A 176 -8.48 6.41 -3.85
CA LYS A 176 -9.38 5.66 -4.71
C LYS A 176 -9.17 4.15 -4.69
N TYR A 177 -9.84 3.46 -5.62
CA TYR A 177 -9.77 2.02 -5.74
C TYR A 177 -8.86 1.56 -6.85
N ASP A 178 -7.90 0.71 -6.50
CA ASP A 178 -6.98 0.15 -7.48
C ASP A 178 -7.64 -1.10 -8.09
N ILE A 179 -8.13 -0.96 -9.31
CA ILE A 179 -8.80 -2.07 -9.96
C ILE A 179 -7.86 -3.21 -10.34
N LYS A 180 -6.57 -3.07 -10.02
CA LYS A 180 -5.61 -4.13 -10.34
C LYS A 180 -5.48 -4.99 -9.10
N ASP A 181 -5.81 -4.39 -7.96
CA ASP A 181 -5.71 -5.09 -6.69
C ASP A 181 -7.07 -5.64 -6.28
N VAL A 182 -7.28 -6.93 -6.51
CA VAL A 182 -8.53 -7.58 -6.15
C VAL A 182 -8.25 -8.69 -5.13
N GLY A 183 -8.99 -8.67 -4.02
CA GLY A 183 -8.76 -9.67 -2.99
C GLY A 183 -9.85 -10.71 -2.77
N VAL A 184 -10.20 -11.44 -3.82
CA VAL A 184 -11.22 -12.48 -3.69
C VAL A 184 -10.54 -13.83 -3.81
N ASP A 185 -9.28 -13.79 -4.21
CA ASP A 185 -8.47 -14.97 -4.40
C ASP A 185 -7.48 -15.16 -3.25
N ASN A 186 -7.47 -14.22 -2.30
CA ASN A 186 -6.53 -14.31 -1.19
C ASN A 186 -6.85 -15.38 -0.16
N ALA A 187 -5.94 -15.53 0.79
CA ALA A 187 -6.06 -16.51 1.84
C ALA A 187 -7.33 -16.32 2.67
N GLY A 188 -7.53 -15.10 3.16
CA GLY A 188 -8.70 -14.82 3.98
C GLY A 188 -10.02 -15.21 3.35
N ALA A 189 -10.15 -14.91 2.06
CA ALA A 189 -11.35 -15.21 1.31
C ALA A 189 -11.58 -16.72 1.19
N LYS A 190 -10.52 -17.47 0.88
CA LYS A 190 -10.62 -18.92 0.75
C LYS A 190 -11.14 -19.56 2.05
N ALA A 191 -10.56 -19.16 3.17
CA ALA A 191 -10.97 -19.67 4.48
C ALA A 191 -12.45 -19.55 4.58
N GLY A 192 -12.93 -18.30 4.44
CA GLY A 192 -14.34 -18.01 4.53
C GLY A 192 -15.19 -18.89 3.62
N LEU A 193 -14.91 -18.82 2.33
CA LEU A 193 -15.66 -19.61 1.37
C LEU A 193 -15.60 -21.08 1.72
N THR A 194 -14.46 -21.52 2.22
CA THR A 194 -14.31 -22.90 2.61
C THR A 194 -15.27 -23.27 3.72
N PHE A 195 -15.29 -22.48 4.79
CA PHE A 195 -16.17 -22.75 5.91
C PHE A 195 -17.59 -22.95 5.39
N LEU A 196 -18.01 -22.05 4.52
CA LEU A 196 -19.34 -22.13 3.92
C LEU A 196 -19.50 -23.48 3.23
N VAL A 197 -18.65 -23.74 2.25
CA VAL A 197 -18.68 -24.99 1.51
C VAL A 197 -18.78 -26.20 2.44
N ASP A 198 -18.12 -26.12 3.59
CA ASP A 198 -18.15 -27.23 4.53
C ASP A 198 -19.54 -27.41 5.14
N LEU A 199 -20.22 -26.30 5.45
CA LEU A 199 -21.56 -26.39 6.04
C LEU A 199 -22.45 -27.14 5.08
N ILE A 200 -22.28 -26.81 3.79
CA ILE A 200 -23.04 -27.47 2.73
C ILE A 200 -22.58 -28.94 2.75
N LYS A 201 -21.27 -29.13 2.68
CA LYS A 201 -20.69 -30.45 2.70
C LYS A 201 -21.27 -31.34 3.81
N ASN A 202 -21.29 -30.81 5.03
CA ASN A 202 -21.80 -31.55 6.18
C ASN A 202 -23.29 -31.41 6.37
N LYS A 203 -24.00 -31.29 5.26
CA LYS A 203 -25.46 -31.18 5.29
C LYS A 203 -26.02 -30.27 6.39
N HIS A 204 -25.39 -29.11 6.56
CA HIS A 204 -25.85 -28.15 7.55
C HIS A 204 -26.53 -27.04 6.78
N MET A 205 -26.47 -27.13 5.45
CA MET A 205 -27.05 -26.12 4.61
C MET A 205 -27.15 -26.65 3.16
N ASN A 206 -28.15 -26.19 2.42
CA ASN A 206 -28.34 -26.62 1.04
C ASN A 206 -27.74 -25.67 0.04
N ALA A 207 -26.91 -26.19 -0.85
CA ALA A 207 -26.26 -25.36 -1.85
C ALA A 207 -27.26 -24.63 -2.76
N ASP A 208 -28.41 -25.26 -2.96
CA ASP A 208 -29.41 -24.66 -3.83
C ASP A 208 -30.40 -23.76 -3.11
N THR A 209 -30.12 -23.43 -1.84
CA THR A 209 -31.03 -22.57 -1.12
C THR A 209 -30.94 -21.13 -1.64
N ASP A 210 -32.09 -20.55 -1.95
CA ASP A 210 -32.16 -19.18 -2.46
C ASP A 210 -32.95 -18.26 -1.52
N TYR A 211 -33.06 -16.99 -1.89
CA TYR A 211 -33.76 -16.01 -1.06
C TYR A 211 -35.16 -16.47 -0.65
N SER A 212 -35.90 -16.97 -1.64
CA SER A 212 -37.25 -17.46 -1.42
C SER A 212 -37.28 -18.67 -0.48
N ILE A 213 -36.57 -19.74 -0.83
CA ILE A 213 -36.54 -20.93 0.01
C ILE A 213 -36.34 -20.54 1.48
N ALA A 214 -35.29 -19.76 1.70
CA ALA A 214 -34.90 -19.32 3.03
C ALA A 214 -35.90 -18.39 3.72
N GLU A 215 -36.43 -17.43 2.99
CA GLU A 215 -37.37 -16.53 3.62
C GLU A 215 -38.55 -17.33 4.13
N ALA A 216 -38.98 -18.26 3.31
CA ALA A 216 -40.13 -19.07 3.62
C ALA A 216 -39.90 -20.03 4.76
N ALA A 217 -38.69 -20.56 4.87
CA ALA A 217 -38.41 -21.49 5.95
C ALA A 217 -38.39 -20.78 7.29
N PHE A 218 -37.71 -19.65 7.35
CA PHE A 218 -37.61 -18.93 8.59
C PHE A 218 -38.99 -18.46 9.03
N ASN A 219 -39.74 -17.93 8.08
CA ASN A 219 -41.06 -17.43 8.41
C ASN A 219 -42.06 -18.52 8.77
N LYS A 220 -41.70 -19.77 8.51
CA LYS A 220 -42.55 -20.89 8.86
C LYS A 220 -42.00 -21.46 10.17
N GLY A 221 -40.89 -20.89 10.63
CA GLY A 221 -40.29 -21.35 11.86
C GLY A 221 -39.66 -22.74 11.75
N GLU A 222 -39.02 -23.02 10.62
CA GLU A 222 -38.40 -24.33 10.38
C GLU A 222 -36.90 -24.22 10.56
N THR A 223 -36.37 -23.00 10.53
CA THR A 223 -34.95 -22.79 10.72
C THR A 223 -34.82 -21.71 11.79
N ALA A 224 -33.80 -21.85 12.64
CA ALA A 224 -33.55 -20.92 13.74
C ALA A 224 -33.04 -19.55 13.34
N MET A 225 -32.24 -19.49 12.28
CA MET A 225 -31.68 -18.23 11.85
C MET A 225 -31.68 -18.01 10.36
N THR A 226 -31.50 -16.76 9.98
CA THR A 226 -31.42 -16.37 8.57
C THR A 226 -30.61 -15.09 8.52
N ILE A 227 -30.15 -14.71 7.34
CA ILE A 227 -29.37 -13.49 7.17
C ILE A 227 -30.09 -12.66 6.13
N ASN A 228 -30.54 -11.47 6.50
CA ASN A 228 -31.25 -10.63 5.57
C ASN A 228 -31.16 -9.16 5.94
N GLY A 229 -31.85 -8.34 5.14
CA GLY A 229 -31.85 -6.90 5.35
C GLY A 229 -33.18 -6.42 5.87
N PRO A 230 -33.28 -5.13 6.23
CA PRO A 230 -34.46 -4.44 6.77
C PRO A 230 -35.76 -4.77 6.05
N TRP A 231 -35.70 -4.69 4.73
CA TRP A 231 -36.85 -4.96 3.88
C TRP A 231 -37.53 -6.28 4.25
N ALA A 232 -36.74 -7.21 4.79
CA ALA A 232 -37.27 -8.51 5.17
C ALA A 232 -38.16 -8.59 6.43
N TRP A 233 -38.03 -7.63 7.34
CA TRP A 233 -38.80 -7.69 8.59
C TRP A 233 -40.32 -7.73 8.45
N SER A 234 -40.86 -7.00 7.47
CA SER A 234 -42.30 -6.95 7.24
C SER A 234 -42.96 -8.31 7.17
N ASN A 235 -42.43 -9.15 6.28
CA ASN A 235 -42.97 -10.48 6.12
C ASN A 235 -42.87 -11.28 7.41
N ILE A 236 -41.80 -11.04 8.15
CA ILE A 236 -41.62 -11.75 9.39
C ILE A 236 -42.68 -11.27 10.38
N ASP A 237 -42.99 -9.98 10.34
CA ASP A 237 -44.01 -9.47 11.23
C ASP A 237 -45.25 -10.24 10.93
N THR A 238 -45.61 -10.23 9.66
CA THR A 238 -46.79 -10.91 9.17
C THR A 238 -46.87 -12.35 9.62
N SER A 239 -45.74 -13.04 9.60
CA SER A 239 -45.69 -14.45 9.99
C SER A 239 -45.81 -14.66 11.49
N LYS A 240 -45.99 -13.59 12.25
CA LYS A 240 -46.14 -13.72 13.69
C LYS A 240 -44.99 -14.44 14.39
N VAL A 241 -43.88 -14.61 13.68
CA VAL A 241 -42.72 -15.28 14.26
C VAL A 241 -42.02 -14.33 15.23
N ASN A 242 -41.62 -14.84 16.39
CA ASN A 242 -40.94 -14.00 17.38
C ASN A 242 -39.47 -13.94 17.04
N TYR A 243 -39.09 -12.93 16.27
CA TYR A 243 -37.71 -12.80 15.84
C TYR A 243 -36.91 -11.70 16.51
N GLY A 244 -35.59 -11.83 16.33
CA GLY A 244 -34.64 -10.87 16.86
C GLY A 244 -33.66 -10.59 15.73
N VAL A 245 -33.06 -9.42 15.76
CA VAL A 245 -32.10 -9.01 14.76
C VAL A 245 -30.84 -8.58 15.49
N THR A 246 -29.71 -9.20 15.15
CA THR A 246 -28.46 -8.87 15.83
C THR A 246 -27.23 -8.95 14.93
N VAL A 247 -26.05 -8.81 15.54
CA VAL A 247 -24.78 -8.87 14.81
C VAL A 247 -24.53 -10.21 14.18
N LEU A 248 -23.94 -10.20 12.99
CA LEU A 248 -23.62 -11.43 12.31
C LEU A 248 -22.54 -12.13 13.11
N PRO A 249 -22.55 -13.46 13.14
CA PRO A 249 -21.53 -14.19 13.90
C PRO A 249 -20.13 -13.85 13.40
N THR A 250 -19.12 -14.28 14.14
CA THR A 250 -17.75 -14.00 13.76
C THR A 250 -17.11 -15.24 13.16
N PHE A 251 -16.00 -15.04 12.44
CA PHE A 251 -15.30 -16.13 11.82
C PHE A 251 -13.84 -15.95 12.15
N LYS A 252 -13.21 -16.97 12.70
CA LYS A 252 -11.82 -16.86 13.07
C LYS A 252 -11.69 -15.60 13.93
N GLY A 253 -12.71 -15.36 14.75
CA GLY A 253 -12.70 -14.21 15.63
C GLY A 253 -12.97 -12.86 15.00
N GLN A 254 -13.06 -12.85 13.68
CA GLN A 254 -13.29 -11.62 12.93
C GLN A 254 -14.80 -11.37 12.75
N PRO A 255 -15.18 -10.08 12.62
CA PRO A 255 -16.58 -9.74 12.43
C PRO A 255 -16.88 -10.02 10.97
N SER A 256 -18.13 -10.29 10.62
CA SER A 256 -18.47 -10.52 9.23
C SER A 256 -18.56 -9.13 8.60
N LYS A 257 -17.84 -8.90 7.51
CA LYS A 257 -17.85 -7.59 6.86
C LYS A 257 -18.85 -7.48 5.72
N PRO A 258 -20.11 -7.19 6.03
CA PRO A 258 -21.09 -7.07 4.95
C PRO A 258 -20.85 -5.82 4.10
N PHE A 259 -21.00 -5.94 2.79
CA PHE A 259 -20.82 -4.78 1.94
C PHE A 259 -22.05 -3.94 2.21
N VAL A 260 -21.84 -2.68 2.53
CA VAL A 260 -22.97 -1.83 2.83
C VAL A 260 -23.49 -1.12 1.61
N GLY A 261 -24.80 -1.05 1.51
CA GLY A 261 -25.42 -0.38 0.38
C GLY A 261 -26.30 0.79 0.72
N VAL A 262 -26.36 1.72 -0.22
CA VAL A 262 -27.17 2.90 -0.05
C VAL A 262 -28.22 2.86 -1.13
N LEU A 263 -29.47 2.66 -0.72
CA LEU A 263 -30.55 2.62 -1.68
C LEU A 263 -30.58 4.02 -2.27
N SER A 264 -30.40 4.09 -3.59
CA SER A 264 -30.38 5.36 -4.30
C SER A 264 -31.34 5.38 -5.50
N ALA A 265 -31.73 6.59 -5.89
CA ALA A 265 -32.65 6.76 -7.02
C ALA A 265 -32.02 7.71 -8.03
N GLY A 266 -31.74 7.19 -9.22
CA GLY A 266 -31.14 8.01 -10.26
C GLY A 266 -32.12 8.40 -11.35
N ILE A 267 -31.84 9.53 -11.99
CA ILE A 267 -32.69 10.02 -13.06
C ILE A 267 -32.16 9.57 -14.41
N ASN A 268 -33.02 8.89 -15.17
CA ASN A 268 -32.66 8.39 -16.49
C ASN A 268 -32.12 9.55 -17.32
N ALA A 269 -30.92 9.38 -17.85
CA ALA A 269 -30.32 10.41 -18.67
C ALA A 269 -31.29 10.86 -19.77
N ALA A 270 -32.10 9.93 -20.24
CA ALA A 270 -33.04 10.23 -21.31
C ALA A 270 -34.41 10.71 -20.87
N SER A 271 -34.75 10.57 -19.59
CA SER A 271 -36.07 11.02 -19.16
C SER A 271 -36.30 12.46 -19.52
N PRO A 272 -37.49 12.76 -20.06
CA PRO A 272 -37.83 14.12 -20.45
C PRO A 272 -38.51 14.83 -19.28
N ASN A 273 -38.68 14.08 -18.20
CA ASN A 273 -39.35 14.59 -17.01
C ASN A 273 -38.42 14.76 -15.83
N LYS A 274 -37.17 15.06 -16.11
CA LYS A 274 -36.15 15.25 -15.08
C LYS A 274 -36.58 16.24 -14.01
N GLU A 275 -37.22 17.32 -14.42
CA GLU A 275 -37.67 18.31 -13.45
C GLU A 275 -38.69 17.70 -12.52
N LEU A 276 -39.68 17.04 -13.09
CA LEU A 276 -40.72 16.40 -12.29
C LEU A 276 -40.05 15.37 -11.38
N ALA A 277 -39.18 14.58 -11.97
CA ALA A 277 -38.46 13.56 -11.25
C ALA A 277 -37.94 14.13 -9.94
N LYS A 278 -37.10 15.15 -10.01
CA LYS A 278 -36.52 15.72 -8.80
C LYS A 278 -37.58 16.32 -7.90
N GLU A 279 -38.67 16.82 -8.46
CA GLU A 279 -39.71 17.41 -7.63
C GLU A 279 -40.32 16.29 -6.78
N PHE A 280 -40.57 15.15 -7.41
CA PHE A 280 -41.12 14.02 -6.69
C PHE A 280 -40.14 13.49 -5.64
N LEU A 281 -38.87 13.37 -6.03
CA LEU A 281 -37.85 12.87 -5.13
C LEU A 281 -37.52 13.80 -3.96
N GLU A 282 -37.27 15.06 -4.27
CA GLU A 282 -36.94 16.03 -3.23
C GLU A 282 -38.10 16.47 -2.35
N ASN A 283 -39.26 16.73 -2.95
CA ASN A 283 -40.39 17.20 -2.16
C ASN A 283 -41.44 16.18 -1.76
N TYR A 284 -41.26 14.93 -2.16
CA TYR A 284 -42.24 13.93 -1.80
C TYR A 284 -41.67 12.70 -1.11
N LEU A 285 -40.79 11.99 -1.81
CA LEU A 285 -40.20 10.79 -1.25
C LEU A 285 -39.30 11.10 -0.07
N LEU A 286 -38.31 11.97 -0.31
CA LEU A 286 -37.36 12.32 0.74
C LEU A 286 -37.89 13.26 1.80
N THR A 287 -39.02 12.87 2.38
CA THR A 287 -39.65 13.64 3.44
C THR A 287 -40.01 12.62 4.51
N ASP A 288 -40.30 13.09 5.71
CA ASP A 288 -40.66 12.17 6.76
C ASP A 288 -41.92 11.41 6.35
N GLU A 289 -42.94 12.13 5.89
CA GLU A 289 -44.17 11.45 5.49
C GLU A 289 -43.90 10.54 4.29
N GLY A 290 -42.93 10.92 3.45
CA GLY A 290 -42.60 10.12 2.29
C GLY A 290 -41.94 8.80 2.62
N LEU A 291 -40.79 8.89 3.28
CA LEU A 291 -40.06 7.71 3.69
C LEU A 291 -40.94 6.84 4.58
N GLU A 292 -41.73 7.48 5.44
CA GLU A 292 -42.62 6.76 6.36
C GLU A 292 -43.54 5.80 5.60
N ALA A 293 -44.07 6.26 4.48
CA ALA A 293 -44.99 5.48 3.67
C ALA A 293 -44.30 4.26 3.07
N VAL A 294 -43.09 4.46 2.57
CA VAL A 294 -42.35 3.36 1.95
C VAL A 294 -41.90 2.42 3.05
N ASN A 295 -41.36 3.00 4.11
CA ASN A 295 -40.85 2.25 5.24
C ASN A 295 -41.94 1.38 5.85
N LYS A 296 -43.18 1.87 5.89
CA LYS A 296 -44.27 1.10 6.48
C LYS A 296 -44.62 -0.12 5.63
N ASP A 297 -44.30 -0.09 4.34
CA ASP A 297 -44.57 -1.24 3.48
C ASP A 297 -43.44 -2.23 3.74
N LYS A 298 -42.22 -1.76 3.56
CA LYS A 298 -41.02 -2.57 3.80
C LYS A 298 -39.90 -1.63 4.23
N PRO A 299 -39.35 -1.85 5.43
CA PRO A 299 -38.27 -1.06 6.04
C PRO A 299 -37.12 -0.71 5.10
N LEU A 300 -36.72 0.54 5.15
CA LEU A 300 -35.63 1.01 4.33
C LEU A 300 -34.36 0.83 5.12
N GLY A 301 -34.50 0.71 6.43
CA GLY A 301 -33.34 0.56 7.28
C GLY A 301 -33.04 1.93 7.86
N ALA A 302 -31.80 2.40 7.72
CA ALA A 302 -31.42 3.70 8.25
C ALA A 302 -31.48 4.70 7.11
N VAL A 303 -32.61 5.41 7.03
CA VAL A 303 -32.83 6.39 5.96
C VAL A 303 -31.75 7.47 5.90
N ALA A 304 -31.70 8.19 4.79
CA ALA A 304 -30.69 9.24 4.62
C ALA A 304 -31.15 10.60 5.10
N LEU A 305 -32.46 10.78 5.20
CA LEU A 305 -33.06 12.02 5.66
C LEU A 305 -32.86 12.14 7.16
N LYS A 306 -31.92 12.99 7.57
CA LYS A 306 -31.59 13.20 8.98
C LYS A 306 -32.82 13.22 9.89
N SER A 307 -33.83 13.99 9.50
CA SER A 307 -35.06 14.14 10.28
C SER A 307 -35.79 12.85 10.59
N TYR A 308 -36.05 12.04 9.57
CA TYR A 308 -36.78 10.80 9.80
C TYR A 308 -35.91 9.73 10.46
N GLU A 309 -34.66 9.63 10.02
CA GLU A 309 -33.76 8.65 10.58
C GLU A 309 -33.65 8.93 12.07
N GLU A 310 -33.64 10.20 12.41
CA GLU A 310 -33.52 10.63 13.80
C GLU A 310 -34.55 9.99 14.71
N GLU A 311 -35.78 9.83 14.25
CA GLU A 311 -36.81 9.24 15.11
C GLU A 311 -36.83 7.72 15.12
N LEU A 312 -36.62 7.11 13.96
CA LEU A 312 -36.63 5.66 13.86
C LEU A 312 -35.36 5.04 14.44
N ALA A 313 -34.40 5.88 14.78
CA ALA A 313 -33.14 5.40 15.34
C ALA A 313 -33.28 4.53 16.61
N LYS A 314 -34.31 4.79 17.40
CA LYS A 314 -34.55 4.05 18.63
C LYS A 314 -34.78 2.55 18.40
N ASP A 315 -35.16 2.19 17.17
CA ASP A 315 -35.42 0.80 16.81
C ASP A 315 -34.16 -0.06 16.79
N PRO A 316 -34.03 -0.96 17.76
CA PRO A 316 -32.88 -1.87 17.87
C PRO A 316 -32.58 -2.63 16.58
N ARG A 317 -33.59 -2.81 15.73
CA ARG A 317 -33.36 -3.50 14.48
C ARG A 317 -32.46 -2.62 13.62
N ILE A 318 -32.80 -1.34 13.53
CA ILE A 318 -31.99 -0.41 12.75
C ILE A 318 -30.62 -0.35 13.41
N ALA A 319 -30.64 -0.31 14.73
CA ALA A 319 -29.42 -0.25 15.51
C ALA A 319 -28.47 -1.39 15.13
N ALA A 320 -28.97 -2.60 15.14
CA ALA A 320 -28.16 -3.76 14.78
C ALA A 320 -27.74 -3.64 13.32
N THR A 321 -28.63 -3.07 12.52
CA THR A 321 -28.34 -2.89 11.12
C THR A 321 -27.05 -2.07 11.08
N MET A 322 -27.10 -0.89 11.68
CA MET A 322 -25.94 -0.02 11.72
C MET A 322 -24.76 -0.66 12.44
N GLU A 323 -25.04 -1.48 13.44
CA GLU A 323 -23.96 -2.14 14.16
C GLU A 323 -23.21 -3.04 13.18
N ASN A 324 -23.96 -3.71 12.30
CA ASN A 324 -23.34 -4.58 11.32
C ASN A 324 -22.67 -3.71 10.27
N ALA A 325 -23.32 -2.61 9.92
CA ALA A 325 -22.75 -1.70 8.94
C ALA A 325 -21.37 -1.24 9.40
N GLN A 326 -21.28 -0.93 10.69
CA GLN A 326 -20.04 -0.49 11.30
C GLN A 326 -18.93 -1.46 10.96
N LYS A 327 -19.18 -2.74 11.22
CA LYS A 327 -18.21 -3.79 10.97
C LYS A 327 -17.90 -4.13 9.50
N GLY A 328 -18.78 -3.72 8.60
CA GLY A 328 -18.54 -3.99 7.19
C GLY A 328 -18.06 -2.69 6.56
N GLU A 329 -18.18 -2.58 5.24
CA GLU A 329 -17.78 -1.34 4.58
C GLU A 329 -18.60 -1.03 3.33
N ILE A 330 -18.90 0.25 3.16
CA ILE A 330 -19.69 0.70 2.03
C ILE A 330 -19.05 0.22 0.73
N MET A 331 -19.89 -0.24 -0.19
CA MET A 331 -19.42 -0.74 -1.45
C MET A 331 -18.87 0.38 -2.33
N PRO A 332 -17.92 0.03 -3.20
CA PRO A 332 -17.38 1.03 -4.10
C PRO A 332 -18.51 1.24 -5.10
N ASN A 333 -18.47 2.29 -5.91
CA ASN A 333 -19.53 2.51 -6.90
C ASN A 333 -18.92 2.47 -8.30
N ILE A 334 -17.65 2.08 -8.36
CA ILE A 334 -16.92 2.00 -9.62
C ILE A 334 -17.54 1.01 -10.56
N PRO A 335 -17.37 1.24 -11.87
CA PRO A 335 -17.88 0.39 -12.94
C PRO A 335 -17.49 -1.07 -12.84
N GLN A 336 -16.33 -1.32 -12.25
CA GLN A 336 -15.82 -2.68 -12.11
C GLN A 336 -16.67 -3.55 -11.21
N MET A 337 -17.54 -2.93 -10.41
CA MET A 337 -18.38 -3.67 -9.51
C MET A 337 -19.20 -4.83 -10.07
N SER A 338 -19.92 -4.62 -11.16
CA SER A 338 -20.73 -5.69 -11.77
C SER A 338 -19.84 -6.84 -12.20
N ALA A 339 -18.62 -6.54 -12.64
CA ALA A 339 -17.69 -7.57 -13.06
C ALA A 339 -17.38 -8.39 -11.83
N PHE A 340 -17.14 -7.67 -10.73
CA PHE A 340 -16.82 -8.24 -9.44
C PHE A 340 -17.95 -9.15 -8.97
N TRP A 341 -19.13 -8.58 -8.89
CA TRP A 341 -20.27 -9.32 -8.45
C TRP A 341 -20.47 -10.57 -9.30
N TYR A 342 -20.50 -10.38 -10.62
CA TYR A 342 -20.69 -11.50 -11.53
C TYR A 342 -19.63 -12.59 -11.33
N ALA A 343 -18.38 -12.17 -11.14
CA ALA A 343 -17.31 -13.13 -10.94
C ALA A 343 -17.47 -13.91 -9.64
N VAL A 344 -17.90 -13.22 -8.59
CA VAL A 344 -18.06 -13.86 -7.29
C VAL A 344 -19.30 -14.74 -7.25
N ARG A 345 -20.36 -14.31 -7.92
CA ARG A 345 -21.60 -15.07 -7.96
C ARG A 345 -21.26 -16.51 -8.35
N THR A 346 -20.87 -16.70 -9.61
CA THR A 346 -20.52 -18.01 -10.10
C THR A 346 -19.59 -18.74 -9.15
N ALA A 347 -18.53 -18.06 -8.73
CA ALA A 347 -17.55 -18.64 -7.83
C ALA A 347 -18.20 -19.33 -6.61
N VAL A 348 -18.84 -18.53 -5.78
CA VAL A 348 -19.48 -19.08 -4.59
C VAL A 348 -20.35 -20.25 -4.99
N ILE A 349 -21.27 -19.99 -5.90
CA ILE A 349 -22.19 -21.02 -6.37
C ILE A 349 -21.51 -22.35 -6.63
N ASN A 350 -20.71 -22.39 -7.68
CA ASN A 350 -20.00 -23.59 -8.05
C ASN A 350 -19.21 -24.24 -6.94
N ALA A 351 -18.46 -23.44 -6.18
CA ALA A 351 -17.69 -23.99 -5.09
C ALA A 351 -18.66 -24.72 -4.17
N ALA A 352 -19.74 -24.03 -3.84
CA ALA A 352 -20.78 -24.54 -2.97
C ALA A 352 -21.44 -25.81 -3.48
N SER A 353 -21.46 -25.97 -4.80
CA SER A 353 -22.07 -27.13 -5.43
C SER A 353 -21.09 -28.29 -5.53
N GLY A 354 -19.81 -28.01 -5.31
CA GLY A 354 -18.80 -29.05 -5.39
C GLY A 354 -18.29 -29.27 -6.80
N ARG A 355 -18.91 -28.60 -7.77
CA ARG A 355 -18.50 -28.72 -9.17
C ARG A 355 -17.15 -28.03 -9.38
N GLN A 356 -16.67 -27.34 -8.35
CA GLN A 356 -15.40 -26.64 -8.40
C GLN A 356 -14.87 -26.46 -6.99
N THR A 357 -13.55 -26.42 -6.85
CA THR A 357 -12.92 -26.25 -5.55
C THR A 357 -12.79 -24.77 -5.24
N VAL A 358 -12.76 -24.45 -3.95
CA VAL A 358 -12.65 -23.06 -3.55
C VAL A 358 -11.53 -22.37 -4.33
N ASP A 359 -10.38 -23.03 -4.43
CA ASP A 359 -9.25 -22.47 -5.14
C ASP A 359 -9.57 -22.26 -6.61
N GLU A 360 -10.05 -23.29 -7.30
CA GLU A 360 -10.42 -23.17 -8.70
C GLU A 360 -11.31 -21.95 -8.86
N ALA A 361 -12.43 -22.01 -8.16
CA ALA A 361 -13.42 -20.96 -8.19
C ALA A 361 -12.88 -19.54 -7.99
N LEU A 362 -12.20 -19.32 -6.87
CA LEU A 362 -11.68 -18.00 -6.57
C LEU A 362 -10.59 -17.59 -7.54
N LYS A 363 -10.00 -18.58 -8.20
CA LYS A 363 -8.96 -18.29 -9.18
C LYS A 363 -9.63 -17.51 -10.29
N ASP A 364 -10.63 -18.14 -10.88
CA ASP A 364 -11.39 -17.55 -11.98
C ASP A 364 -11.97 -16.23 -11.51
N ALA A 365 -12.54 -16.27 -10.30
CA ALA A 365 -13.13 -15.08 -9.71
C ALA A 365 -12.12 -13.95 -9.81
N GLN A 366 -10.91 -14.20 -9.31
CA GLN A 366 -9.85 -13.21 -9.33
C GLN A 366 -9.66 -12.74 -10.77
N THR A 367 -9.35 -13.69 -11.65
CA THR A 367 -9.14 -13.37 -13.05
C THR A 367 -10.24 -12.47 -13.61
N ASN A 368 -11.49 -12.92 -13.52
CA ASN A 368 -12.63 -12.17 -14.03
C ASN A 368 -12.86 -10.79 -13.41
N ALA A 369 -12.69 -10.67 -12.09
CA ALA A 369 -12.90 -9.41 -11.40
C ALA A 369 -11.79 -8.44 -11.71
N ALA A 370 -10.69 -8.99 -12.21
CA ALA A 370 -9.54 -8.18 -12.55
C ALA A 370 -9.55 -7.90 -14.05
N ALA A 371 -10.41 -8.56 -14.80
CA ALA A 371 -10.46 -8.35 -16.25
C ALA A 371 -10.49 -6.88 -16.60
N GLU A 372 -10.01 -6.58 -17.79
CA GLU A 372 -9.98 -5.22 -18.30
C GLU A 372 -11.10 -5.06 -19.34
N PHE A 373 -11.63 -3.84 -19.43
CA PHE A 373 -12.73 -3.56 -20.36
C PHE A 373 -12.31 -3.57 -21.82
N VAL A 374 -12.71 -4.63 -22.53
CA VAL A 374 -12.38 -4.76 -23.92
C VAL A 374 -12.82 -3.49 -24.60
N ASP A 375 -11.88 -2.84 -25.25
CA ASP A 375 -12.12 -1.59 -25.97
C ASP A 375 -13.60 -1.42 -26.31
N ILE A 376 -14.16 -0.30 -25.85
CA ILE A 376 -15.56 0.01 -26.07
C ILE A 376 -15.89 0.03 -27.55
N SER A 377 -17.14 0.32 -27.88
CA SER A 377 -17.56 0.39 -29.27
C SER A 377 -16.89 -0.76 -30.01
N HIS A 378 -17.42 -1.94 -29.75
CA HIS A 378 -16.96 -3.20 -30.30
C HIS A 378 -18.12 -4.01 -29.74
N LYS A 379 -19.33 -3.60 -30.11
CA LYS A 379 -20.56 -4.22 -29.63
C LYS A 379 -20.75 -5.65 -30.11
N SER A 380 -19.64 -6.30 -30.44
CA SER A 380 -19.66 -7.63 -31.02
C SER A 380 -18.92 -8.77 -30.34
N PHE A 381 -19.35 -9.98 -30.72
CA PHE A 381 -18.68 -11.21 -30.31
C PHE A 381 -19.12 -12.40 -31.13
N PRO A 382 -18.18 -13.09 -31.79
CA PRO A 382 -16.73 -12.84 -31.85
C PRO A 382 -16.43 -11.38 -32.16
N ILE A 383 -15.24 -10.92 -31.83
CA ILE A 383 -14.90 -9.52 -32.07
C ILE A 383 -14.89 -9.11 -33.53
N SER A 384 -15.67 -8.06 -33.83
CA SER A 384 -15.79 -7.54 -35.18
C SER A 384 -14.78 -6.42 -35.46
N MET A 385 -14.73 -5.99 -36.72
CA MET A 385 -13.82 -4.94 -37.16
C MET A 385 -14.28 -4.48 -38.53
N PRO A 386 -14.43 -3.17 -38.73
CA PRO A 386 -14.85 -2.64 -40.02
C PRO A 386 -13.96 -3.17 -41.10
N MET A 387 -14.56 -3.54 -42.23
CA MET A 387 -13.80 -4.09 -43.34
C MET A 387 -12.78 -3.08 -43.89
N ILE A 388 -13.02 -1.78 -43.68
CA ILE A 388 -12.10 -0.75 -44.15
C ILE A 388 -10.82 -0.86 -43.31
N GLU A 389 -11.01 -0.83 -42.00
CA GLU A 389 -9.91 -0.95 -41.05
C GLU A 389 -9.19 -2.26 -41.33
N TYR A 390 -9.96 -3.32 -41.53
CA TYR A 390 -9.40 -4.63 -41.80
C TYR A 390 -8.39 -4.59 -42.95
N LEU A 391 -8.82 -4.07 -44.10
CA LEU A 391 -7.97 -3.97 -45.27
C LEU A 391 -6.73 -3.14 -44.98
N GLU A 392 -6.93 -2.02 -44.32
CA GLU A 392 -5.81 -1.13 -44.00
C GLU A 392 -4.75 -1.84 -43.17
N ARG A 393 -5.18 -2.45 -42.07
CA ARG A 393 -4.26 -3.11 -41.15
C ARG A 393 -3.68 -4.45 -41.57
N PHE A 394 -4.34 -5.18 -42.46
CA PHE A 394 -3.81 -6.49 -42.82
C PHE A 394 -3.40 -6.68 -44.26
N SER A 395 -3.75 -5.75 -45.13
CA SER A 395 -3.42 -5.91 -46.53
C SER A 395 -2.75 -4.73 -47.18
N LEU A 396 -3.42 -3.58 -47.17
CA LEU A 396 -2.86 -2.38 -47.76
C LEU A 396 -1.76 -1.77 -46.90
N LYS A 397 -1.82 -2.05 -45.61
CA LYS A 397 -0.81 -1.53 -44.68
C LYS A 397 -0.73 -0.01 -44.87
N ALA A 398 -1.89 0.61 -45.09
CA ALA A 398 -1.98 2.05 -45.31
C ALA A 398 -3.40 2.50 -45.08
N LYS A 399 -3.58 3.77 -44.73
CA LYS A 399 -4.91 4.28 -44.48
C LYS A 399 -5.66 4.58 -45.77
N ILE A 400 -6.94 4.23 -45.80
CA ILE A 400 -7.80 4.43 -46.94
C ILE A 400 -8.53 5.77 -46.84
N ASN A 401 -8.74 6.43 -47.98
CA ASN A 401 -9.43 7.73 -48.02
C ASN A 401 -10.14 7.98 -49.35
N ASN A 402 -10.87 9.10 -49.40
CA ASN A 402 -11.64 9.47 -50.58
C ASN A 402 -10.88 9.50 -51.91
N THR A 403 -9.62 9.08 -51.92
CA THR A 403 -8.86 9.06 -53.16
C THR A 403 -8.33 7.66 -53.47
N THR A 404 -8.08 6.88 -52.43
CA THR A 404 -7.59 5.52 -52.60
C THR A 404 -8.16 4.79 -53.81
N ASN A 405 -7.30 4.19 -54.61
CA ASN A 405 -7.73 3.42 -55.77
C ASN A 405 -7.25 2.02 -55.51
N LEU A 406 -8.17 1.07 -55.46
CA LEU A 406 -7.81 -0.31 -55.18
C LEU A 406 -7.26 -1.10 -56.35
N ASP A 407 -7.29 -0.50 -57.55
CA ASP A 407 -6.77 -1.15 -58.75
C ASP A 407 -5.30 -1.46 -58.54
N TYR A 408 -4.62 -0.50 -57.93
CA TYR A 408 -3.21 -0.65 -57.66
C TYR A 408 -2.91 -1.84 -56.79
N SER A 409 -3.92 -2.30 -56.03
CA SER A 409 -3.73 -3.41 -55.10
C SER A 409 -4.37 -4.74 -55.49
N ARG A 410 -5.17 -4.73 -56.55
CA ARG A 410 -5.83 -5.94 -57.03
C ARG A 410 -4.99 -7.18 -56.81
N ARG A 411 -3.79 -7.17 -57.37
CA ARG A 411 -2.85 -8.29 -57.29
C ARG A 411 -2.99 -9.09 -56.00
N PHE A 412 -2.79 -8.44 -54.87
CA PHE A 412 -2.87 -9.14 -53.60
C PHE A 412 -4.21 -9.06 -52.89
N LEU A 413 -4.95 -7.97 -53.10
CA LEU A 413 -6.25 -7.85 -52.45
C LEU A 413 -7.15 -9.05 -52.74
N GLU A 414 -7.26 -9.40 -54.02
CA GLU A 414 -8.14 -10.49 -54.44
C GLU A 414 -7.95 -11.79 -53.65
N PRO A 415 -6.72 -12.31 -53.57
CA PRO A 415 -6.50 -13.54 -52.82
C PRO A 415 -6.81 -13.35 -51.34
N PHE A 416 -6.69 -12.11 -50.89
CA PHE A 416 -6.93 -11.74 -49.51
C PHE A 416 -8.42 -11.67 -49.14
N LEU A 417 -9.27 -11.48 -50.15
CA LEU A 417 -10.70 -11.41 -49.94
C LEU A 417 -11.43 -12.70 -50.33
N ARG A 418 -10.77 -13.60 -51.04
CA ARG A 418 -11.42 -14.84 -51.43
C ARG A 418 -11.68 -15.69 -50.19
N GLY A 419 -12.92 -16.14 -50.05
CA GLY A 419 -13.31 -16.94 -48.90
C GLY A 419 -13.92 -16.13 -47.76
N ILE A 420 -13.40 -14.93 -47.55
CA ILE A 420 -13.84 -14.02 -46.52
C ILE A 420 -15.35 -13.91 -46.31
N ASN A 421 -15.79 -14.12 -45.10
CA ASN A 421 -17.20 -13.96 -44.78
C ASN A 421 -17.29 -12.59 -44.18
N VAL A 422 -18.31 -11.83 -44.53
CA VAL A 422 -18.44 -10.48 -44.00
C VAL A 422 -19.86 -10.22 -43.56
N VAL A 423 -20.01 -9.24 -42.67
CA VAL A 423 -21.34 -8.86 -42.23
C VAL A 423 -21.69 -7.53 -42.85
N TYR A 424 -22.61 -7.58 -43.79
CA TYR A 424 -23.08 -6.37 -44.44
C TYR A 424 -24.24 -5.86 -43.65
N THR A 425 -24.16 -4.59 -43.29
CA THR A 425 -25.24 -3.98 -42.53
C THR A 425 -25.57 -2.64 -43.18
N PRO A 426 -26.78 -2.55 -43.77
CA PRO A 426 -27.34 -1.39 -44.47
C PRO A 426 -27.61 -0.23 -43.56
N PRO A 427 -27.70 0.97 -44.15
CA PRO A 427 -27.97 2.15 -43.32
C PRO A 427 -29.28 1.91 -42.61
N GLN A 428 -29.41 2.48 -41.40
CA GLN A 428 -30.63 2.29 -40.64
C GLN A 428 -31.85 2.73 -41.42
N SER A 429 -31.78 3.88 -42.07
CA SER A 429 -32.91 4.40 -42.86
C SER A 429 -33.45 3.42 -43.89
N PHE A 430 -32.62 2.46 -44.30
CA PHE A 430 -33.07 1.49 -45.28
C PHE A 430 -34.07 0.50 -44.75
N GLN A 431 -34.26 0.48 -43.43
CA GLN A 431 -35.22 -0.43 -42.81
C GLN A 431 -35.00 -1.89 -43.22
N SER A 432 -33.75 -2.31 -43.29
CA SER A 432 -33.45 -3.69 -43.64
C SER A 432 -32.71 -4.35 -42.47
N ALA A 433 -31.99 -5.43 -42.74
CA ALA A 433 -31.27 -6.12 -41.67
C ALA A 433 -29.93 -6.66 -42.11
N PRO A 434 -28.99 -6.73 -41.16
CA PRO A 434 -27.62 -7.22 -41.36
C PRO A 434 -27.66 -8.62 -41.91
N ARG A 435 -26.63 -8.98 -42.65
CA ARG A 435 -26.57 -10.29 -43.27
C ARG A 435 -25.14 -10.69 -43.45
N VAL A 436 -24.93 -11.98 -43.50
CA VAL A 436 -23.59 -12.50 -43.73
C VAL A 436 -23.49 -12.87 -45.19
N TYR A 437 -22.38 -12.53 -45.81
CA TYR A 437 -22.17 -12.85 -47.20
C TYR A 437 -20.78 -13.35 -47.32
N ARG A 438 -20.54 -14.20 -48.30
CA ARG A 438 -19.20 -14.72 -48.53
C ARG A 438 -18.66 -13.82 -49.64
N VAL A 439 -17.41 -13.38 -49.49
CA VAL A 439 -16.81 -12.53 -50.50
C VAL A 439 -16.01 -13.32 -51.54
N ASN A 440 -16.38 -13.13 -52.81
CA ASN A 440 -15.72 -13.81 -53.91
C ASN A 440 -14.57 -12.97 -54.42
N GLY A 441 -14.65 -11.67 -54.19
CA GLY A 441 -13.59 -10.78 -54.63
C GLY A 441 -13.98 -9.32 -54.81
N LEU A 442 -13.04 -8.55 -55.34
CA LEU A 442 -13.25 -7.13 -55.58
C LEU A 442 -14.09 -6.92 -56.82
N SER A 443 -14.78 -5.80 -56.86
CA SER A 443 -15.59 -5.49 -58.01
C SER A 443 -14.62 -5.14 -59.13
N ARG A 444 -15.16 -4.90 -60.33
CA ARG A 444 -14.35 -4.54 -61.47
C ARG A 444 -14.03 -3.06 -61.35
N ALA A 445 -15.00 -2.28 -60.90
CA ALA A 445 -14.81 -0.85 -60.78
C ALA A 445 -15.31 -0.24 -59.49
N PRO A 446 -14.99 1.04 -59.26
CA PRO A 446 -15.38 1.82 -58.08
C PRO A 446 -16.90 1.91 -58.04
N ALA A 447 -17.45 2.14 -56.85
CA ALA A 447 -18.90 2.23 -56.69
C ALA A 447 -19.52 3.32 -57.58
N SER A 448 -18.78 4.40 -57.78
CA SER A 448 -19.23 5.52 -58.57
C SER A 448 -19.18 5.22 -60.06
N SER A 449 -18.55 4.12 -60.42
CA SER A 449 -18.44 3.73 -61.83
C SER A 449 -19.22 2.45 -62.08
N GLU A 450 -19.29 1.62 -61.06
CA GLU A 450 -20.02 0.37 -61.17
C GLU A 450 -21.50 0.67 -61.35
N THR A 451 -22.04 0.20 -62.47
CA THR A 451 -23.44 0.46 -62.77
C THR A 451 -24.31 -0.78 -62.83
N PHE A 452 -25.63 -0.56 -62.75
CA PHE A 452 -26.64 -1.62 -62.84
C PHE A 452 -27.94 -0.98 -63.32
N GLU A 453 -28.93 -1.79 -63.69
CA GLU A 453 -30.20 -1.27 -64.20
C GLU A 453 -31.42 -1.94 -63.60
N HIS A 454 -32.48 -1.14 -63.44
CA HIS A 454 -33.73 -1.64 -62.89
C HIS A 454 -34.86 -0.80 -63.48
N ASP A 455 -36.04 -1.41 -63.59
CA ASP A 455 -37.21 -0.75 -64.14
C ASP A 455 -36.80 0.00 -65.40
N GLY A 456 -35.77 -0.52 -66.06
CA GLY A 456 -35.29 0.06 -67.29
C GLY A 456 -34.43 1.31 -67.18
N LYS A 457 -33.65 1.42 -66.13
CA LYS A 457 -32.80 2.59 -65.95
C LYS A 457 -31.40 2.20 -65.51
N LYS A 458 -30.41 2.91 -66.02
CA LYS A 458 -29.01 2.65 -65.65
C LYS A 458 -28.61 3.60 -64.54
N VAL A 459 -28.07 3.05 -63.46
CA VAL A 459 -27.67 3.83 -62.31
C VAL A 459 -26.39 3.24 -61.72
N THR A 460 -25.55 4.08 -61.12
CA THR A 460 -24.34 3.59 -60.47
C THR A 460 -24.68 3.32 -59.01
N ILE A 461 -23.86 2.48 -58.39
CA ILE A 461 -24.07 2.14 -57.00
C ILE A 461 -24.00 3.42 -56.15
N ALA A 462 -22.97 4.20 -56.42
CA ALA A 462 -22.77 5.44 -55.72
C ALA A 462 -24.01 6.30 -55.91
N SER A 463 -24.43 6.41 -57.17
CA SER A 463 -25.60 7.18 -57.53
C SER A 463 -26.78 6.72 -56.69
N TYR A 464 -27.07 5.42 -56.74
CA TYR A 464 -28.18 4.86 -56.00
C TYR A 464 -28.16 5.25 -54.53
N PHE A 465 -27.03 5.02 -53.87
CA PHE A 465 -26.94 5.34 -52.46
C PHE A 465 -27.29 6.80 -52.20
N HIS A 466 -26.69 7.71 -52.96
CA HIS A 466 -26.98 9.12 -52.78
C HIS A 466 -28.49 9.37 -52.82
N SER A 467 -29.16 8.75 -53.79
CA SER A 467 -30.60 8.91 -53.95
C SER A 467 -31.39 8.42 -52.76
N ARG A 468 -30.79 7.51 -51.99
CA ARG A 468 -31.48 6.98 -50.82
C ARG A 468 -30.97 7.68 -49.56
N ASN A 469 -30.39 8.85 -49.78
CA ASN A 469 -29.87 9.68 -48.70
C ASN A 469 -28.74 9.08 -47.88
N TYR A 470 -27.94 8.24 -48.51
CA TYR A 470 -26.80 7.68 -47.80
C TYR A 470 -25.62 7.78 -48.70
N PRO A 471 -25.09 9.00 -48.86
CA PRO A 471 -23.93 9.30 -49.71
C PRO A 471 -22.76 8.46 -49.21
N LEU A 472 -22.24 7.58 -50.05
CA LEU A 472 -21.14 6.76 -49.59
C LEU A 472 -19.92 7.60 -49.22
N LYS A 473 -19.26 7.20 -48.15
CA LYS A 473 -18.05 7.88 -47.66
C LYS A 473 -16.91 7.79 -48.71
N PHE A 474 -16.73 6.62 -49.32
CA PHE A 474 -15.69 6.42 -50.31
C PHE A 474 -16.21 5.93 -51.68
N PRO A 475 -16.93 6.79 -52.41
CA PRO A 475 -17.48 6.43 -53.73
C PRO A 475 -16.46 5.89 -54.71
N GLN A 476 -15.19 6.26 -54.56
CA GLN A 476 -14.17 5.78 -55.48
C GLN A 476 -13.61 4.41 -55.21
N LEU A 477 -14.04 3.78 -54.12
CA LEU A 477 -13.53 2.46 -53.82
C LEU A 477 -14.28 1.38 -54.57
N HIS A 478 -13.57 0.29 -54.85
CA HIS A 478 -14.18 -0.83 -55.51
C HIS A 478 -15.02 -1.48 -54.42
N CYS A 479 -16.08 -2.17 -54.81
CA CYS A 479 -16.94 -2.85 -53.84
C CYS A 479 -16.52 -4.30 -53.68
N LEU A 480 -17.11 -4.96 -52.69
CA LEU A 480 -16.83 -6.35 -52.44
C LEU A 480 -17.85 -7.15 -53.24
N ASN A 481 -17.37 -8.06 -54.07
CA ASN A 481 -18.26 -8.86 -54.87
C ASN A 481 -18.70 -10.08 -54.07
N VAL A 482 -20.01 -10.17 -53.85
CA VAL A 482 -20.57 -11.28 -53.10
C VAL A 482 -21.37 -12.17 -54.05
N GLY A 483 -21.41 -11.82 -55.32
CA GLY A 483 -22.14 -12.62 -56.29
C GLY A 483 -21.28 -13.71 -56.92
N SER A 484 -20.75 -13.43 -58.12
CA SER A 484 -19.90 -14.35 -58.86
C SER A 484 -19.61 -13.67 -60.20
N SER A 485 -18.93 -14.36 -61.10
CA SER A 485 -18.63 -13.76 -62.40
C SER A 485 -19.94 -13.52 -63.17
N ILE A 486 -20.27 -12.25 -63.38
CA ILE A 486 -21.49 -11.85 -64.09
C ILE A 486 -22.70 -12.57 -63.47
N LYS A 487 -23.13 -12.01 -62.34
CA LYS A 487 -24.25 -12.49 -61.53
C LYS A 487 -23.78 -12.01 -60.17
N SER A 488 -23.05 -10.91 -60.25
CA SER A 488 -22.44 -10.22 -59.13
C SER A 488 -23.38 -9.45 -58.21
N ILE A 489 -22.91 -9.29 -56.98
CA ILE A 489 -23.61 -8.57 -55.94
C ILE A 489 -22.49 -7.74 -55.33
N LEU A 490 -22.51 -6.46 -55.62
CA LEU A 490 -21.47 -5.58 -55.11
C LEU A 490 -21.84 -4.82 -53.86
N LEU A 491 -20.99 -4.94 -52.85
CA LEU A 491 -21.24 -4.26 -51.61
C LEU A 491 -20.17 -3.23 -51.29
N PRO A 492 -20.59 -2.01 -50.93
CA PRO A 492 -19.59 -1.01 -50.61
C PRO A 492 -18.88 -1.40 -49.31
N ILE A 493 -17.56 -1.50 -49.39
CA ILE A 493 -16.73 -1.91 -48.25
C ILE A 493 -17.05 -1.21 -46.93
N GLU A 494 -17.32 0.09 -46.98
CA GLU A 494 -17.65 0.85 -45.76
C GLU A 494 -18.87 0.34 -44.97
N LEU A 495 -19.70 -0.50 -45.60
CA LEU A 495 -20.88 -1.03 -44.93
C LEU A 495 -20.70 -2.48 -44.50
N CYS A 496 -19.45 -2.94 -44.51
CA CYS A 496 -19.13 -4.32 -44.16
C CYS A 496 -18.10 -4.45 -43.05
N SER A 497 -18.12 -5.58 -42.36
CA SER A 497 -17.19 -5.84 -41.27
C SER A 497 -16.92 -7.34 -41.11
N ILE A 498 -15.90 -7.68 -40.32
CA ILE A 498 -15.50 -9.08 -40.08
C ILE A 498 -15.21 -9.44 -38.64
N GLU A 499 -14.76 -10.69 -38.48
CA GLU A 499 -14.39 -11.30 -37.20
C GLU A 499 -12.89 -11.38 -36.99
N GLU A 500 -12.51 -11.73 -35.76
CA GLU A 500 -11.12 -11.86 -35.36
C GLU A 500 -10.51 -10.49 -35.09
N ILE B 3 26.90 36.48 -2.10
CA ILE B 3 27.18 37.32 -3.30
C ILE B 3 25.84 37.83 -3.88
N GLU B 4 24.93 38.36 -3.03
CA GLU B 4 23.60 38.84 -3.49
C GLU B 4 23.13 40.22 -2.98
N GLU B 5 21.82 40.50 -3.07
CA GLU B 5 21.27 41.80 -2.62
C GLU B 5 19.98 41.79 -1.79
N GLY B 6 19.53 42.97 -1.37
CA GLY B 6 18.29 43.11 -0.61
C GLY B 6 17.06 43.29 -1.51
N LYS B 7 16.92 42.41 -2.49
CA LYS B 7 15.79 42.44 -3.44
C LYS B 7 15.37 41.03 -3.82
N LEU B 8 14.73 40.88 -4.97
CA LEU B 8 14.29 39.57 -5.43
C LEU B 8 14.64 39.21 -6.88
N VAL B 9 15.41 38.14 -7.03
CA VAL B 9 15.81 37.64 -8.33
C VAL B 9 15.24 36.23 -8.50
N ILE B 10 14.52 36.04 -9.60
CA ILE B 10 13.87 34.77 -9.88
C ILE B 10 14.34 34.11 -11.18
N TRP B 11 14.50 32.79 -11.13
CA TRP B 11 14.90 32.00 -12.29
C TRP B 11 13.82 30.98 -12.63
N ILE B 12 13.34 31.03 -13.86
CA ILE B 12 12.33 30.09 -14.30
C ILE B 12 12.76 29.66 -15.69
N ASN B 13 12.26 28.53 -16.15
CA ASN B 13 12.65 28.04 -17.47
C ASN B 13 12.00 28.81 -18.61
N GLY B 14 12.77 29.01 -19.68
CA GLY B 14 12.33 29.75 -20.85
C GLY B 14 11.03 29.37 -21.51
N ASP B 15 10.66 28.09 -21.45
CA ASP B 15 9.41 27.68 -22.07
C ASP B 15 8.22 28.11 -21.21
N LYS B 16 8.49 28.56 -20.00
CA LYS B 16 7.46 29.00 -19.09
C LYS B 16 7.08 30.47 -19.33
N GLY B 17 6.02 30.94 -18.66
CA GLY B 17 5.59 32.32 -18.83
C GLY B 17 6.30 33.34 -17.95
N TYR B 18 7.59 33.56 -18.22
CA TYR B 18 8.36 34.51 -17.43
C TYR B 18 7.89 35.95 -17.56
N ASN B 19 7.30 36.30 -18.69
CA ASN B 19 6.82 37.67 -18.86
C ASN B 19 5.64 37.87 -17.93
N GLY B 20 4.86 36.81 -17.75
CA GLY B 20 3.71 36.87 -16.87
C GLY B 20 4.15 36.92 -15.43
N LEU B 21 5.09 36.04 -15.08
CA LEU B 21 5.62 36.00 -13.72
C LEU B 21 6.15 37.38 -13.36
N ALA B 22 6.71 38.04 -14.35
CA ALA B 22 7.27 39.37 -14.17
C ALA B 22 6.19 40.42 -13.95
N GLU B 23 5.03 40.24 -14.58
CA GLU B 23 3.96 41.19 -14.38
C GLU B 23 3.63 41.18 -12.91
N VAL B 24 3.69 39.97 -12.33
CA VAL B 24 3.42 39.78 -10.91
C VAL B 24 4.49 40.53 -10.12
N GLY B 25 5.73 40.38 -10.56
CA GLY B 25 6.83 41.06 -9.91
C GLY B 25 6.58 42.57 -9.85
N LYS B 26 6.09 43.14 -10.93
CA LYS B 26 5.81 44.57 -10.95
C LYS B 26 4.76 44.91 -9.91
N LYS B 27 3.69 44.12 -9.87
CA LYS B 27 2.62 44.33 -8.91
C LYS B 27 3.19 44.30 -7.48
N PHE B 28 4.22 43.49 -7.29
CA PHE B 28 4.85 43.36 -5.99
C PHE B 28 5.61 44.62 -5.63
N GLU B 29 6.38 45.13 -6.59
CA GLU B 29 7.19 46.34 -6.39
C GLU B 29 6.30 47.55 -6.10
N LYS B 30 5.22 47.67 -6.85
CA LYS B 30 4.27 48.76 -6.70
C LYS B 30 3.70 48.78 -5.27
N ASP B 31 3.77 47.64 -4.60
CA ASP B 31 3.25 47.51 -3.24
C ASP B 31 4.30 47.51 -2.15
N THR B 32 5.52 47.10 -2.50
CA THR B 32 6.58 47.03 -1.50
C THR B 32 7.77 47.87 -1.86
N GLY B 33 7.91 48.16 -3.14
CA GLY B 33 9.05 48.94 -3.58
C GLY B 33 10.20 47.99 -3.89
N ILE B 34 10.02 46.73 -3.51
CA ILE B 34 11.05 45.71 -3.73
C ILE B 34 11.06 45.33 -5.21
N LYS B 35 12.20 45.54 -5.86
CA LYS B 35 12.29 45.21 -7.27
C LYS B 35 12.48 43.72 -7.42
N VAL B 36 11.65 43.15 -8.28
CA VAL B 36 11.68 41.73 -8.58
C VAL B 36 12.17 41.55 -10.01
N THR B 37 13.28 40.84 -10.17
CA THR B 37 13.83 40.60 -11.48
C THR B 37 13.72 39.14 -11.86
N VAL B 38 13.21 38.87 -13.06
CA VAL B 38 13.06 37.50 -13.50
C VAL B 38 13.99 37.19 -14.66
N GLU B 39 14.67 36.05 -14.58
CA GLU B 39 15.58 35.65 -15.63
C GLU B 39 15.34 34.20 -16.03
N HIS B 40 15.71 33.85 -17.24
CA HIS B 40 15.54 32.50 -17.73
C HIS B 40 16.81 31.99 -18.43
N PRO B 41 17.83 31.62 -17.63
CA PRO B 41 19.11 31.11 -18.12
C PRO B 41 19.01 29.73 -18.76
N ASP B 42 19.91 29.42 -19.67
CA ASP B 42 19.89 28.12 -20.33
C ASP B 42 20.34 27.07 -19.33
N LYS B 43 19.74 25.89 -19.42
CA LYS B 43 20.09 24.81 -18.51
C LYS B 43 20.10 25.30 -17.07
N LEU B 44 19.06 26.01 -16.68
CA LEU B 44 19.04 26.53 -15.32
C LEU B 44 19.00 25.42 -14.29
N GLU B 45 18.23 24.37 -14.53
CA GLU B 45 18.17 23.27 -13.57
C GLU B 45 19.58 22.76 -13.31
N GLU B 46 20.47 23.01 -14.27
CA GLU B 46 21.86 22.58 -14.20
C GLU B 46 22.74 23.64 -13.54
N LYS B 47 22.52 24.91 -13.88
CA LYS B 47 23.31 25.99 -13.31
C LYS B 47 23.00 26.30 -11.85
N PHE B 48 21.73 26.28 -11.48
CA PHE B 48 21.37 26.59 -10.12
C PHE B 48 22.26 25.87 -9.11
N PRO B 49 22.35 24.55 -9.20
CA PRO B 49 23.17 23.77 -8.26
C PRO B 49 24.60 24.28 -8.19
N GLN B 50 25.18 24.57 -9.34
CA GLN B 50 26.57 25.03 -9.40
C GLN B 50 26.77 26.34 -8.67
N VAL B 51 26.03 27.36 -9.08
CA VAL B 51 26.13 28.69 -8.48
C VAL B 51 25.69 28.73 -7.02
N ALA B 52 24.56 28.09 -6.74
CA ALA B 52 24.01 28.07 -5.39
C ALA B 52 25.00 27.43 -4.43
N ALA B 53 25.85 26.55 -4.96
CA ALA B 53 26.85 25.89 -4.14
C ALA B 53 27.85 26.93 -3.66
N THR B 54 28.14 27.89 -4.52
CA THR B 54 29.07 28.97 -4.22
C THR B 54 28.40 29.97 -3.28
N GLY B 55 27.10 29.84 -3.11
CA GLY B 55 26.37 30.76 -2.27
C GLY B 55 25.78 31.85 -3.16
N ASP B 56 25.79 31.59 -4.46
CA ASP B 56 25.25 32.53 -5.43
C ASP B 56 23.96 31.99 -6.01
N GLY B 57 23.45 32.64 -7.06
CA GLY B 57 22.22 32.17 -7.67
C GLY B 57 21.06 33.10 -7.38
N PRO B 58 19.86 32.79 -7.87
CA PRO B 58 18.68 33.64 -7.63
C PRO B 58 18.12 33.40 -6.25
N ASP B 59 17.14 34.23 -5.88
CA ASP B 59 16.50 34.09 -4.58
C ASP B 59 15.50 32.96 -4.70
N ILE B 60 14.70 33.02 -5.77
CA ILE B 60 13.69 31.99 -6.05
C ILE B 60 14.12 31.20 -7.28
N ILE B 61 13.87 29.90 -7.25
CA ILE B 61 14.21 29.01 -8.36
C ILE B 61 12.95 28.22 -8.75
N PHE B 62 12.55 28.31 -10.02
CA PHE B 62 11.37 27.59 -10.51
C PHE B 62 11.74 26.37 -11.37
N TRP B 63 11.19 25.22 -11.03
CA TRP B 63 11.42 24.00 -11.79
C TRP B 63 10.44 22.90 -11.37
N ALA B 64 10.46 21.80 -12.11
CA ALA B 64 9.61 20.68 -11.78
C ALA B 64 10.14 20.14 -10.46
N HIS B 65 9.24 19.70 -9.60
CA HIS B 65 9.63 19.19 -8.30
C HIS B 65 10.72 18.12 -8.28
N ASP B 66 10.85 17.33 -9.34
CA ASP B 66 11.85 16.26 -9.35
C ASP B 66 13.29 16.63 -9.06
N ARG B 67 13.67 17.89 -9.30
CA ARG B 67 15.05 18.35 -9.08
C ARG B 67 15.35 18.84 -7.66
N PHE B 68 14.33 19.34 -6.99
CA PHE B 68 14.49 19.89 -5.65
C PHE B 68 14.97 18.93 -4.58
N GLY B 69 14.69 17.64 -4.74
CA GLY B 69 15.13 16.69 -3.75
C GLY B 69 16.65 16.74 -3.68
N GLY B 70 17.28 16.69 -4.84
CA GLY B 70 18.72 16.75 -4.92
C GLY B 70 19.23 18.08 -4.42
N TYR B 71 18.49 19.16 -4.70
CA TYR B 71 18.88 20.49 -4.26
C TYR B 71 18.81 20.54 -2.74
N ALA B 72 17.69 20.10 -2.20
CA ALA B 72 17.51 20.08 -0.76
C ALA B 72 18.65 19.25 -0.17
N GLN B 73 18.92 18.10 -0.75
CA GLN B 73 19.99 17.26 -0.27
C GLN B 73 21.31 18.01 -0.28
N SER B 74 21.57 18.78 -1.33
CA SER B 74 22.81 19.53 -1.39
C SER B 74 22.70 20.75 -0.48
N GLY B 75 21.62 20.80 0.29
CA GLY B 75 21.39 21.91 1.19
C GLY B 75 21.39 23.24 0.47
N LEU B 76 20.79 23.27 -0.71
CA LEU B 76 20.75 24.49 -1.51
C LEU B 76 19.41 25.18 -1.42
N LEU B 77 18.46 24.51 -0.79
CA LEU B 77 17.13 25.07 -0.63
C LEU B 77 16.80 25.35 0.82
N ALA B 78 15.95 26.35 1.02
CA ALA B 78 15.52 26.73 2.36
C ALA B 78 14.21 26.02 2.65
N GLU B 79 13.95 25.76 3.92
CA GLU B 79 12.70 25.12 4.29
C GLU B 79 11.65 26.21 4.31
N ILE B 80 10.64 26.08 3.47
CA ILE B 80 9.58 27.09 3.42
C ILE B 80 8.71 26.92 4.64
N THR B 81 8.04 27.99 5.06
CA THR B 81 7.22 27.93 6.26
C THR B 81 5.80 28.44 6.11
N PRO B 82 4.98 27.74 5.32
CA PRO B 82 3.60 28.18 5.14
C PRO B 82 2.79 27.59 6.29
N ASP B 83 1.84 28.34 6.84
CA ASP B 83 1.04 27.80 7.93
C ASP B 83 -0.14 27.03 7.35
N LYS B 84 -0.87 26.34 8.22
CA LYS B 84 -2.01 25.54 7.81
C LYS B 84 -2.98 26.35 6.97
N ALA B 85 -3.27 27.57 7.40
CA ALA B 85 -4.19 28.43 6.67
C ALA B 85 -3.83 28.44 5.19
N PHE B 86 -2.55 28.60 4.89
CA PHE B 86 -2.07 28.63 3.52
C PHE B 86 -2.02 27.25 2.90
N GLN B 87 -1.41 26.31 3.61
CA GLN B 87 -1.29 24.95 3.10
C GLN B 87 -2.63 24.36 2.69
N ASP B 88 -3.72 24.91 3.23
CA ASP B 88 -5.03 24.41 2.87
C ASP B 88 -5.55 25.03 1.58
N LYS B 89 -4.89 26.08 1.12
CA LYS B 89 -5.29 26.76 -0.11
C LYS B 89 -4.86 25.99 -1.38
N LEU B 90 -3.94 25.05 -1.22
CA LEU B 90 -3.47 24.24 -2.34
C LEU B 90 -3.81 22.78 -2.09
N TYR B 91 -3.77 21.98 -3.15
CA TYR B 91 -4.04 20.54 -3.06
C TYR B 91 -2.93 19.80 -2.35
N PRO B 92 -3.28 19.02 -1.33
CA PRO B 92 -2.27 18.27 -0.59
C PRO B 92 -1.31 17.42 -1.43
N PHE B 93 -1.80 16.77 -2.48
CA PHE B 93 -0.90 15.95 -3.28
C PHE B 93 0.21 16.77 -3.93
N THR B 94 -0.02 18.08 -4.02
CA THR B 94 0.98 18.96 -4.60
C THR B 94 2.06 19.14 -3.55
N TRP B 95 1.64 19.37 -2.30
CA TRP B 95 2.60 19.56 -1.21
C TRP B 95 3.45 18.32 -1.06
N ASP B 96 2.86 17.16 -1.34
CA ASP B 96 3.61 15.92 -1.23
C ASP B 96 4.78 15.97 -2.18
N ALA B 97 4.51 16.43 -3.39
CA ALA B 97 5.52 16.53 -4.41
C ALA B 97 6.72 17.30 -3.93
N VAL B 98 6.46 18.37 -3.17
CA VAL B 98 7.51 19.23 -2.66
C VAL B 98 7.94 18.92 -1.24
N ARG B 99 7.63 17.73 -0.77
CA ARG B 99 8.02 17.35 0.58
C ARG B 99 9.24 16.46 0.46
N TYR B 100 10.32 16.83 1.16
CA TYR B 100 11.55 16.01 1.11
C TYR B 100 12.10 15.78 2.49
N ASN B 101 12.13 14.52 2.90
CA ASN B 101 12.63 14.18 4.21
C ASN B 101 11.73 14.84 5.26
N GLY B 102 10.43 14.80 4.99
CA GLY B 102 9.45 15.37 5.91
C GLY B 102 9.31 16.88 5.89
N LYS B 103 10.25 17.56 5.26
CA LYS B 103 10.20 19.01 5.19
C LYS B 103 9.71 19.50 3.84
N LEU B 104 9.03 20.63 3.83
CA LEU B 104 8.55 21.23 2.59
C LEU B 104 9.67 22.11 2.08
N ILE B 105 10.12 21.84 0.86
CA ILE B 105 11.23 22.58 0.29
C ILE B 105 10.91 23.56 -0.83
N ALA B 106 9.64 23.71 -1.15
CA ALA B 106 9.25 24.63 -2.22
C ALA B 106 7.74 24.77 -2.30
N TYR B 107 7.31 25.85 -2.94
CA TYR B 107 5.88 26.09 -3.10
C TYR B 107 5.41 25.52 -4.42
N PRO B 108 4.41 24.62 -4.37
CA PRO B 108 3.83 23.98 -5.55
C PRO B 108 3.09 25.01 -6.39
N ILE B 109 3.30 25.02 -7.70
CA ILE B 109 2.61 25.98 -8.54
C ILE B 109 1.54 25.37 -9.45
N ALA B 110 1.87 24.27 -10.12
CA ALA B 110 0.90 23.63 -11.00
C ALA B 110 1.35 22.23 -11.48
N VAL B 111 0.38 21.41 -11.83
CA VAL B 111 0.67 20.06 -12.31
C VAL B 111 0.80 20.07 -13.81
N GLU B 112 1.87 19.46 -14.31
CA GLU B 112 2.13 19.42 -15.75
C GLU B 112 2.16 17.98 -16.26
N ALA B 113 1.72 17.80 -17.49
CA ALA B 113 1.70 16.50 -18.13
C ALA B 113 1.56 16.65 -19.64
N LEU B 114 2.46 16.00 -20.36
CA LEU B 114 2.46 16.03 -21.81
C LEU B 114 1.19 15.39 -22.33
N SER B 115 0.64 15.96 -23.40
CA SER B 115 -0.57 15.44 -24.02
C SER B 115 -0.33 15.43 -25.52
N LEU B 116 -1.24 14.78 -26.25
CA LEU B 116 -1.12 14.72 -27.69
C LEU B 116 -1.83 15.93 -28.32
N ILE B 117 -1.07 16.77 -29.03
CA ILE B 117 -1.65 17.94 -29.67
C ILE B 117 -1.71 17.63 -31.15
N TYR B 118 -2.82 17.96 -31.78
CA TYR B 118 -2.98 17.67 -33.19
C TYR B 118 -3.66 18.78 -33.98
N ASN B 119 -3.43 18.75 -35.28
CA ASN B 119 -3.99 19.71 -36.22
C ASN B 119 -5.32 19.14 -36.72
N LYS B 120 -6.42 19.71 -36.22
CA LYS B 120 -7.74 19.25 -36.60
C LYS B 120 -7.99 19.30 -38.11
N ASP B 121 -7.52 20.36 -38.74
CA ASP B 121 -7.68 20.51 -40.19
C ASP B 121 -7.01 19.40 -40.99
N LEU B 122 -6.09 18.68 -40.37
CA LEU B 122 -5.38 17.61 -41.07
C LEU B 122 -5.77 16.26 -40.51
N LEU B 123 -5.87 16.20 -39.19
CA LEU B 123 -6.19 14.96 -38.52
C LEU B 123 -7.38 15.19 -37.61
N PRO B 124 -8.57 15.35 -38.21
CA PRO B 124 -9.80 15.58 -37.46
C PRO B 124 -10.04 14.49 -36.41
N ASN B 125 -9.59 13.29 -36.74
CA ASN B 125 -9.74 12.14 -35.86
C ASN B 125 -8.33 11.61 -35.63
N PRO B 126 -7.72 12.02 -34.52
CA PRO B 126 -6.36 11.59 -34.17
C PRO B 126 -6.25 10.12 -33.77
N PRO B 127 -5.10 9.51 -34.04
CA PRO B 127 -4.78 8.12 -33.75
C PRO B 127 -5.10 7.82 -32.31
N LYS B 128 -5.34 6.55 -31.99
CA LYS B 128 -5.60 6.18 -30.61
C LYS B 128 -4.44 5.33 -30.14
N THR B 129 -3.55 4.99 -31.08
CA THR B 129 -2.39 4.16 -30.78
C THR B 129 -1.17 4.50 -31.62
N TRP B 130 -0.01 4.29 -31.01
CA TRP B 130 1.27 4.53 -31.68
C TRP B 130 1.39 3.64 -32.91
N GLU B 131 0.90 2.42 -32.79
CA GLU B 131 1.00 1.44 -33.87
C GLU B 131 0.42 1.88 -35.21
N GLU B 132 -0.57 2.76 -35.17
CA GLU B 132 -1.20 3.20 -36.41
C GLU B 132 -0.55 4.45 -36.98
N ILE B 133 0.42 4.99 -36.24
CA ILE B 133 1.11 6.20 -36.65
C ILE B 133 1.82 6.07 -38.01
N PRO B 134 2.61 4.99 -38.18
CA PRO B 134 3.33 4.78 -39.42
C PRO B 134 2.46 4.98 -40.65
N ALA B 135 1.37 4.21 -40.70
CA ALA B 135 0.45 4.29 -41.83
C ALA B 135 -0.04 5.72 -42.00
N LEU B 136 -0.34 6.35 -40.88
CA LEU B 136 -0.82 7.72 -40.91
C LEU B 136 0.21 8.66 -41.54
N ASP B 137 1.48 8.42 -41.26
CA ASP B 137 2.52 9.26 -41.83
C ASP B 137 2.47 9.15 -43.36
N LYS B 138 2.38 7.92 -43.86
CA LYS B 138 2.29 7.68 -45.30
C LYS B 138 1.24 8.61 -45.90
N GLU B 139 0.02 8.54 -45.34
CA GLU B 139 -1.07 9.37 -45.83
C GLU B 139 -0.65 10.82 -45.93
N LEU B 140 -0.27 11.38 -44.80
CA LEU B 140 0.12 12.78 -44.73
C LEU B 140 1.30 13.13 -45.62
N LYS B 141 2.27 12.23 -45.68
CA LYS B 141 3.47 12.42 -46.49
C LYS B 141 3.09 12.68 -47.95
N ALA B 142 2.00 12.04 -48.39
CA ALA B 142 1.53 12.21 -49.75
C ALA B 142 1.04 13.64 -49.98
N LYS B 143 0.58 14.28 -48.92
CA LYS B 143 0.09 15.65 -49.01
C LYS B 143 1.17 16.65 -48.65
N GLY B 144 2.41 16.18 -48.53
CA GLY B 144 3.51 17.06 -48.18
C GLY B 144 3.53 17.44 -46.70
N LYS B 145 3.18 16.47 -45.86
CA LYS B 145 3.16 16.70 -44.42
C LYS B 145 3.68 15.44 -43.74
N SER B 146 3.76 15.47 -42.42
CA SER B 146 4.20 14.31 -41.65
C SER B 146 3.16 14.10 -40.56
N ALA B 147 3.11 12.90 -39.99
CA ALA B 147 2.11 12.62 -38.96
C ALA B 147 2.48 13.15 -37.57
N LEU B 148 3.72 12.92 -37.16
CA LEU B 148 4.13 13.34 -35.84
C LEU B 148 5.52 13.96 -35.73
N MET B 149 5.65 14.88 -34.79
CA MET B 149 6.92 15.55 -34.52
C MET B 149 6.98 16.11 -33.11
N PHE B 150 7.97 15.64 -32.36
CA PHE B 150 8.17 16.12 -31.00
C PHE B 150 9.64 16.04 -30.58
N ASN B 151 9.98 16.82 -29.58
CA ASN B 151 11.34 16.88 -29.08
C ASN B 151 11.90 15.50 -28.71
N LEU B 152 12.90 15.06 -29.46
CA LEU B 152 13.53 13.79 -29.22
C LEU B 152 14.84 13.96 -28.44
N GLN B 153 15.24 15.20 -28.22
CA GLN B 153 16.47 15.45 -27.51
C GLN B 153 16.28 15.29 -26.02
N GLU B 154 15.06 15.51 -25.56
CA GLU B 154 14.77 15.38 -24.15
C GLU B 154 13.99 14.10 -23.89
N PRO B 155 14.50 13.26 -22.99
CA PRO B 155 13.88 11.98 -22.60
C PRO B 155 12.49 12.15 -21.99
N TYR B 156 12.23 13.34 -21.47
CA TYR B 156 10.93 13.67 -20.89
C TYR B 156 9.81 13.34 -21.88
N PHE B 157 10.02 13.71 -23.12
CA PHE B 157 9.05 13.51 -24.16
C PHE B 157 8.94 12.08 -24.68
N THR B 158 9.98 11.30 -24.44
CA THR B 158 10.01 9.94 -24.95
C THR B 158 9.64 8.91 -23.90
N TRP B 159 9.77 9.30 -22.63
CA TRP B 159 9.48 8.41 -21.54
C TRP B 159 8.08 7.81 -21.54
N PRO B 160 7.07 8.63 -21.87
CA PRO B 160 5.69 8.14 -21.88
C PRO B 160 5.53 6.84 -22.64
N LEU B 161 6.19 6.76 -23.78
CA LEU B 161 6.13 5.58 -24.62
C LEU B 161 6.99 4.47 -24.03
N ILE B 162 8.21 4.83 -23.65
CA ILE B 162 9.11 3.86 -23.07
C ILE B 162 8.46 3.18 -21.87
N ALA B 163 7.75 3.97 -21.07
CA ALA B 163 7.11 3.46 -19.86
C ALA B 163 5.79 2.74 -20.06
N ALA B 164 5.05 3.11 -21.10
CA ALA B 164 3.75 2.51 -21.37
C ALA B 164 3.68 1.02 -21.10
N ASP B 165 4.55 0.26 -21.74
CA ASP B 165 4.56 -1.18 -21.59
C ASP B 165 5.48 -1.74 -20.50
N GLY B 166 5.64 -1.03 -19.39
CA GLY B 166 6.46 -1.57 -18.33
C GLY B 166 7.74 -0.88 -17.88
N GLY B 167 8.33 -0.03 -18.71
CA GLY B 167 9.55 0.62 -18.28
C GLY B 167 9.28 1.57 -17.12
N TYR B 168 10.26 1.75 -16.23
CA TYR B 168 10.09 2.67 -15.10
C TYR B 168 11.43 3.16 -14.55
N ALA B 169 11.38 4.24 -13.76
CA ALA B 169 12.61 4.79 -13.16
C ALA B 169 13.08 3.96 -11.98
N PHE B 170 12.45 4.19 -10.82
CA PHE B 170 12.77 3.46 -9.60
C PHE B 170 11.48 2.89 -9.03
N LYS B 171 11.51 1.63 -8.63
CA LYS B 171 10.31 0.99 -8.08
C LYS B 171 9.94 1.57 -6.72
N TYR B 172 8.66 1.87 -6.54
CA TYR B 172 8.17 2.42 -5.30
C TYR B 172 7.75 1.24 -4.44
N GLU B 173 8.54 0.94 -3.43
CA GLU B 173 8.27 -0.19 -2.54
C GLU B 173 7.86 0.20 -1.13
N ASN B 174 6.68 -0.27 -0.73
CA ASN B 174 6.12 -0.03 0.59
C ASN B 174 6.60 1.26 1.25
N GLY B 175 6.29 2.40 0.64
CA GLY B 175 6.68 3.67 1.23
C GLY B 175 7.66 4.54 0.48
N LYS B 176 8.73 3.97 -0.04
CA LYS B 176 9.71 4.77 -0.75
C LYS B 176 10.24 4.14 -2.03
N TYR B 177 11.28 4.75 -2.58
CA TYR B 177 11.91 4.33 -3.83
C TYR B 177 13.20 3.56 -3.60
N ASP B 178 13.27 2.36 -4.17
CA ASP B 178 14.46 1.53 -4.06
C ASP B 178 15.37 1.90 -5.21
N ILE B 179 16.44 2.61 -4.87
CA ILE B 179 17.38 3.05 -5.90
C ILE B 179 18.20 1.93 -6.49
N LYS B 180 17.98 0.71 -6.02
CA LYS B 180 18.72 -0.42 -6.58
C LYS B 180 17.88 -1.00 -7.69
N ASP B 181 16.57 -0.78 -7.60
CA ASP B 181 15.64 -1.30 -8.58
C ASP B 181 15.31 -0.25 -9.63
N VAL B 182 15.96 -0.36 -10.78
CA VAL B 182 15.75 0.55 -11.89
C VAL B 182 15.20 -0.21 -13.10
N GLY B 183 14.09 0.26 -13.66
CA GLY B 183 13.51 -0.42 -14.79
C GLY B 183 13.57 0.27 -16.14
N VAL B 184 14.77 0.63 -16.57
CA VAL B 184 14.92 1.28 -17.87
C VAL B 184 15.57 0.29 -18.83
N ASP B 185 16.02 -0.82 -18.26
CA ASP B 185 16.67 -1.88 -19.00
C ASP B 185 15.75 -3.07 -19.21
N ASN B 186 14.54 -3.00 -18.64
CA ASN B 186 13.61 -4.12 -18.77
C ASN B 186 13.00 -4.29 -20.15
N ALA B 187 12.24 -5.38 -20.26
CA ALA B 187 11.59 -5.73 -21.51
C ALA B 187 10.64 -4.67 -22.00
N GLY B 188 9.75 -4.22 -21.13
CA GLY B 188 8.79 -3.21 -21.51
C GLY B 188 9.40 -1.98 -22.11
N ALA B 189 10.47 -1.50 -21.47
CA ALA B 189 11.18 -0.30 -21.91
C ALA B 189 11.80 -0.49 -23.29
N LYS B 190 12.43 -1.63 -23.53
CA LYS B 190 13.06 -1.93 -24.82
C LYS B 190 12.03 -1.86 -25.94
N ALA B 191 10.89 -2.50 -25.72
CA ALA B 191 9.80 -2.51 -26.69
C ALA B 191 9.51 -1.09 -27.12
N GLY B 192 9.15 -0.26 -26.15
CA GLY B 192 8.85 1.13 -26.41
C GLY B 192 9.95 1.87 -27.15
N LEU B 193 11.17 1.83 -26.61
CA LEU B 193 12.27 2.52 -27.26
C LEU B 193 12.44 1.99 -28.66
N THR B 194 12.26 0.70 -28.83
CA THR B 194 12.39 0.10 -30.14
C THR B 194 11.40 0.68 -31.14
N PHE B 195 10.13 0.73 -30.74
CA PHE B 195 9.09 1.26 -31.60
C PHE B 195 9.52 2.64 -32.12
N LEU B 196 9.99 3.47 -31.19
CA LEU B 196 10.45 4.80 -31.50
C LEU B 196 11.54 4.70 -32.54
N VAL B 197 12.60 3.99 -32.18
CA VAL B 197 13.73 3.79 -33.08
C VAL B 197 13.28 3.38 -34.49
N ASP B 198 12.21 2.61 -34.56
CA ASP B 198 11.73 2.16 -35.85
C ASP B 198 11.10 3.29 -36.65
N LEU B 199 10.35 4.16 -35.99
CA LEU B 199 9.74 5.30 -36.67
C LEU B 199 10.85 6.09 -37.35
N ILE B 200 11.93 6.34 -36.60
CA ILE B 200 13.08 7.05 -37.13
C ILE B 200 13.61 6.19 -38.28
N LYS B 201 13.85 4.91 -38.00
CA LYS B 201 14.37 4.00 -39.00
C LYS B 201 13.61 4.10 -40.31
N ASN B 202 12.28 4.02 -40.24
CA ASN B 202 11.43 4.08 -41.43
C ASN B 202 11.08 5.49 -41.84
N LYS B 203 12.01 6.41 -41.62
CA LYS B 203 11.81 7.80 -41.99
C LYS B 203 10.42 8.34 -41.71
N HIS B 204 9.92 8.07 -40.51
CA HIS B 204 8.62 8.57 -40.09
C HIS B 204 8.88 9.67 -39.09
N MET B 205 10.16 9.86 -38.77
CA MET B 205 10.54 10.85 -37.79
C MET B 205 12.05 11.05 -37.85
N ASN B 206 12.51 12.26 -37.54
CA ASN B 206 13.92 12.58 -37.56
C ASN B 206 14.57 12.47 -36.19
N ALA B 207 15.65 11.70 -36.12
CA ALA B 207 16.37 11.50 -34.87
C ALA B 207 16.87 12.82 -34.26
N ASP B 208 17.19 13.79 -35.11
CA ASP B 208 17.71 15.06 -34.63
C ASP B 208 16.63 16.11 -34.36
N THR B 209 15.37 15.71 -34.37
CA THR B 209 14.29 16.67 -34.12
C THR B 209 14.30 17.07 -32.67
N ASP B 210 14.29 18.38 -32.43
CA ASP B 210 14.28 18.91 -31.06
C ASP B 210 13.02 19.74 -30.76
N TYR B 211 12.91 20.24 -29.54
CA TYR B 211 11.74 21.03 -29.16
C TYR B 211 11.41 22.11 -30.18
N SER B 212 12.43 22.88 -30.55
CA SER B 212 12.27 23.97 -31.51
C SER B 212 11.81 23.52 -32.89
N ILE B 213 12.54 22.60 -33.48
CA ILE B 213 12.19 22.08 -34.79
C ILE B 213 10.70 21.72 -34.83
N ALA B 214 10.32 20.89 -33.87
CA ALA B 214 8.97 20.40 -33.74
C ALA B 214 7.91 21.46 -33.44
N GLU B 215 8.21 22.38 -32.53
CA GLU B 215 7.23 23.40 -32.23
C GLU B 215 6.91 24.18 -33.49
N ALA B 216 7.97 24.55 -34.19
CA ALA B 216 7.87 25.33 -35.40
C ALA B 216 7.17 24.60 -36.52
N ALA B 217 7.38 23.30 -36.65
CA ALA B 217 6.72 22.56 -37.71
C ALA B 217 5.21 22.49 -37.47
N PHE B 218 4.83 22.15 -36.25
CA PHE B 218 3.43 22.03 -35.94
C PHE B 218 2.72 23.34 -36.09
N ASN B 219 3.35 24.40 -35.60
CA ASN B 219 2.76 25.71 -35.68
C ASN B 219 2.71 26.28 -37.08
N LYS B 220 3.42 25.66 -38.02
CA LYS B 220 3.41 26.07 -39.42
C LYS B 220 2.44 25.15 -40.15
N GLY B 221 1.92 24.15 -39.43
CA GLY B 221 0.98 23.22 -39.99
C GLY B 221 1.59 22.28 -41.01
N GLU B 222 2.81 21.83 -40.72
CA GLU B 222 3.54 20.92 -41.59
C GLU B 222 3.47 19.49 -41.06
N THR B 223 3.13 19.35 -39.78
CA THR B 223 3.00 18.03 -39.18
C THR B 223 1.65 18.00 -38.46
N ALA B 224 0.98 16.86 -38.55
CA ALA B 224 -0.35 16.66 -37.98
C ALA B 224 -0.41 16.60 -36.48
N MET B 225 0.65 16.10 -35.85
CA MET B 225 0.65 16.00 -34.40
C MET B 225 1.95 16.33 -33.75
N THR B 226 1.88 16.58 -32.45
CA THR B 226 3.05 16.89 -31.65
C THR B 226 2.72 16.49 -30.22
N ILE B 227 3.75 16.35 -29.39
CA ILE B 227 3.57 16.01 -27.99
C ILE B 227 4.21 17.12 -27.18
N ASN B 228 3.41 17.79 -26.36
CA ASN B 228 3.93 18.88 -25.54
C ASN B 228 3.08 19.13 -24.30
N GLY B 229 3.47 20.17 -23.55
CA GLY B 229 2.77 20.55 -22.33
C GLY B 229 1.98 21.84 -22.49
N PRO B 230 1.17 22.20 -21.48
CA PRO B 230 0.32 23.40 -21.43
C PRO B 230 1.01 24.66 -21.92
N TRP B 231 2.21 24.89 -21.40
CA TRP B 231 3.00 26.06 -21.76
C TRP B 231 3.06 26.27 -23.28
N ALA B 232 2.92 25.19 -24.03
CA ALA B 232 2.99 25.24 -25.47
C ALA B 232 1.79 25.81 -26.22
N TRP B 233 0.61 25.78 -25.61
CA TRP B 233 -0.62 26.24 -26.29
C TRP B 233 -0.61 27.68 -26.78
N SER B 234 0.00 28.57 -26.00
CA SER B 234 0.08 30.00 -26.35
C SER B 234 0.57 30.26 -27.76
N ASN B 235 1.74 29.70 -28.09
CA ASN B 235 2.31 29.88 -29.41
C ASN B 235 1.40 29.28 -30.46
N ILE B 236 0.70 28.21 -30.12
CA ILE B 236 -0.20 27.60 -31.08
C ILE B 236 -1.38 28.54 -31.29
N ASP B 237 -1.81 29.22 -30.23
CA ASP B 237 -2.91 30.17 -30.36
C ASP B 237 -2.48 31.18 -31.38
N THR B 238 -1.34 31.78 -31.08
CA THR B 238 -0.73 32.78 -31.94
C THR B 238 -0.64 32.35 -33.40
N SER B 239 -0.30 31.09 -33.61
CA SER B 239 -0.17 30.57 -34.96
C SER B 239 -1.50 30.32 -35.66
N LYS B 240 -2.60 30.67 -35.00
CA LYS B 240 -3.93 30.50 -35.60
C LYS B 240 -4.22 29.09 -36.09
N VAL B 241 -3.40 28.12 -35.67
CA VAL B 241 -3.60 26.74 -36.07
C VAL B 241 -4.78 26.17 -35.29
N ASN B 242 -5.64 25.42 -35.97
CA ASN B 242 -6.78 24.81 -35.31
C ASN B 242 -6.34 23.50 -34.68
N TYR B 243 -5.94 23.58 -33.41
CA TYR B 243 -5.47 22.39 -32.71
C TYR B 243 -6.40 21.83 -31.64
N GLY B 244 -6.11 20.58 -31.30
CA GLY B 244 -6.86 19.88 -30.29
C GLY B 244 -5.83 19.27 -29.38
N VAL B 245 -6.23 19.01 -28.14
CA VAL B 245 -5.34 18.40 -27.15
C VAL B 245 -6.07 17.18 -26.58
N THR B 246 -5.44 16.01 -26.68
CA THR B 246 -6.08 14.78 -26.18
C THR B 246 -5.11 13.76 -25.57
N VAL B 247 -5.61 12.57 -25.25
CA VAL B 247 -4.80 11.51 -24.66
C VAL B 247 -3.72 11.01 -25.61
N LEU B 248 -2.56 10.70 -25.04
CA LEU B 248 -1.46 10.20 -25.83
C LEU B 248 -1.86 8.83 -26.34
N PRO B 249 -1.42 8.46 -27.54
CA PRO B 249 -1.77 7.16 -28.09
C PRO B 249 -1.32 6.05 -27.16
N THR B 250 -1.76 4.83 -27.45
CA THR B 250 -1.40 3.68 -26.65
C THR B 250 -0.35 2.86 -27.38
N PHE B 251 0.33 2.01 -26.63
CA PHE B 251 1.37 1.15 -27.19
C PHE B 251 1.10 -0.25 -26.65
N LYS B 252 1.04 -1.23 -27.55
CA LYS B 252 0.76 -2.56 -27.11
C LYS B 252 -0.49 -2.50 -26.21
N GLY B 253 -1.42 -1.63 -26.58
CA GLY B 253 -2.66 -1.49 -25.84
C GLY B 253 -2.55 -0.78 -24.52
N GLN B 254 -1.32 -0.41 -24.13
CA GLN B 254 -1.09 0.28 -22.87
C GLN B 254 -1.13 1.79 -23.06
N PRO B 255 -1.51 2.55 -22.01
CA PRO B 255 -1.57 4.01 -22.07
C PRO B 255 -0.12 4.51 -21.96
N SER B 256 0.17 5.67 -22.51
CA SER B 256 1.52 6.19 -22.40
C SER B 256 1.62 6.76 -20.98
N LYS B 257 2.63 6.37 -20.21
CA LYS B 257 2.76 6.86 -18.85
C LYS B 257 3.72 8.05 -18.75
N PRO B 258 3.23 9.26 -18.99
CA PRO B 258 4.12 10.41 -18.89
C PRO B 258 4.47 10.68 -17.43
N PHE B 259 5.73 11.03 -17.19
CA PHE B 259 6.13 11.34 -15.82
C PHE B 259 5.46 12.67 -15.54
N VAL B 260 4.76 12.78 -14.42
CA VAL B 260 4.09 14.02 -14.14
C VAL B 260 4.92 14.93 -13.28
N GLY B 261 4.88 16.22 -13.62
CA GLY B 261 5.64 17.21 -12.88
C GLY B 261 4.82 18.31 -12.24
N VAL B 262 5.39 18.80 -11.15
CA VAL B 262 4.78 19.88 -10.39
C VAL B 262 5.72 21.06 -10.47
N LEU B 263 5.29 22.10 -11.15
CA LEU B 263 6.10 23.30 -11.24
C LEU B 263 6.15 23.85 -9.82
N SER B 264 7.36 23.92 -9.29
CA SER B 264 7.58 24.39 -7.93
C SER B 264 8.61 25.51 -7.88
N ALA B 265 8.55 26.29 -6.80
CA ALA B 265 9.43 27.41 -6.59
C ALA B 265 10.12 27.29 -5.24
N GLY B 266 11.44 27.14 -5.26
CA GLY B 266 12.17 27.00 -4.03
C GLY B 266 12.98 28.22 -3.64
N ILE B 267 13.20 28.38 -2.35
CA ILE B 267 13.97 29.53 -1.86
C ILE B 267 15.42 29.14 -1.67
N ASN B 268 16.29 29.89 -2.33
CA ASN B 268 17.72 29.68 -2.25
C ASN B 268 18.14 29.65 -0.79
N ALA B 269 18.81 28.58 -0.39
CA ALA B 269 19.25 28.45 0.98
C ALA B 269 20.03 29.71 1.39
N ALA B 270 20.73 30.32 0.45
CA ALA B 270 21.53 31.49 0.75
C ALA B 270 20.85 32.83 0.58
N SER B 271 19.67 32.87 -0.04
CA SER B 271 19.01 34.15 -0.21
C SER B 271 18.82 34.83 1.14
N PRO B 272 19.11 36.14 1.20
CA PRO B 272 18.98 36.92 2.41
C PRO B 272 17.57 37.56 2.45
N ASN B 273 16.79 37.27 1.41
CA ASN B 273 15.45 37.82 1.28
C ASN B 273 14.37 36.75 1.37
N LYS B 274 14.64 35.72 2.14
CA LYS B 274 13.70 34.61 2.32
C LYS B 274 12.31 35.10 2.73
N GLU B 275 12.27 36.07 3.63
CA GLU B 275 10.99 36.57 4.07
C GLU B 275 10.24 37.18 2.90
N LEU B 276 10.93 38.05 2.16
CA LEU B 276 10.31 38.69 1.01
C LEU B 276 9.87 37.62 0.02
N ALA B 277 10.77 36.67 -0.21
CA ALA B 277 10.51 35.58 -1.11
C ALA B 277 9.14 34.98 -0.84
N LYS B 278 8.92 34.52 0.39
CA LYS B 278 7.64 33.90 0.70
C LYS B 278 6.49 34.86 0.60
N GLU B 279 6.74 36.14 0.88
CA GLU B 279 5.66 37.12 0.82
C GLU B 279 5.20 37.22 -0.63
N PHE B 280 6.16 37.28 -1.54
CA PHE B 280 5.86 37.34 -2.95
C PHE B 280 5.15 36.07 -3.42
N LEU B 281 5.68 34.92 -3.01
CA LEU B 281 5.09 33.66 -3.40
C LEU B 281 3.71 33.39 -2.81
N GLU B 282 3.58 33.55 -1.49
CA GLU B 282 2.31 33.29 -0.85
C GLU B 282 1.22 34.33 -1.10
N ASN B 283 1.58 35.62 -1.07
CA ASN B 283 0.58 36.67 -1.26
C ASN B 283 0.47 37.30 -2.63
N TYR B 284 1.29 36.87 -3.57
CA TYR B 284 1.23 37.46 -4.89
C TYR B 284 1.09 36.45 -6.03
N LEU B 285 2.05 35.53 -6.14
CA LEU B 285 2.00 34.54 -7.19
C LEU B 285 0.87 33.53 -6.98
N LEU B 286 0.85 32.91 -5.82
CA LEU B 286 -0.16 31.92 -5.51
C LEU B 286 -1.51 32.49 -5.18
N THR B 287 -2.01 33.31 -6.07
CA THR B 287 -3.33 33.90 -5.90
C THR B 287 -3.99 33.78 -7.26
N ASP B 288 -5.30 33.92 -7.30
CA ASP B 288 -5.98 33.83 -8.56
C ASP B 288 -5.43 34.88 -9.53
N GLU B 289 -5.37 36.13 -9.08
CA GLU B 289 -4.86 37.17 -9.96
C GLU B 289 -3.41 36.89 -10.32
N GLY B 290 -2.67 36.26 -9.41
CA GLY B 290 -1.27 35.95 -9.68
C GLY B 290 -1.08 34.87 -10.74
N LEU B 291 -1.66 33.70 -10.49
CA LEU B 291 -1.55 32.60 -11.43
C LEU B 291 -2.16 33.02 -12.76
N GLU B 292 -3.24 33.79 -12.70
CA GLU B 292 -3.92 34.24 -13.91
C GLU B 292 -2.95 34.99 -14.84
N ALA B 293 -2.11 35.82 -14.26
CA ALA B 293 -1.16 36.61 -15.03
C ALA B 293 -0.11 35.76 -15.70
N VAL B 294 0.41 34.79 -14.96
CA VAL B 294 1.42 33.89 -15.51
C VAL B 294 0.78 32.96 -16.54
N ASN B 295 -0.39 32.44 -16.17
CA ASN B 295 -1.14 31.55 -17.02
C ASN B 295 -1.50 32.22 -18.34
N LYS B 296 -1.80 33.51 -18.31
CA LYS B 296 -2.17 34.21 -19.54
C LYS B 296 -0.98 34.36 -20.49
N ASP B 297 0.24 34.32 -19.95
CA ASP B 297 1.42 34.42 -20.81
C ASP B 297 1.60 33.03 -21.42
N LYS B 298 1.74 32.04 -20.55
CA LYS B 298 1.89 30.65 -20.97
C LYS B 298 1.25 29.78 -19.88
N PRO B 299 0.25 28.97 -20.27
CA PRO B 299 -0.48 28.07 -19.39
C PRO B 299 0.37 27.26 -18.42
N LEU B 300 -0.08 27.22 -17.18
CA LEU B 300 0.61 26.47 -16.15
C LEU B 300 0.03 25.07 -16.12
N GLY B 301 -1.15 24.91 -16.71
CA GLY B 301 -1.80 23.62 -16.71
C GLY B 301 -2.81 23.58 -15.58
N ALA B 302 -2.71 22.59 -14.71
CA ALA B 302 -3.62 22.49 -13.59
C ALA B 302 -2.92 23.07 -12.36
N VAL B 303 -3.21 24.32 -12.06
CA VAL B 303 -2.57 24.98 -10.93
C VAL B 303 -2.79 24.28 -9.60
N ALA B 304 -2.01 24.66 -8.60
CA ALA B 304 -2.09 24.06 -7.27
C ALA B 304 -3.07 24.76 -6.33
N LEU B 305 -3.34 26.02 -6.62
CA LEU B 305 -4.25 26.83 -5.84
C LEU B 305 -5.67 26.37 -6.15
N LYS B 306 -6.28 25.66 -5.20
CA LYS B 306 -7.64 25.15 -5.35
C LYS B 306 -8.60 26.14 -6.00
N SER B 307 -8.58 27.39 -5.54
CA SER B 307 -9.48 28.42 -6.05
C SER B 307 -9.39 28.71 -7.54
N TYR B 308 -8.19 28.92 -8.04
CA TYR B 308 -8.03 29.21 -9.45
C TYR B 308 -8.18 27.96 -10.32
N GLU B 309 -7.62 26.86 -9.86
CA GLU B 309 -7.73 25.62 -10.62
C GLU B 309 -9.21 25.31 -10.79
N GLU B 310 -9.97 25.59 -9.75
CA GLU B 310 -11.40 25.34 -9.76
C GLU B 310 -12.11 25.95 -10.94
N GLU B 311 -11.75 27.18 -11.33
CA GLU B 311 -12.44 27.80 -12.45
C GLU B 311 -11.92 27.41 -13.83
N LEU B 312 -10.59 27.26 -13.95
CA LEU B 312 -10.00 26.89 -15.23
C LEU B 312 -10.23 25.43 -15.57
N ALA B 313 -10.77 24.68 -14.61
CA ALA B 313 -11.01 23.25 -14.78
C ALA B 313 -11.88 22.90 -15.98
N LYS B 314 -12.81 23.80 -16.33
CA LYS B 314 -13.71 23.59 -17.45
C LYS B 314 -12.98 23.42 -18.79
N ASP B 315 -11.75 23.92 -18.86
CA ASP B 315 -10.95 23.84 -20.08
C ASP B 315 -10.52 22.42 -20.42
N PRO B 316 -11.07 21.86 -21.50
CA PRO B 316 -10.78 20.50 -21.97
C PRO B 316 -9.29 20.25 -22.16
N ARG B 317 -8.52 21.30 -22.39
CA ARG B 317 -7.09 21.14 -22.57
C ARG B 317 -6.53 20.70 -21.22
N ILE B 318 -6.91 21.37 -20.15
CA ILE B 318 -6.44 21.02 -18.82
C ILE B 318 -6.95 19.62 -18.52
N ALA B 319 -8.21 19.42 -18.87
CA ALA B 319 -8.87 18.15 -18.66
C ALA B 319 -8.05 17.00 -19.27
N ALA B 320 -7.68 17.13 -20.54
CA ALA B 320 -6.86 16.12 -21.21
C ALA B 320 -5.51 16.04 -20.51
N THR B 321 -5.02 17.19 -20.05
CA THR B 321 -3.75 17.22 -19.36
C THR B 321 -3.88 16.24 -18.20
N MET B 322 -4.88 16.49 -17.34
CA MET B 322 -5.10 15.64 -16.19
C MET B 322 -5.44 14.23 -16.60
N GLU B 323 -6.12 14.08 -17.73
CA GLU B 323 -6.45 12.74 -18.19
C GLU B 323 -5.16 11.97 -18.44
N ASN B 324 -4.19 12.64 -19.05
CA ASN B 324 -2.91 12.00 -19.32
C ASN B 324 -2.19 11.81 -17.99
N ALA B 325 -2.29 12.80 -17.12
CA ALA B 325 -1.64 12.72 -15.81
C ALA B 325 -2.11 11.46 -15.09
N GLN B 326 -3.41 11.20 -15.17
CA GLN B 326 -4.03 10.03 -14.56
C GLN B 326 -3.26 8.78 -14.97
N LYS B 327 -3.08 8.61 -16.27
CA LYS B 327 -2.41 7.45 -16.82
C LYS B 327 -0.91 7.35 -16.58
N GLY B 328 -0.28 8.46 -16.23
CA GLY B 328 1.15 8.43 -15.95
C GLY B 328 1.34 8.46 -14.45
N GLU B 329 2.52 8.85 -13.98
CA GLU B 329 2.73 8.95 -12.54
C GLU B 329 3.71 10.05 -12.15
N ILE B 330 3.41 10.71 -11.04
CA ILE B 330 4.25 11.79 -10.55
C ILE B 330 5.68 11.33 -10.40
N MET B 331 6.63 12.16 -10.82
CA MET B 331 8.03 11.82 -10.72
C MET B 331 8.52 11.77 -9.28
N PRO B 332 9.54 10.96 -9.03
CA PRO B 332 10.08 10.90 -7.67
C PRO B 332 10.84 12.23 -7.54
N ASN B 333 11.25 12.61 -6.34
CA ASN B 333 11.99 13.86 -6.19
C ASN B 333 13.35 13.54 -5.61
N ILE B 334 13.63 12.26 -5.53
CA ILE B 334 14.89 11.78 -4.98
C ILE B 334 16.09 12.26 -5.79
N PRO B 335 17.23 12.44 -5.12
CA PRO B 335 18.49 12.90 -5.72
C PRO B 335 18.93 12.10 -6.93
N GLN B 336 18.62 10.82 -6.94
CA GLN B 336 19.00 9.95 -8.03
C GLN B 336 18.39 10.34 -9.37
N MET B 337 17.35 11.18 -9.33
CA MET B 337 16.66 11.57 -10.57
C MET B 337 17.54 12.13 -11.68
N SER B 338 18.42 13.07 -11.38
CA SER B 338 19.27 13.65 -12.42
C SER B 338 20.15 12.59 -13.06
N ALA B 339 20.59 11.63 -12.25
CA ALA B 339 21.42 10.56 -12.77
C ALA B 339 20.56 9.80 -13.77
N PHE B 340 19.32 9.55 -13.36
CA PHE B 340 18.33 8.82 -14.17
C PHE B 340 18.13 9.52 -15.51
N TRP B 341 17.72 10.77 -15.42
CA TRP B 341 17.47 11.58 -16.59
C TRP B 341 18.69 11.58 -17.49
N TYR B 342 19.84 11.95 -16.94
CA TYR B 342 21.07 11.98 -17.71
C TYR B 342 21.36 10.63 -18.39
N ALA B 343 21.14 9.54 -17.67
CA ALA B 343 21.39 8.22 -18.24
C ALA B 343 20.42 7.91 -19.38
N VAL B 344 19.16 8.32 -19.22
CA VAL B 344 18.17 8.04 -20.24
C VAL B 344 18.31 8.95 -21.45
N ARG B 345 18.72 10.19 -21.21
CA ARG B 345 18.89 11.16 -22.29
C ARG B 345 19.77 10.52 -23.35
N THR B 346 21.06 10.34 -23.02
CA THR B 346 22.02 9.73 -23.93
C THR B 346 21.45 8.45 -24.58
N ALA B 347 20.91 7.57 -23.75
CA ALA B 347 20.36 6.32 -24.23
C ALA B 347 19.41 6.53 -25.39
N VAL B 348 18.29 7.18 -25.14
CA VAL B 348 17.31 7.42 -26.18
C VAL B 348 17.97 7.95 -27.42
N ILE B 349 18.64 9.08 -27.25
CA ILE B 349 19.37 9.77 -28.31
C ILE B 349 20.15 8.80 -29.19
N ASN B 350 21.20 8.24 -28.62
CA ASN B 350 22.06 7.32 -29.36
C ASN B 350 21.30 6.18 -30.04
N ALA B 351 20.40 5.53 -29.31
CA ALA B 351 19.63 4.45 -29.89
C ALA B 351 18.92 5.00 -31.12
N ALA B 352 18.29 6.15 -30.94
CA ALA B 352 17.57 6.81 -32.01
C ALA B 352 18.46 7.18 -33.18
N SER B 353 19.74 7.40 -32.93
CA SER B 353 20.65 7.77 -34.00
C SER B 353 21.21 6.54 -34.70
N GLY B 354 21.06 5.38 -34.08
CA GLY B 354 21.58 4.16 -34.68
C GLY B 354 23.02 3.88 -34.26
N ARG B 355 23.66 4.84 -33.60
CA ARG B 355 25.03 4.68 -33.15
C ARG B 355 25.10 3.64 -32.04
N GLN B 356 23.93 3.25 -31.56
CA GLN B 356 23.83 2.25 -30.50
C GLN B 356 22.50 1.50 -30.59
N THR B 357 22.51 0.24 -30.20
CA THR B 357 21.29 -0.56 -30.23
C THR B 357 20.50 -0.33 -28.95
N VAL B 358 19.20 -0.54 -29.02
CA VAL B 358 18.35 -0.32 -27.87
C VAL B 358 18.92 -1.05 -26.65
N ASP B 359 19.37 -2.28 -26.85
CA ASP B 359 19.93 -3.06 -25.76
C ASP B 359 21.20 -2.41 -25.22
N GLU B 360 22.16 -2.12 -26.10
CA GLU B 360 23.40 -1.48 -25.68
C GLU B 360 23.02 -0.26 -24.84
N ALA B 361 22.31 0.65 -25.47
CA ALA B 361 21.87 1.87 -24.84
C ALA B 361 21.24 1.70 -23.46
N LEU B 362 20.17 0.92 -23.38
CA LEU B 362 19.48 0.73 -22.11
C LEU B 362 20.35 0.01 -21.09
N LYS B 363 21.35 -0.73 -21.58
CA LYS B 363 22.27 -1.42 -20.70
C LYS B 363 23.00 -0.37 -19.87
N ASP B 364 23.63 0.55 -20.60
CA ASP B 364 24.39 1.64 -19.98
C ASP B 364 23.44 2.45 -19.13
N ALA B 365 22.29 2.74 -19.69
CA ALA B 365 21.26 3.50 -19.01
C ALA B 365 21.06 2.88 -17.62
N GLN B 366 20.79 1.59 -17.62
CA GLN B 366 20.57 0.87 -16.38
C GLN B 366 21.78 1.09 -15.48
N THR B 367 22.95 0.70 -15.97
CA THR B 367 24.15 0.87 -15.18
C THR B 367 24.26 2.26 -14.56
N ASN B 368 24.26 3.29 -15.39
CA ASN B 368 24.39 4.67 -14.93
C ASN B 368 23.34 5.11 -13.94
N ALA B 369 22.09 4.76 -14.19
CA ALA B 369 21.04 5.15 -13.29
C ALA B 369 21.29 4.47 -11.94
N ALA B 370 21.75 3.23 -12.00
CA ALA B 370 21.97 2.48 -10.78
C ALA B 370 23.34 2.69 -10.19
N ALA B 371 24.30 3.06 -11.02
CA ALA B 371 25.68 3.27 -10.59
C ALA B 371 25.78 3.87 -9.18
N GLU B 372 26.61 3.26 -8.33
CA GLU B 372 26.80 3.74 -6.97
C GLU B 372 27.70 4.96 -7.01
N PHE B 373 27.68 5.75 -5.95
CA PHE B 373 28.53 6.92 -5.92
C PHE B 373 29.94 6.43 -5.66
N VAL B 374 30.89 7.34 -5.61
CA VAL B 374 32.26 6.95 -5.33
C VAL B 374 32.85 7.87 -4.30
N ASP B 375 33.65 7.26 -3.43
CA ASP B 375 34.31 7.93 -2.33
C ASP B 375 34.59 9.42 -2.55
N ILE B 376 33.77 10.25 -1.90
CA ILE B 376 33.90 11.70 -2.00
C ILE B 376 35.34 12.18 -1.82
N SER B 377 36.20 11.31 -1.30
CA SER B 377 37.60 11.68 -1.12
C SER B 377 38.21 11.98 -2.49
N HIS B 378 38.07 11.04 -3.42
CA HIS B 378 38.60 11.20 -4.77
C HIS B 378 37.86 12.38 -5.41
N LYS B 379 38.58 13.40 -5.85
CA LYS B 379 37.91 14.53 -6.45
C LYS B 379 38.12 14.73 -7.95
N SER B 380 39.21 14.22 -8.50
CA SER B 380 39.42 14.42 -9.92
C SER B 380 39.36 13.15 -10.72
N PHE B 381 39.74 13.26 -11.98
CA PHE B 381 39.74 12.16 -12.90
C PHE B 381 40.89 12.39 -13.85
N PRO B 382 41.68 11.35 -14.14
CA PRO B 382 41.65 9.97 -13.68
C PRO B 382 41.68 9.79 -12.19
N ILE B 383 41.32 8.59 -11.76
CA ILE B 383 41.33 8.23 -10.35
C ILE B 383 42.76 7.80 -10.07
N SER B 384 43.49 8.62 -9.33
CA SER B 384 44.86 8.28 -9.02
C SER B 384 44.90 7.71 -7.61
N MET B 385 45.78 6.75 -7.38
CA MET B 385 45.86 6.21 -6.04
C MET B 385 47.11 6.77 -5.41
N PRO B 386 46.95 7.42 -4.26
CA PRO B 386 48.07 8.01 -3.53
C PRO B 386 49.11 6.93 -3.31
N MET B 387 50.38 7.29 -3.51
CA MET B 387 51.46 6.35 -3.32
C MET B 387 51.54 5.81 -1.88
N ILE B 388 50.97 6.56 -0.93
CA ILE B 388 50.98 6.12 0.46
C ILE B 388 50.04 4.93 0.54
N GLU B 389 48.82 5.15 0.08
CA GLU B 389 47.78 4.12 0.06
C GLU B 389 48.28 2.92 -0.72
N TYR B 390 48.92 3.19 -1.85
CA TYR B 390 49.47 2.14 -2.70
C TYR B 390 50.39 1.20 -1.94
N LEU B 391 51.37 1.77 -1.25
CA LEU B 391 52.31 0.97 -0.48
C LEU B 391 51.62 0.17 0.60
N GLU B 392 50.71 0.82 1.32
CA GLU B 392 49.99 0.15 2.39
C GLU B 392 49.25 -1.08 1.88
N ARG B 393 48.45 -0.88 0.84
CA ARG B 393 47.63 -1.95 0.29
C ARG B 393 48.32 -3.04 -0.53
N PHE B 394 49.46 -2.74 -1.11
CA PHE B 394 50.11 -3.74 -1.94
C PHE B 394 51.47 -4.21 -1.51
N SER B 395 52.07 -3.57 -0.51
CA SER B 395 53.39 -3.98 -0.08
C SER B 395 53.54 -4.16 1.41
N LEU B 396 53.30 -3.09 2.16
CA LEU B 396 53.42 -3.14 3.62
C LEU B 396 52.28 -3.89 4.26
N LYS B 397 51.14 -3.91 3.57
CA LYS B 397 49.97 -4.59 4.10
C LYS B 397 49.69 -4.05 5.50
N ALA B 398 49.89 -2.75 5.70
CA ALA B 398 49.64 -2.12 6.99
C ALA B 398 49.53 -0.61 6.79
N LYS B 399 48.88 0.07 7.72
CA LYS B 399 48.71 1.51 7.60
C LYS B 399 49.98 2.27 7.99
N ILE B 400 50.30 3.31 7.22
CA ILE B 400 51.47 4.13 7.47
C ILE B 400 51.11 5.34 8.33
N ASN B 401 52.01 5.76 9.21
CA ASN B 401 51.76 6.91 10.08
C ASN B 401 53.05 7.62 10.47
N ASN B 402 52.91 8.74 11.18
CA ASN B 402 54.04 9.55 11.61
C ASN B 402 55.18 8.84 12.35
N THR B 403 55.13 7.52 12.46
CA THR B 403 56.19 6.78 13.14
C THR B 403 56.81 5.73 12.22
N THR B 404 56.01 5.19 11.30
CA THR B 404 56.47 4.19 10.36
C THR B 404 57.91 4.40 9.90
N ASN B 405 58.69 3.33 9.95
CA ASN B 405 60.08 3.39 9.50
C ASN B 405 60.18 2.38 8.38
N LEU B 406 60.48 2.86 7.18
CA LEU B 406 60.57 1.98 6.04
C LEU B 406 61.84 1.12 5.96
N ASP B 407 62.82 1.39 6.81
CA ASP B 407 64.07 0.61 6.83
C ASP B 407 63.72 -0.85 7.04
N TYR B 408 62.75 -1.08 7.92
CA TYR B 408 62.32 -2.41 8.25
C TYR B 408 61.79 -3.15 7.03
N SER B 409 61.36 -2.40 6.01
CA SER B 409 60.78 -3.00 4.80
C SER B 409 61.66 -2.96 3.55
N ARG B 410 62.78 -2.24 3.61
CA ARG B 410 63.69 -2.14 2.48
C ARG B 410 63.71 -3.40 1.63
N ARG B 411 64.03 -4.52 2.26
CA ARG B 411 64.13 -5.81 1.61
C ARG B 411 63.18 -5.96 0.44
N PHE B 412 61.88 -5.83 0.71
CA PHE B 412 60.90 -6.01 -0.34
C PHE B 412 60.42 -4.72 -1.00
N LEU B 413 60.43 -3.61 -0.27
CA LEU B 413 60.00 -2.34 -0.84
C LEU B 413 60.75 -1.99 -2.12
N GLU B 414 62.08 -2.11 -2.07
CA GLU B 414 62.93 -1.76 -3.20
C GLU B 414 62.53 -2.42 -4.53
N PRO B 415 62.41 -3.75 -4.55
CA PRO B 415 62.03 -4.42 -5.80
C PRO B 415 60.61 -4.01 -6.22
N PHE B 416 59.80 -3.64 -5.23
CA PHE B 416 58.43 -3.23 -5.46
C PHE B 416 58.33 -1.85 -6.09
N LEU B 417 59.36 -1.03 -5.88
CA LEU B 417 59.38 0.32 -6.39
C LEU B 417 60.18 0.50 -7.66
N ARG B 418 61.05 -0.47 -7.97
CA ARG B 418 61.86 -0.38 -9.19
C ARG B 418 60.98 -0.45 -10.43
N GLY B 419 61.14 0.51 -11.33
CA GLY B 419 60.34 0.54 -12.54
C GLY B 419 59.10 1.43 -12.43
N ILE B 420 58.51 1.47 -11.24
CA ILE B 420 57.32 2.27 -10.96
C ILE B 420 57.35 3.70 -11.48
N ASN B 421 56.32 4.09 -12.21
CA ASN B 421 56.21 5.46 -12.70
C ASN B 421 55.25 6.10 -11.74
N VAL B 422 55.54 7.32 -11.33
CA VAL B 422 54.67 7.99 -10.36
C VAL B 422 54.38 9.41 -10.77
N VAL B 423 53.27 9.94 -10.28
CA VAL B 423 52.95 11.32 -10.60
C VAL B 423 53.22 12.15 -9.39
N TYR B 424 54.26 12.97 -9.48
CA TYR B 424 54.63 13.86 -8.40
C TYR B 424 53.89 15.17 -8.63
N THR B 425 53.19 15.63 -7.60
CA THR B 425 52.47 16.86 -7.73
C THR B 425 52.72 17.69 -6.48
N PRO B 426 53.46 18.80 -6.66
CA PRO B 426 53.85 19.76 -5.63
C PRO B 426 52.69 20.48 -5.01
N PRO B 427 52.90 21.04 -3.81
CA PRO B 427 51.83 21.77 -3.16
C PRO B 427 51.42 22.92 -4.09
N GLN B 428 50.16 23.31 -4.05
CA GLN B 428 49.68 24.37 -4.90
C GLN B 428 50.50 25.64 -4.70
N SER B 429 50.76 26.01 -3.45
CA SER B 429 51.52 27.22 -3.17
C SER B 429 52.86 27.31 -3.90
N PHE B 430 53.38 26.16 -4.32
CA PHE B 430 54.66 26.14 -5.01
C PHE B 430 54.60 26.69 -6.42
N GLN B 431 53.39 26.89 -6.91
CA GLN B 431 53.21 27.41 -8.26
C GLN B 431 53.99 26.62 -9.30
N SER B 432 53.99 25.31 -9.19
CA SER B 432 54.71 24.47 -10.15
C SER B 432 53.70 23.60 -10.86
N ALA B 433 54.14 22.47 -11.40
CA ALA B 433 53.24 21.57 -12.11
C ALA B 433 53.59 20.10 -11.91
N PRO B 434 52.56 19.24 -11.94
CA PRO B 434 52.66 17.79 -11.79
C PRO B 434 53.62 17.26 -12.84
N ARG B 435 54.29 16.16 -12.52
CA ARG B 435 55.23 15.57 -13.45
C ARG B 435 55.30 14.08 -13.23
N VAL B 436 55.65 13.35 -14.29
CA VAL B 436 55.79 11.92 -14.18
C VAL B 436 57.27 11.61 -14.00
N TYR B 437 57.58 10.72 -13.06
CA TYR B 437 58.95 10.35 -12.79
C TYR B 437 59.02 8.83 -12.69
N ARG B 438 60.19 8.27 -12.99
CA ARG B 438 60.39 6.83 -12.91
C ARG B 438 61.10 6.58 -11.59
N VAL B 439 60.51 5.74 -10.75
CA VAL B 439 61.11 5.44 -9.46
C VAL B 439 62.22 4.40 -9.56
N ASN B 440 63.40 4.78 -9.06
CA ASN B 440 64.55 3.89 -9.05
C ASN B 440 64.60 3.17 -7.72
N GLY B 441 64.02 3.77 -6.69
CA GLY B 441 64.04 3.12 -5.39
C GLY B 441 63.84 4.04 -4.22
N LEU B 442 64.00 3.49 -3.02
CA LEU B 442 63.85 4.24 -1.78
C LEU B 442 65.08 5.02 -1.48
N SER B 443 64.89 6.13 -0.76
CA SER B 443 66.01 6.98 -0.40
C SER B 443 66.79 6.22 0.65
N ARG B 444 67.96 6.75 1.00
CA ARG B 444 68.81 6.14 1.99
C ARG B 444 68.22 6.41 3.35
N ALA B 445 67.75 7.63 3.54
CA ALA B 445 67.18 8.03 4.83
C ALA B 445 65.83 8.78 4.74
N PRO B 446 65.20 9.01 5.90
CA PRO B 446 63.92 9.72 6.03
C PRO B 446 64.08 11.14 5.53
N ALA B 447 62.97 11.77 5.15
CA ALA B 447 63.02 13.14 4.64
C ALA B 447 63.62 14.13 5.64
N SER B 448 63.41 13.85 6.91
CA SER B 448 63.92 14.71 7.98
C SER B 448 65.42 14.51 8.22
N SER B 449 65.98 13.46 7.65
CA SER B 449 67.40 13.17 7.80
C SER B 449 68.12 13.38 6.48
N GLU B 450 67.42 13.13 5.38
CA GLU B 450 67.98 13.30 4.05
C GLU B 450 68.32 14.76 3.80
N THR B 451 69.60 15.04 3.56
CA THR B 451 70.02 16.41 3.36
C THR B 451 70.55 16.70 1.97
N PHE B 452 70.65 18.00 1.68
CA PHE B 452 71.17 18.50 0.42
C PHE B 452 71.62 19.95 0.67
N GLU B 453 72.36 20.53 -0.29
CA GLU B 453 72.89 21.89 -0.14
C GLU B 453 72.70 22.75 -1.38
N HIS B 454 72.47 24.04 -1.15
CA HIS B 454 72.29 25.00 -2.23
C HIS B 454 72.78 26.36 -1.75
N ASP B 455 73.29 27.17 -2.68
CA ASP B 455 73.80 28.49 -2.34
C ASP B 455 74.71 28.38 -1.11
N GLY B 456 75.34 27.21 -0.98
CA GLY B 456 76.25 26.98 0.12
C GLY B 456 75.65 26.72 1.49
N LYS B 457 74.51 26.03 1.54
CA LYS B 457 73.87 25.73 2.80
C LYS B 457 73.33 24.33 2.84
N LYS B 458 73.44 23.68 3.99
CA LYS B 458 72.96 22.32 4.14
C LYS B 458 71.56 22.37 4.75
N VAL B 459 70.65 21.66 4.13
CA VAL B 459 69.27 21.65 4.58
C VAL B 459 68.67 20.27 4.35
N THR B 460 67.72 19.86 5.18
CA THR B 460 67.08 18.56 4.99
C THR B 460 65.85 18.81 4.15
N ILE B 461 65.38 17.77 3.50
CA ILE B 461 64.19 17.87 2.69
C ILE B 461 63.03 18.33 3.57
N ALA B 462 62.89 17.68 4.73
CA ALA B 462 61.82 18.02 5.67
C ALA B 462 61.93 19.49 6.01
N SER B 463 63.14 19.88 6.38
CA SER B 463 63.44 21.25 6.74
C SER B 463 62.95 22.17 5.63
N TYR B 464 63.42 21.90 4.42
CA TYR B 464 63.06 22.71 3.26
C TYR B 464 61.56 22.89 3.10
N PHE B 465 60.82 21.80 3.11
CA PHE B 465 59.39 21.89 2.96
C PHE B 465 58.77 22.78 4.02
N HIS B 466 59.16 22.58 5.28
CA HIS B 466 58.61 23.41 6.35
C HIS B 466 58.81 24.88 6.00
N SER B 467 60.01 25.22 5.57
CA SER B 467 60.33 26.60 5.22
C SER B 467 59.46 27.15 4.10
N ARG B 468 58.90 26.28 3.27
CA ARG B 468 58.07 26.74 2.17
C ARG B 468 56.61 26.58 2.56
N ASN B 469 56.37 26.54 3.86
CA ASN B 469 55.04 26.41 4.42
C ASN B 469 54.27 25.15 4.06
N TYR B 470 54.99 24.06 3.83
CA TYR B 470 54.31 22.82 3.55
C TYR B 470 54.97 21.74 4.38
N PRO B 471 54.70 21.75 5.68
CA PRO B 471 55.23 20.78 6.65
C PRO B 471 54.80 19.39 6.21
N LEU B 472 55.75 18.53 5.86
CA LEU B 472 55.37 17.20 5.43
C LEU B 472 54.62 16.43 6.51
N LYS B 473 53.61 15.70 6.07
CA LYS B 473 52.78 14.89 6.93
C LYS B 473 53.60 13.79 7.60
N PHE B 474 54.51 13.16 6.85
CA PHE B 474 55.32 12.08 7.38
C PHE B 474 56.83 12.30 7.22
N PRO B 475 57.39 13.28 7.94
CA PRO B 475 58.81 13.59 7.88
C PRO B 475 59.74 12.39 8.09
N GLN B 476 59.29 11.40 8.85
CA GLN B 476 60.13 10.24 9.09
C GLN B 476 60.17 9.18 8.02
N LEU B 477 59.42 9.36 6.94
CA LEU B 477 59.44 8.36 5.89
C LEU B 477 60.60 8.59 4.93
N HIS B 478 61.04 7.52 4.30
CA HIS B 478 62.09 7.63 3.32
C HIS B 478 61.39 8.15 2.07
N CYS B 479 62.13 8.85 1.21
CA CYS B 479 61.54 9.39 -0.01
C CYS B 479 61.74 8.44 -1.17
N LEU B 480 61.07 8.73 -2.27
CA LEU B 480 61.21 7.92 -3.47
C LEU B 480 62.35 8.53 -4.26
N ASN B 481 63.30 7.69 -4.61
CA ASN B 481 64.43 8.15 -5.39
C ASN B 481 64.11 8.09 -6.87
N VAL B 482 64.09 9.26 -7.50
CA VAL B 482 63.80 9.34 -8.91
C VAL B 482 65.09 9.71 -9.64
N GLY B 483 66.16 9.90 -8.87
CA GLY B 483 67.44 10.24 -9.46
C GLY B 483 67.83 9.21 -10.51
N SER B 484 67.62 9.57 -11.78
CA SER B 484 67.93 8.70 -12.91
C SER B 484 69.29 8.02 -12.78
N SER B 485 70.31 8.79 -12.45
CA SER B 485 71.65 8.24 -12.27
C SER B 485 72.04 8.33 -10.80
N ILE B 486 73.33 8.32 -10.53
CA ILE B 486 73.81 8.41 -9.15
C ILE B 486 73.47 9.80 -8.62
N LYS B 487 72.79 10.57 -9.47
CA LYS B 487 72.34 11.91 -9.13
C LYS B 487 70.92 11.71 -8.59
N SER B 488 70.79 11.56 -7.28
CA SER B 488 69.48 11.32 -6.72
C SER B 488 68.54 12.52 -6.71
N ILE B 489 67.26 12.19 -6.78
CA ILE B 489 66.18 13.14 -6.76
C ILE B 489 65.21 12.44 -5.83
N LEU B 490 65.07 12.99 -4.62
CA LEU B 490 64.20 12.39 -3.62
C LEU B 490 62.89 13.08 -3.51
N LEU B 491 61.82 12.29 -3.59
CA LEU B 491 60.49 12.86 -3.52
C LEU B 491 59.74 12.28 -2.34
N PRO B 492 59.12 13.14 -1.53
CA PRO B 492 58.36 12.65 -0.38
C PRO B 492 57.12 11.89 -0.86
N ILE B 493 57.04 10.61 -0.50
CA ILE B 493 55.93 9.74 -0.91
C ILE B 493 54.52 10.35 -0.85
N GLU B 494 54.26 11.17 0.17
CA GLU B 494 52.94 11.77 0.31
C GLU B 494 52.54 12.70 -0.83
N LEU B 495 53.50 13.10 -1.66
CA LEU B 495 53.20 13.99 -2.78
C LEU B 495 53.22 13.25 -4.11
N CYS B 496 53.13 11.92 -4.04
CA CYS B 496 53.16 11.09 -5.24
C CYS B 496 51.97 10.14 -5.35
N SER B 497 51.64 9.75 -6.57
CA SER B 497 50.53 8.82 -6.81
C SER B 497 50.77 8.01 -8.08
N ILE B 498 49.98 6.96 -8.27
CA ILE B 498 50.10 6.10 -9.44
C ILE B 498 48.76 6.05 -10.18
N GLU B 499 48.82 6.06 -11.52
CA GLU B 499 47.62 6.03 -12.36
C GLU B 499 47.46 4.67 -13.06
N GLU C 4 -4.19 -19.65 43.51
CA GLU C 4 -4.72 -18.34 43.96
C GLU C 4 -5.64 -18.46 45.18
N GLU C 5 -6.13 -17.32 45.65
CA GLU C 5 -7.04 -17.22 46.79
C GLU C 5 -8.24 -16.34 46.43
N GLY C 6 -9.06 -16.02 47.45
CA GLY C 6 -10.21 -15.15 47.26
C GLY C 6 -9.86 -13.67 47.50
N LYS C 7 -8.81 -13.18 46.84
CA LYS C 7 -8.34 -11.78 46.98
C LYS C 7 -7.78 -11.28 45.64
N LEU C 8 -6.91 -10.26 45.70
CA LEU C 8 -6.31 -9.71 44.48
C LEU C 8 -4.79 -9.54 44.52
N VAL C 9 -4.11 -10.23 43.62
CA VAL C 9 -2.65 -10.14 43.50
C VAL C 9 -2.33 -9.57 42.12
N ILE C 10 -1.54 -8.51 42.11
CA ILE C 10 -1.17 -7.83 40.90
C ILE C 10 0.33 -7.81 40.63
N TRP C 11 0.69 -7.99 39.36
CA TRP C 11 2.09 -7.96 38.94
C TRP C 11 2.27 -6.84 37.92
N ILE C 12 3.19 -5.94 38.20
CA ILE C 12 3.48 -4.86 37.29
C ILE C 12 5.01 -4.74 37.26
N ASN C 13 5.55 -4.16 36.21
CA ASN C 13 7.00 -4.05 36.11
C ASN C 13 7.58 -3.01 37.06
N GLY C 14 8.74 -3.34 37.64
CA GLY C 14 9.43 -2.48 38.58
C GLY C 14 9.71 -1.03 38.18
N ASP C 15 9.86 -0.75 36.89
CA ASP C 15 10.12 0.62 36.50
C ASP C 15 8.84 1.46 36.58
N LYS C 16 7.71 0.76 36.74
CA LYS C 16 6.41 1.41 36.83
C LYS C 16 6.12 1.88 38.26
N GLY C 17 4.99 2.56 38.43
CA GLY C 17 4.62 3.09 39.74
C GLY C 17 3.80 2.13 40.60
N TYR C 18 4.44 1.03 41.04
CA TYR C 18 3.76 0.04 41.87
C TYR C 18 3.35 0.54 43.25
N ASN C 19 4.04 1.55 43.75
CA ASN C 19 3.68 2.08 45.05
C ASN C 19 2.37 2.86 44.90
N GLY C 20 2.22 3.48 43.74
CA GLY C 20 1.01 4.25 43.48
C GLY C 20 -0.15 3.31 43.20
N LEU C 21 0.09 2.29 42.39
CA LEU C 21 -0.93 1.31 42.08
C LEU C 21 -1.44 0.72 43.39
N ALA C 22 -0.52 0.51 44.30
CA ALA C 22 -0.84 -0.05 45.59
C ALA C 22 -1.69 0.91 46.43
N GLU C 23 -1.48 2.20 46.27
CA GLU C 23 -2.28 3.17 47.02
C GLU C 23 -3.71 2.95 46.60
N VAL C 24 -3.90 2.66 45.32
CA VAL C 24 -5.23 2.41 44.79
C VAL C 24 -5.75 1.14 45.48
N GLY C 25 -4.90 0.12 45.55
CA GLY C 25 -5.28 -1.12 46.18
C GLY C 25 -5.83 -0.90 47.58
N LYS C 26 -5.19 -0.02 48.34
CA LYS C 26 -5.64 0.25 49.70
C LYS C 26 -7.03 0.87 49.65
N LYS C 27 -7.21 1.83 48.75
CA LYS C 27 -8.49 2.50 48.60
C LYS C 27 -9.58 1.46 48.30
N PHE C 28 -9.19 0.41 47.58
CA PHE C 28 -10.10 -0.65 47.22
C PHE C 28 -10.48 -1.50 48.44
N GLU C 29 -9.49 -1.85 49.24
CA GLU C 29 -9.71 -2.65 50.44
C GLU C 29 -10.60 -1.90 51.44
N LYS C 30 -10.32 -0.61 51.61
CA LYS C 30 -11.09 0.23 52.52
C LYS C 30 -12.57 0.25 52.13
N ASP C 31 -12.86 -0.07 50.88
CA ASP C 31 -14.24 -0.07 50.39
C ASP C 31 -14.84 -1.47 50.26
N THR C 32 -14.01 -2.49 50.06
CA THR C 32 -14.50 -3.84 49.88
C THR C 32 -14.00 -4.83 50.91
N GLY C 33 -12.88 -4.50 51.53
CA GLY C 33 -12.29 -5.39 52.50
C GLY C 33 -11.38 -6.37 51.79
N ILE C 34 -11.43 -6.35 50.45
CA ILE C 34 -10.59 -7.23 49.65
C ILE C 34 -9.18 -6.71 49.62
N LYS C 35 -8.26 -7.53 50.10
CA LYS C 35 -6.86 -7.12 50.15
C LYS C 35 -6.24 -7.26 48.77
N VAL C 36 -5.62 -6.18 48.34
CA VAL C 36 -4.95 -6.12 47.05
C VAL C 36 -3.44 -6.05 47.29
N THR C 37 -2.74 -7.03 46.74
CA THR C 37 -1.29 -7.09 46.87
C THR C 37 -0.61 -6.90 45.52
N VAL C 38 0.34 -5.99 45.49
CA VAL C 38 1.07 -5.70 44.26
C VAL C 38 2.53 -6.13 44.37
N GLU C 39 2.99 -6.85 43.36
CA GLU C 39 4.36 -7.33 43.34
C GLU C 39 5.02 -6.99 42.01
N HIS C 40 6.35 -6.89 42.02
CA HIS C 40 7.07 -6.59 40.80
C HIS C 40 8.27 -7.51 40.62
N PRO C 41 8.00 -8.75 40.17
CA PRO C 41 9.02 -9.77 39.94
C PRO C 41 9.92 -9.46 38.75
N ASP C 42 11.16 -9.96 38.79
CA ASP C 42 12.08 -9.74 37.69
C ASP C 42 11.61 -10.54 36.49
N LYS C 43 11.79 -9.98 35.30
CA LYS C 43 11.39 -10.66 34.08
C LYS C 43 9.98 -11.18 34.19
N LEU C 44 9.05 -10.34 34.66
CA LEU C 44 7.69 -10.80 34.82
C LEU C 44 7.03 -11.19 33.51
N GLU C 45 7.28 -10.40 32.47
CA GLU C 45 6.70 -10.69 31.17
C GLU C 45 7.10 -12.11 30.78
N GLU C 46 8.18 -12.59 31.39
CA GLU C 46 8.71 -13.92 31.11
C GLU C 46 8.13 -14.97 32.06
N LYS C 47 8.02 -14.63 33.34
CA LYS C 47 7.50 -15.54 34.35
C LYS C 47 6.01 -15.77 34.28
N PHE C 48 5.25 -14.72 34.01
CA PHE C 48 3.80 -14.88 33.94
C PHE C 48 3.39 -16.09 33.10
N PRO C 49 3.84 -16.14 31.85
CA PRO C 49 3.50 -17.26 30.98
C PRO C 49 3.80 -18.62 31.59
N GLN C 50 4.95 -18.73 32.23
CA GLN C 50 5.38 -19.99 32.85
C GLN C 50 4.44 -20.44 33.96
N VAL C 51 4.28 -19.58 34.95
CA VAL C 51 3.41 -19.87 36.09
C VAL C 51 1.92 -19.97 35.74
N ALA C 52 1.45 -19.04 34.91
CA ALA C 52 0.05 -19.02 34.51
C ALA C 52 -0.29 -20.30 33.77
N ALA C 53 0.70 -20.92 33.15
CA ALA C 53 0.48 -22.17 32.43
C ALA C 53 0.11 -23.26 33.46
N THR C 54 0.74 -23.18 34.61
CA THR C 54 0.51 -24.15 35.69
C THR C 54 -0.83 -23.85 36.34
N GLY C 55 -1.37 -22.69 36.03
CA GLY C 55 -2.63 -22.30 36.62
C GLY C 55 -2.32 -21.41 37.82
N ASP C 56 -1.08 -20.94 37.88
CA ASP C 56 -0.65 -20.07 38.97
C ASP C 56 -0.42 -18.66 38.44
N GLY C 57 0.16 -17.80 39.27
CA GLY C 57 0.42 -16.43 38.85
C GLY C 57 -0.49 -15.44 39.54
N PRO C 58 -0.40 -14.15 39.21
CA PRO C 58 -1.25 -13.15 39.83
C PRO C 58 -2.63 -13.13 39.20
N ASP C 59 -3.54 -12.35 39.79
CA ASP C 59 -4.88 -12.21 39.27
C ASP C 59 -4.81 -11.23 38.11
N ILE C 60 -4.14 -10.10 38.34
CA ILE C 60 -3.93 -9.07 37.32
C ILE C 60 -2.47 -9.01 36.89
N ILE C 61 -2.24 -8.82 35.59
CA ILE C 61 -0.90 -8.75 35.02
C ILE C 61 -0.82 -7.48 34.18
N PHE C 62 0.16 -6.63 34.52
CA PHE C 62 0.39 -5.38 33.82
C PHE C 62 1.62 -5.44 32.94
N TRP C 63 1.45 -5.09 31.67
CA TRP C 63 2.56 -5.05 30.71
C TRP C 63 2.14 -4.32 29.45
N ALA C 64 3.09 -4.09 28.55
CA ALA C 64 2.78 -3.42 27.30
C ALA C 64 1.92 -4.41 26.51
N HIS C 65 0.96 -3.88 25.77
CA HIS C 65 0.06 -4.72 25.01
C HIS C 65 0.69 -5.78 24.11
N ASP C 66 1.90 -5.54 23.60
CA ASP C 66 2.55 -6.47 22.69
C ASP C 66 2.68 -7.91 23.17
N ARG C 67 2.72 -8.13 24.49
CA ARG C 67 2.86 -9.49 25.04
C ARG C 67 1.57 -10.28 25.19
N PHE C 68 0.47 -9.57 25.40
CA PHE C 68 -0.84 -10.20 25.61
C PHE C 68 -1.37 -11.09 24.49
N GLY C 69 -1.00 -10.79 23.25
CA GLY C 69 -1.46 -11.60 22.15
C GLY C 69 -1.01 -13.03 22.35
N GLY C 70 0.27 -13.17 22.67
CA GLY C 70 0.83 -14.49 22.91
C GLY C 70 0.21 -15.13 24.12
N TYR C 71 -0.07 -14.31 25.13
CA TYR C 71 -0.70 -14.80 26.35
C TYR C 71 -2.08 -15.30 26.00
N ALA C 72 -2.85 -14.45 25.32
CA ALA C 72 -4.19 -14.79 24.92
C ALA C 72 -4.13 -16.08 24.13
N GLN C 73 -3.17 -16.17 23.22
CA GLN C 73 -3.03 -17.36 22.42
C GLN C 73 -2.79 -18.58 23.30
N SER C 74 -1.96 -18.43 24.32
CA SER C 74 -1.69 -19.57 25.19
C SER C 74 -2.86 -19.76 26.14
N GLY C 75 -3.94 -19.02 25.88
CA GLY C 75 -5.13 -19.11 26.71
C GLY C 75 -4.82 -18.83 28.17
N LEU C 76 -3.98 -17.83 28.42
CA LEU C 76 -3.61 -17.48 29.78
C LEU C 76 -4.34 -16.25 30.28
N LEU C 77 -5.07 -15.61 29.37
CA LEU C 77 -5.80 -14.42 29.72
C LEU C 77 -7.29 -14.63 29.59
N ALA C 78 -8.04 -13.90 30.40
CA ALA C 78 -9.49 -13.97 30.39
C ALA C 78 -10.02 -12.87 29.50
N GLU C 79 -11.19 -13.09 28.90
CA GLU C 79 -11.79 -12.07 28.06
C GLU C 79 -12.45 -11.09 29.00
N ILE C 80 -12.01 -9.84 28.96
CA ILE C 80 -12.57 -8.81 29.83
C ILE C 80 -13.94 -8.45 29.26
N THR C 81 -14.84 -7.96 30.12
CA THR C 81 -16.19 -7.62 29.68
C THR C 81 -16.67 -6.22 30.04
N PRO C 82 -16.07 -5.19 29.45
CA PRO C 82 -16.51 -3.82 29.74
C PRO C 82 -17.66 -3.52 28.81
N ASP C 83 -18.68 -2.81 29.29
CA ASP C 83 -19.79 -2.48 28.41
C ASP C 83 -19.48 -1.18 27.67
N LYS C 84 -20.31 -0.85 26.69
CA LYS C 84 -20.12 0.37 25.90
C LYS C 84 -19.94 1.61 26.76
N ALA C 85 -20.72 1.72 27.83
CA ALA C 85 -20.61 2.87 28.72
C ALA C 85 -19.15 3.07 29.12
N PHE C 86 -18.49 1.99 29.50
CA PHE C 86 -17.10 2.04 29.92
C PHE C 86 -16.14 2.19 28.74
N GLN C 87 -16.32 1.33 27.74
CA GLN C 87 -15.46 1.38 26.57
C GLN C 87 -15.41 2.78 25.96
N ASP C 88 -16.43 3.59 26.23
CA ASP C 88 -16.43 4.94 25.68
C ASP C 88 -15.61 5.90 26.53
N LYS C 89 -15.25 5.48 27.75
CA LYS C 89 -14.47 6.32 28.64
C LYS C 89 -12.98 6.36 28.24
N LEU C 90 -12.56 5.42 27.40
CA LEU C 90 -11.18 5.36 26.94
C LEU C 90 -11.11 5.56 25.43
N TYR C 91 -9.92 5.87 24.94
CA TYR C 91 -9.71 6.08 23.51
C TYR C 91 -9.75 4.79 22.74
N PRO C 92 -10.60 4.73 21.71
CA PRO C 92 -10.72 3.52 20.90
C PRO C 92 -9.41 2.90 20.41
N PHE C 93 -8.45 3.72 20.00
CA PHE C 93 -7.20 3.17 19.49
C PHE C 93 -6.46 2.38 20.57
N THR C 94 -6.79 2.66 21.82
CA THR C 94 -6.16 1.95 22.91
C THR C 94 -6.79 0.57 22.96
N TRP C 95 -8.12 0.51 22.85
CA TRP C 95 -8.82 -0.76 22.87
C TRP C 95 -8.34 -1.64 21.74
N ASP C 96 -8.00 -1.03 20.62
CA ASP C 96 -7.52 -1.80 19.47
C ASP C 96 -6.28 -2.55 19.89
N ALA C 97 -5.40 -1.83 20.58
CA ALA C 97 -4.15 -2.41 21.03
C ALA C 97 -4.37 -3.69 21.79
N VAL C 98 -5.40 -3.69 22.63
CA VAL C 98 -5.75 -4.83 23.47
C VAL C 98 -6.78 -5.78 22.88
N ARG C 99 -7.01 -5.66 21.57
CA ARG C 99 -7.98 -6.52 20.93
C ARG C 99 -7.22 -7.64 20.21
N TYR C 100 -7.53 -8.88 20.53
CA TYR C 100 -6.86 -10.01 19.90
C TYR C 100 -7.86 -11.03 19.42
N ASN C 101 -7.89 -11.26 18.10
CA ASN C 101 -8.83 -12.21 17.52
C ASN C 101 -10.25 -11.73 17.81
N GLY C 102 -10.46 -10.43 17.65
CA GLY C 102 -11.78 -9.85 17.87
C GLY C 102 -12.20 -9.67 19.32
N LYS C 103 -11.46 -10.29 20.24
CA LYS C 103 -11.80 -10.20 21.65
C LYS C 103 -10.88 -9.24 22.41
N LEU C 104 -11.43 -8.59 23.42
CA LEU C 104 -10.66 -7.67 24.24
C LEU C 104 -10.04 -8.52 25.34
N ILE C 105 -8.71 -8.49 25.41
CA ILE C 105 -7.98 -9.30 26.38
C ILE C 105 -7.32 -8.55 27.53
N ALA C 106 -7.56 -7.24 27.64
CA ALA C 106 -6.98 -6.48 28.73
C ALA C 106 -7.46 -5.06 28.73
N TYR C 107 -7.31 -4.39 29.87
CA TYR C 107 -7.73 -3.00 29.97
C TYR C 107 -6.57 -2.08 29.70
N PRO C 108 -6.71 -1.22 28.69
CA PRO C 108 -5.68 -0.27 28.31
C PRO C 108 -5.46 0.75 29.43
N ILE C 109 -4.21 1.04 29.76
CA ILE C 109 -3.94 2.01 30.82
C ILE C 109 -3.34 3.31 30.32
N ALA C 110 -2.31 3.22 29.47
CA ALA C 110 -1.67 4.42 28.94
C ALA C 110 -0.75 4.16 27.76
N VAL C 111 -0.55 5.18 26.94
CA VAL C 111 0.33 5.04 25.80
C VAL C 111 1.72 5.47 26.19
N GLU C 112 2.72 4.66 25.86
CA GLU C 112 4.12 4.96 26.18
C GLU C 112 4.97 5.08 24.92
N ALA C 113 5.98 5.93 25.00
CA ALA C 113 6.89 6.14 23.89
C ALA C 113 8.17 6.83 24.37
N LEU C 114 9.30 6.24 24.02
CA LEU C 114 10.61 6.77 24.39
C LEU C 114 10.81 8.13 23.76
N SER C 115 11.41 9.04 24.51
CA SER C 115 11.69 10.38 24.04
C SER C 115 13.11 10.72 24.41
N LEU C 116 13.65 11.79 23.82
CA LEU C 116 15.00 12.20 24.13
C LEU C 116 14.97 13.12 25.37
N ILE C 117 15.66 12.69 26.42
CA ILE C 117 15.73 13.48 27.64
C ILE C 117 17.12 14.10 27.68
N TYR C 118 17.21 15.36 28.05
CA TYR C 118 18.51 16.01 28.09
C TYR C 118 18.70 16.94 29.27
N ASN C 119 19.97 17.20 29.57
CA ASN C 119 20.37 18.08 30.66
C ASN C 119 20.51 19.49 30.08
N LYS C 120 19.55 20.34 30.38
CA LYS C 120 19.55 21.72 29.89
C LYS C 120 20.80 22.49 30.26
N ASP C 121 21.26 22.31 31.49
CA ASP C 121 22.45 23.00 31.97
C ASP C 121 23.71 22.63 31.17
N LEU C 122 23.66 21.54 30.42
CA LEU C 122 24.82 21.11 29.65
C LEU C 122 24.55 21.22 28.17
N LEU C 123 23.35 20.85 27.78
CA LEU C 123 22.96 20.87 26.39
C LEU C 123 21.66 21.66 26.25
N PRO C 124 21.74 22.98 26.43
CA PRO C 124 20.59 23.86 26.32
C PRO C 124 19.86 23.69 25.00
N ASN C 125 20.63 23.38 23.95
CA ASN C 125 20.09 23.16 22.62
C ASN C 125 20.50 21.77 22.21
N PRO C 126 19.63 20.79 22.43
CA PRO C 126 19.91 19.40 22.08
C PRO C 126 19.96 19.13 20.58
N PRO C 127 20.74 18.12 20.19
CA PRO C 127 20.94 17.66 18.82
C PRO C 127 19.61 17.40 18.13
N LYS C 128 19.58 17.51 16.82
CA LYS C 128 18.35 17.26 16.10
C LYS C 128 18.57 15.99 15.32
N THR C 129 19.82 15.53 15.28
CA THR C 129 20.16 14.32 14.55
C THR C 129 21.24 13.47 15.21
N TRP C 130 21.15 12.17 14.99
CA TRP C 130 22.11 11.23 15.53
C TRP C 130 23.52 11.51 15.00
N GLU C 131 23.58 11.90 13.73
CA GLU C 131 24.83 12.18 13.07
C GLU C 131 25.70 13.21 13.77
N GLU C 132 25.08 14.18 14.44
CA GLU C 132 25.86 15.21 15.11
C GLU C 132 26.27 14.83 16.52
N ILE C 133 25.80 13.67 16.99
CA ILE C 133 26.10 13.19 18.33
C ILE C 133 27.59 12.99 18.61
N PRO C 134 28.32 12.31 17.71
CA PRO C 134 29.75 12.09 17.90
C PRO C 134 30.50 13.36 18.29
N ALA C 135 30.38 14.38 17.45
CA ALA C 135 31.05 15.66 17.68
C ALA C 135 30.67 16.18 19.04
N LEU C 136 29.37 16.09 19.33
CA LEU C 136 28.86 16.58 20.61
C LEU C 136 29.55 15.88 21.78
N ASP C 137 29.83 14.59 21.62
CA ASP C 137 30.47 13.82 22.68
C ASP C 137 31.85 14.41 22.96
N LYS C 138 32.59 14.68 21.90
CA LYS C 138 33.92 15.28 22.00
C LYS C 138 33.83 16.51 22.90
N GLU C 139 32.94 17.43 22.55
CA GLU C 139 32.79 18.64 23.33
C GLU C 139 32.64 18.33 24.80
N LEU C 140 31.61 17.57 25.13
CA LEU C 140 31.32 17.21 26.51
C LEU C 140 32.42 16.44 27.19
N LYS C 141 33.04 15.55 26.45
CA LYS C 141 34.12 14.72 26.98
C LYS C 141 35.23 15.61 27.54
N ALA C 142 35.48 16.74 26.88
CA ALA C 142 36.49 17.67 27.34
C ALA C 142 36.11 18.23 28.71
N LYS C 143 34.81 18.28 29.01
CA LYS C 143 34.36 18.81 30.29
C LYS C 143 34.13 17.69 31.29
N GLY C 144 34.58 16.48 30.94
CA GLY C 144 34.42 15.35 31.83
C GLY C 144 33.00 14.81 31.84
N LYS C 145 32.38 14.82 30.68
CA LYS C 145 31.01 14.33 30.58
C LYS C 145 30.90 13.58 29.26
N SER C 146 29.72 13.08 28.96
CA SER C 146 29.49 12.35 27.71
C SER C 146 28.20 12.91 27.14
N ALA C 147 28.01 12.76 25.83
CA ALA C 147 26.81 13.29 25.21
C ALA C 147 25.55 12.45 25.45
N LEU C 148 25.66 11.15 25.25
CA LEU C 148 24.50 10.27 25.38
C LEU C 148 24.73 8.96 26.11
N MET C 149 23.68 8.52 26.80
CA MET C 149 23.70 7.24 27.52
C MET C 149 22.31 6.67 27.72
N PHE C 150 22.10 5.47 27.20
CA PHE C 150 20.81 4.81 27.35
C PHE C 150 20.96 3.30 27.34
N ASN C 151 19.96 2.62 27.88
CA ASN C 151 19.94 1.18 27.96
C ASN C 151 20.21 0.47 26.61
N LEU C 152 21.33 -0.21 26.51
CA LEU C 152 21.66 -0.91 25.27
C LEU C 152 21.41 -2.40 25.42
N GLN C 153 20.96 -2.81 26.60
CA GLN C 153 20.70 -4.21 26.83
C GLN C 153 19.33 -4.58 26.28
N GLU C 154 18.43 -3.62 26.27
CA GLU C 154 17.10 -3.84 25.76
C GLU C 154 16.93 -3.23 24.39
N PRO C 155 16.50 -4.04 23.40
CA PRO C 155 16.28 -3.64 22.00
C PRO C 155 15.23 -2.55 21.84
N TYR C 156 14.34 -2.48 22.82
CA TYR C 156 13.30 -1.48 22.86
C TYR C 156 13.88 -0.10 22.65
N PHE C 157 14.98 0.17 23.33
CA PHE C 157 15.62 1.46 23.27
C PHE C 157 16.42 1.69 22.02
N THR C 158 16.81 0.62 21.36
CA THR C 158 17.63 0.75 20.17
C THR C 158 16.84 0.72 18.88
N TRP C 159 15.66 0.13 18.95
CA TRP C 159 14.80 -0.03 17.79
C TRP C 159 14.48 1.26 17.05
N PRO C 160 14.20 2.34 17.79
CA PRO C 160 13.87 3.64 17.17
C PRO C 160 14.85 4.04 16.09
N LEU C 161 16.13 3.84 16.37
CA LEU C 161 17.19 4.18 15.44
C LEU C 161 17.25 3.14 14.33
N ILE C 162 17.22 1.88 14.71
CA ILE C 162 17.28 0.80 13.73
C ILE C 162 16.15 0.94 12.72
N ALA C 163 14.97 1.31 13.20
CA ALA C 163 13.80 1.45 12.33
C ALA C 163 13.73 2.76 11.54
N ALA C 164 14.29 3.83 12.09
CA ALA C 164 14.25 5.13 11.43
C ALA C 164 14.38 5.06 9.92
N ASP C 165 15.45 4.44 9.44
CA ASP C 165 15.69 4.36 8.01
C ASP C 165 15.20 3.10 7.30
N GLY C 166 14.07 2.56 7.74
CA GLY C 166 13.54 1.40 7.05
C GLY C 166 13.38 0.07 7.74
N GLY C 167 14.09 -0.15 8.83
CA GLY C 167 13.93 -1.43 9.50
C GLY C 167 12.54 -1.57 10.10
N TYR C 168 12.05 -2.80 10.20
CA TYR C 168 10.73 -3.05 10.80
C TYR C 168 10.56 -4.48 11.28
N ALA C 169 9.54 -4.70 12.11
CA ALA C 169 9.29 -6.03 12.64
C ALA C 169 8.61 -6.90 11.60
N PHE C 170 7.29 -6.73 11.48
CA PHE C 170 6.49 -7.49 10.52
C PHE C 170 5.69 -6.50 9.70
N LYS C 171 5.68 -6.69 8.39
CA LYS C 171 4.94 -5.79 7.52
C LYS C 171 3.44 -5.92 7.71
N TYR C 172 2.76 -4.79 7.78
CA TYR C 172 1.31 -4.78 7.95
C TYR C 172 0.70 -4.72 6.56
N GLU C 173 0.14 -5.84 6.12
CA GLU C 173 -0.45 -5.93 4.79
C GLU C 173 -1.97 -6.05 4.79
N ASN C 174 -2.61 -5.11 4.11
CA ASN C 174 -4.06 -5.07 3.96
C ASN C 174 -4.83 -5.75 5.10
N GLY C 175 -4.69 -5.20 6.30
CA GLY C 175 -5.43 -5.76 7.43
C GLY C 175 -4.64 -6.40 8.56
N LYS C 176 -3.64 -7.21 8.25
CA LYS C 176 -2.88 -7.85 9.31
C LYS C 176 -1.37 -7.89 9.09
N TYR C 177 -0.68 -8.64 9.94
CA TYR C 177 0.77 -8.78 9.88
C TYR C 177 1.21 -10.07 9.23
N ASP C 178 2.07 -9.95 8.22
CA ASP C 178 2.61 -11.12 7.52
C ASP C 178 3.85 -11.58 8.25
N ILE C 179 3.72 -12.65 9.00
CA ILE C 179 4.84 -13.16 9.77
C ILE C 179 5.96 -13.73 8.91
N LYS C 180 5.78 -13.70 7.60
CA LYS C 180 6.81 -14.21 6.72
C LYS C 180 7.69 -13.04 6.31
N ASP C 181 7.10 -11.86 6.37
CA ASP C 181 7.80 -10.64 6.01
C ASP C 181 8.38 -9.93 7.24
N VAL C 182 9.67 -10.13 7.48
CA VAL C 182 10.36 -9.51 8.62
C VAL C 182 11.47 -8.58 8.11
N GLY C 183 11.47 -7.34 8.59
CA GLY C 183 12.46 -6.39 8.13
C GLY C 183 13.50 -5.94 9.13
N VAL C 184 14.24 -6.88 9.70
CA VAL C 184 15.27 -6.55 10.66
C VAL C 184 16.62 -6.80 10.00
N ASP C 185 16.54 -7.48 8.85
CA ASP C 185 17.70 -7.84 8.07
C ASP C 185 17.87 -6.93 6.86
N ASN C 186 16.95 -6.00 6.67
CA ASN C 186 17.03 -5.12 5.51
C ASN C 186 18.11 -4.06 5.60
N ALA C 187 18.27 -3.34 4.51
CA ALA C 187 19.24 -2.27 4.37
C ALA C 187 19.08 -1.18 5.41
N GLY C 188 17.87 -0.66 5.53
CA GLY C 188 17.61 0.40 6.50
C GLY C 188 18.01 0.04 7.92
N ALA C 189 17.73 -1.20 8.33
CA ALA C 189 18.03 -1.67 9.66
C ALA C 189 19.53 -1.73 9.89
N LYS C 190 20.25 -2.28 8.91
CA LYS C 190 21.71 -2.38 9.02
C LYS C 190 22.34 -1.01 9.24
N ALA C 191 21.94 -0.05 8.42
CA ALA C 191 22.44 1.32 8.53
C ALA C 191 22.35 1.79 9.97
N GLY C 192 21.13 1.78 10.49
CA GLY C 192 20.90 2.18 11.86
C GLY C 192 21.75 1.42 12.85
N LEU C 193 21.69 0.10 12.82
CA LEU C 193 22.46 -0.69 13.76
C LEU C 193 23.93 -0.34 13.65
N THR C 194 24.37 -0.14 12.42
CA THR C 194 25.75 0.21 12.18
C THR C 194 26.13 1.53 12.86
N PHE C 195 25.32 2.56 12.64
CA PHE C 195 25.60 3.84 13.26
C PHE C 195 25.81 3.64 14.77
N LEU C 196 24.92 2.88 15.39
CA LEU C 196 25.03 2.60 16.81
C LEU C 196 26.38 1.96 17.12
N VAL C 197 26.63 0.81 16.48
CA VAL C 197 27.88 0.09 16.65
C VAL C 197 29.09 1.01 16.54
N ASP C 198 29.03 1.99 15.64
CA ASP C 198 30.13 2.90 15.48
C ASP C 198 30.32 3.79 16.70
N LEU C 199 29.22 4.26 17.30
CA LEU C 199 29.33 5.12 18.48
C LEU C 199 30.09 4.36 19.55
N ILE C 200 29.78 3.07 19.66
CA ILE C 200 30.44 2.20 20.61
C ILE C 200 31.88 2.09 20.15
N LYS C 201 32.05 1.78 18.88
CA LYS C 201 33.38 1.63 18.29
C LYS C 201 34.26 2.83 18.62
N ASN C 202 33.76 4.04 18.38
CA ASN C 202 34.52 5.27 18.63
C ASN C 202 34.38 5.76 20.05
N LYS C 203 34.27 4.82 20.97
CA LYS C 203 34.15 5.16 22.38
C LYS C 203 33.27 6.37 22.66
N HIS C 204 32.08 6.40 22.06
CA HIS C 204 31.16 7.50 22.30
C HIS C 204 30.04 6.92 23.15
N MET C 205 30.15 5.61 23.41
CA MET C 205 29.12 4.92 24.16
C MET C 205 29.64 3.52 24.53
N ASN C 206 29.21 3.02 25.69
CA ASN C 206 29.62 1.70 26.18
C ASN C 206 28.63 0.62 25.82
N ALA C 207 29.14 -0.45 25.21
CA ALA C 207 28.29 -1.55 24.79
C ALA C 207 27.58 -2.21 25.98
N ASP C 208 28.25 -2.21 27.12
CA ASP C 208 27.68 -2.81 28.30
C ASP C 208 26.78 -1.87 29.13
N THR C 209 26.46 -0.69 28.61
CA THR C 209 25.60 0.24 29.32
C THR C 209 24.14 -0.27 29.37
N ASP C 210 23.58 -0.32 30.57
CA ASP C 210 22.22 -0.79 30.75
C ASP C 210 21.32 0.31 31.33
N TYR C 211 20.05 -0.02 31.52
CA TYR C 211 19.08 0.95 32.06
C TYR C 211 19.57 1.63 33.34
N SER C 212 20.06 0.82 34.26
CA SER C 212 20.55 1.33 35.53
C SER C 212 21.77 2.25 35.35
N ILE C 213 22.81 1.74 34.72
CA ILE C 213 24.01 2.54 34.49
C ILE C 213 23.59 3.93 33.97
N ALA C 214 22.85 3.92 32.87
CA ALA C 214 22.40 5.14 32.22
C ALA C 214 21.49 6.02 33.05
N GLU C 215 20.52 5.43 33.73
CA GLU C 215 19.63 6.26 34.52
C GLU C 215 20.46 7.02 35.54
N ALA C 216 21.38 6.29 36.17
CA ALA C 216 22.25 6.83 37.20
C ALA C 216 23.20 7.92 36.72
N ALA C 217 23.73 7.76 35.52
CA ALA C 217 24.66 8.75 34.98
C ALA C 217 23.94 10.05 34.68
N PHE C 218 22.80 9.96 34.02
CA PHE C 218 22.07 11.16 33.68
C PHE C 218 21.60 11.88 34.92
N ASN C 219 21.10 11.13 35.87
CA ASN C 219 20.62 11.74 37.09
C ASN C 219 21.72 12.32 37.96
N LYS C 220 22.95 11.96 37.67
CA LYS C 220 24.09 12.48 38.41
C LYS C 220 24.66 13.64 37.61
N GLY C 221 24.10 13.85 36.41
CA GLY C 221 24.54 14.92 35.54
C GLY C 221 25.91 14.69 34.94
N GLU C 222 26.18 13.44 34.57
CA GLU C 222 27.46 13.06 33.98
C GLU C 222 27.33 12.89 32.49
N THR C 223 26.10 12.72 32.01
CA THR C 223 25.87 12.61 30.58
C THR C 223 24.80 13.64 30.20
N ALA C 224 24.95 14.26 29.03
CA ALA C 224 24.03 15.29 28.58
C ALA C 224 22.67 14.79 28.16
N MET C 225 22.60 13.56 27.66
CA MET C 225 21.32 13.04 27.20
C MET C 225 21.09 11.59 27.53
N THR C 226 19.82 11.21 27.45
CA THR C 226 19.40 9.83 27.67
C THR C 226 18.10 9.58 26.91
N ILE C 227 17.76 8.33 26.69
CA ILE C 227 16.53 8.00 25.99
C ILE C 227 15.69 7.13 26.92
N ASN C 228 14.53 7.61 27.31
CA ASN C 228 13.69 6.84 28.20
C ASN C 228 12.22 7.18 28.07
N GLY C 229 11.41 6.54 28.92
CA GLY C 229 9.97 6.75 28.92
C GLY C 229 9.50 7.58 30.12
N PRO C 230 8.21 7.96 30.13
CA PRO C 230 7.54 8.77 31.18
C PRO C 230 7.88 8.34 32.59
N TRP C 231 7.78 7.04 32.83
CA TRP C 231 8.06 6.46 34.14
C TRP C 231 9.38 6.98 34.71
N ALA C 232 10.31 7.34 33.83
CA ALA C 232 11.63 7.81 34.24
C ALA C 232 11.73 9.24 34.80
N TRP C 233 10.79 10.12 34.49
CA TRP C 233 10.87 11.49 34.94
C TRP C 233 10.93 11.69 36.45
N SER C 234 10.21 10.86 37.20
CA SER C 234 10.16 10.94 38.66
C SER C 234 11.53 11.00 39.30
N ASN C 235 12.36 10.02 38.98
CA ASN C 235 13.69 9.95 39.54
C ASN C 235 14.48 11.17 39.13
N ILE C 236 14.21 11.68 37.94
CA ILE C 236 14.92 12.85 37.47
C ILE C 236 14.47 14.05 38.28
N ASP C 237 13.19 14.09 38.64
CA ASP C 237 12.68 15.19 39.46
C ASP C 237 13.46 15.17 40.75
N THR C 238 13.45 14.00 41.37
CA THR C 238 14.14 13.77 42.62
C THR C 238 15.61 14.23 42.56
N SER C 239 16.28 13.95 41.45
CA SER C 239 17.69 14.31 41.29
C SER C 239 17.92 15.79 41.08
N LYS C 240 16.86 16.59 41.14
CA LYS C 240 16.98 18.02 40.95
C LYS C 240 17.68 18.44 39.66
N VAL C 241 17.86 17.51 38.73
CA VAL C 241 18.50 17.82 37.46
C VAL C 241 17.56 18.62 36.57
N ASN C 242 18.08 19.66 35.92
CA ASN C 242 17.26 20.46 35.04
C ASN C 242 17.18 19.82 33.67
N TYR C 243 16.15 19.00 33.47
CA TYR C 243 15.98 18.28 32.22
C TYR C 243 14.88 18.76 31.32
N GLY C 244 14.98 18.33 30.07
CA GLY C 244 13.99 18.65 29.07
C GLY C 244 13.69 17.33 28.36
N VAL C 245 12.50 17.24 27.79
CA VAL C 245 12.08 16.04 27.08
C VAL C 245 11.65 16.49 25.69
N THR C 246 12.24 15.91 24.65
CA THR C 246 11.91 16.29 23.28
C THR C 246 11.96 15.15 22.27
N VAL C 247 11.84 15.48 20.99
CA VAL C 247 11.87 14.49 19.91
C VAL C 247 13.21 13.81 19.76
N LEU C 248 13.17 12.52 19.49
CA LEU C 248 14.41 11.78 19.30
C LEU C 248 15.10 12.33 18.06
N PRO C 249 16.43 12.32 18.05
CA PRO C 249 17.15 12.83 16.89
C PRO C 249 16.79 12.04 15.63
N THR C 250 17.21 12.54 14.48
CA THR C 250 16.92 11.89 13.21
C THR C 250 18.16 11.17 12.71
N PHE C 251 17.94 10.21 11.82
CA PHE C 251 19.03 9.44 11.24
C PHE C 251 18.82 9.45 9.74
N LYS C 252 19.84 9.83 9.00
CA LYS C 252 19.70 9.91 7.56
C LYS C 252 18.46 10.76 7.26
N GLY C 253 18.21 11.76 8.09
CA GLY C 253 17.07 12.63 7.88
C GLY C 253 15.73 12.06 8.27
N GLN C 254 15.72 10.81 8.68
CA GLN C 254 14.48 10.15 9.08
C GLN C 254 14.24 10.30 10.58
N PRO C 255 12.98 10.25 11.01
CA PRO C 255 12.63 10.38 12.44
C PRO C 255 12.92 9.02 13.05
N SER C 256 13.19 8.95 14.33
CA SER C 256 13.41 7.65 14.95
C SER C 256 12.03 7.07 15.18
N LYS C 257 11.80 5.84 14.73
CA LYS C 257 10.50 5.21 14.88
C LYS C 257 10.41 4.30 16.11
N PRO C 258 10.12 4.89 17.27
CA PRO C 258 10.03 4.05 18.47
C PRO C 258 8.77 3.20 18.41
N PHE C 259 8.88 1.95 18.85
CA PHE C 259 7.71 1.09 18.87
C PHE C 259 6.89 1.63 20.02
N VAL C 260 5.62 1.91 19.78
CA VAL C 260 4.80 2.44 20.84
C VAL C 260 4.08 1.36 21.59
N GLY C 261 4.00 1.56 22.90
CA GLY C 261 3.36 0.59 23.75
C GLY C 261 2.20 1.11 24.56
N VAL C 262 1.24 0.21 24.81
CA VAL C 262 0.08 0.55 25.59
C VAL C 262 0.14 -0.26 26.88
N LEU C 263 0.36 0.43 27.99
CA LEU C 263 0.39 -0.28 29.26
C LEU C 263 -1.00 -0.85 29.44
N SER C 264 -1.08 -2.17 29.54
CA SER C 264 -2.34 -2.89 29.69
C SER C 264 -2.33 -3.85 30.87
N ALA C 265 -3.52 -4.13 31.40
CA ALA C 265 -3.70 -5.02 32.53
C ALA C 265 -4.65 -6.14 32.16
N GLY C 266 -4.16 -7.38 32.18
CA GLY C 266 -4.99 -8.51 31.82
C GLY C 266 -5.38 -9.36 33.00
N ILE C 267 -6.50 -10.06 32.87
CA ILE C 267 -6.98 -10.92 33.95
C ILE C 267 -6.55 -12.36 33.70
N ASN C 268 -5.88 -12.92 34.69
CA ASN C 268 -5.38 -14.28 34.61
C ASN C 268 -6.54 -15.20 34.26
N ALA C 269 -6.37 -15.99 33.22
CA ALA C 269 -7.42 -16.89 32.82
C ALA C 269 -7.84 -17.76 33.99
N ALA C 270 -6.92 -18.03 34.91
CA ALA C 270 -7.21 -18.87 36.06
C ALA C 270 -7.66 -18.13 37.31
N SER C 271 -7.49 -16.82 37.36
CA SER C 271 -7.94 -16.13 38.56
C SER C 271 -9.40 -16.44 38.89
N PRO C 272 -9.68 -16.68 40.17
CA PRO C 272 -11.04 -16.98 40.61
C PRO C 272 -11.72 -15.69 41.04
N ASN C 273 -10.98 -14.59 40.92
CA ASN C 273 -11.49 -13.29 41.32
C ASN C 273 -11.68 -12.33 40.17
N LYS C 274 -12.00 -12.90 39.02
CA LYS C 274 -12.20 -12.10 37.82
C LYS C 274 -13.16 -10.94 38.01
N GLU C 275 -14.24 -11.20 38.72
CA GLU C 275 -15.22 -10.16 38.95
C GLU C 275 -14.59 -9.03 39.73
N LEU C 276 -13.92 -9.38 40.84
CA LEU C 276 -13.25 -8.38 41.67
C LEU C 276 -12.24 -7.65 40.80
N ALA C 277 -11.48 -8.42 40.05
CA ALA C 277 -10.47 -7.88 39.17
C ALA C 277 -11.01 -6.71 38.38
N LYS C 278 -12.05 -6.96 37.59
CA LYS C 278 -12.62 -5.89 36.78
C LYS C 278 -13.20 -4.76 37.62
N GLU C 279 -13.72 -5.08 38.81
CA GLU C 279 -14.28 -4.03 39.65
C GLU C 279 -13.17 -3.07 40.04
N PHE C 280 -12.02 -3.62 40.42
CA PHE C 280 -10.87 -2.81 40.79
C PHE C 280 -10.37 -2.00 39.59
N LEU C 281 -10.26 -2.66 38.45
CA LEU C 281 -9.77 -2.01 37.26
C LEU C 281 -10.69 -0.95 36.70
N GLU C 282 -11.95 -1.30 36.53
CA GLU C 282 -12.93 -0.36 35.99
C GLU C 282 -13.35 0.74 36.93
N ASN C 283 -13.60 0.41 38.19
CA ASN C 283 -14.05 1.42 39.14
C ASN C 283 -13.03 2.04 40.08
N TYR C 284 -11.77 1.62 39.97
CA TYR C 284 -10.76 2.17 40.85
C TYR C 284 -9.54 2.71 40.12
N LEU C 285 -8.85 1.85 39.39
CA LEU C 285 -7.66 2.26 38.66
C LEU C 285 -7.96 3.22 37.52
N LEU C 286 -8.85 2.79 36.62
CA LEU C 286 -9.20 3.60 35.47
C LEU C 286 -10.13 4.75 35.79
N THR C 287 -9.71 5.57 36.73
CA THR C 287 -10.47 6.74 37.13
C THR C 287 -9.45 7.84 37.24
N ASP C 288 -9.91 9.08 37.28
CA ASP C 288 -8.98 10.18 37.38
C ASP C 288 -8.21 10.05 38.69
N GLU C 289 -8.91 9.84 39.80
CA GLU C 289 -8.24 9.70 41.08
C GLU C 289 -7.34 8.47 41.07
N GLY C 290 -7.74 7.44 40.33
CA GLY C 290 -6.94 6.23 40.25
C GLY C 290 -5.64 6.41 39.49
N LEU C 291 -5.74 6.83 38.24
CA LEU C 291 -4.55 7.04 37.43
C LEU C 291 -3.67 8.09 38.07
N GLU C 292 -4.29 9.11 38.68
CA GLU C 292 -3.56 10.19 39.34
C GLU C 292 -2.61 9.66 40.40
N ALA C 293 -3.06 8.67 41.16
CA ALA C 293 -2.24 8.08 42.21
C ALA C 293 -1.04 7.34 41.66
N VAL C 294 -1.27 6.58 40.59
CA VAL C 294 -0.20 5.82 39.97
C VAL C 294 0.74 6.79 39.27
N ASN C 295 0.15 7.71 38.53
CA ASN C 295 0.91 8.71 37.79
C ASN C 295 1.78 9.56 38.70
N LYS C 296 1.32 9.84 39.92
CA LYS C 296 2.12 10.63 40.84
C LYS C 296 3.33 9.87 41.36
N ASP C 297 3.30 8.55 41.32
CA ASP C 297 4.45 7.76 41.78
C ASP C 297 5.43 7.79 40.62
N LYS C 298 4.96 7.34 39.46
CA LYS C 298 5.75 7.31 38.24
C LYS C 298 4.79 7.49 37.06
N PRO C 299 5.01 8.54 36.25
CA PRO C 299 4.21 8.90 35.09
C PRO C 299 3.85 7.75 34.17
N LEU C 300 2.58 7.70 33.79
CA LEU C 300 2.07 6.68 32.90
C LEU C 300 2.24 7.17 31.47
N GLY C 301 2.39 8.47 31.31
CA GLY C 301 2.52 9.04 30.00
C GLY C 301 1.16 9.56 29.60
N ALA C 302 0.69 9.14 28.43
CA ALA C 302 -0.62 9.58 27.96
C ALA C 302 -1.62 8.51 28.30
N VAL C 303 -2.31 8.67 29.41
CA VAL C 303 -3.28 7.68 29.86
C VAL C 303 -4.36 7.41 28.82
N ALA C 304 -5.10 6.31 29.02
CA ALA C 304 -6.18 5.91 28.09
C ALA C 304 -7.53 6.51 28.44
N LEU C 305 -7.72 6.87 29.71
CA LEU C 305 -8.96 7.45 30.18
C LEU C 305 -9.06 8.88 29.66
N LYS C 306 -9.92 9.07 28.68
CA LYS C 306 -10.12 10.38 28.07
C LYS C 306 -10.14 11.52 29.08
N SER C 307 -10.89 11.36 30.15
CA SER C 307 -11.03 12.39 31.17
C SER C 307 -9.72 12.84 31.81
N TYR C 308 -8.90 11.89 32.26
CA TYR C 308 -7.65 12.28 32.91
C TYR C 308 -6.60 12.72 31.90
N GLU C 309 -6.53 12.02 30.79
CA GLU C 309 -5.55 12.38 29.78
C GLU C 309 -5.83 13.81 29.35
N GLU C 310 -7.11 14.16 29.31
CA GLU C 310 -7.53 15.49 28.90
C GLU C 310 -6.87 16.62 29.68
N GLU C 311 -6.70 16.44 30.99
CA GLU C 311 -6.10 17.51 31.79
C GLU C 311 -4.57 17.51 31.80
N LEU C 312 -3.97 16.34 31.83
CA LEU C 312 -2.51 16.22 31.85
C LEU C 312 -1.90 16.53 30.49
N ALA C 313 -2.75 16.65 29.49
CA ALA C 313 -2.28 16.92 28.13
C ALA C 313 -1.44 18.19 27.97
N LYS C 314 -1.65 19.15 28.85
CA LYS C 314 -0.91 20.41 28.80
C LYS C 314 0.58 20.21 29.03
N ASP C 315 0.94 19.09 29.66
CA ASP C 315 2.34 18.79 29.96
C ASP C 315 3.17 18.47 28.73
N PRO C 316 4.09 19.38 28.40
CA PRO C 316 4.99 19.26 27.24
C PRO C 316 5.73 17.93 27.21
N ARG C 317 5.94 17.33 28.37
CA ARG C 317 6.62 16.04 28.43
C ARG C 317 5.73 15.01 27.74
N ILE C 318 4.45 15.00 28.10
CA ILE C 318 3.51 14.07 27.47
C ILE C 318 3.45 14.42 25.99
N ALA C 319 3.38 15.71 25.73
CA ALA C 319 3.32 16.23 24.37
C ALA C 319 4.43 15.65 23.50
N ALA C 320 5.66 15.75 24.00
CA ALA C 320 6.81 15.24 23.28
C ALA C 320 6.68 13.72 23.20
N THR C 321 6.10 13.13 24.23
CA THR C 321 5.93 11.69 24.25
C THR C 321 5.13 11.37 23.03
N MET C 322 3.95 11.98 22.93
CA MET C 322 3.05 11.76 21.81
C MET C 322 3.68 12.19 20.48
N GLU C 323 4.48 13.24 20.52
CA GLU C 323 5.14 13.70 19.31
C GLU C 323 6.02 12.58 18.78
N ASN C 324 6.71 11.90 19.69
CA ASN C 324 7.56 10.79 19.31
C ASN C 324 6.68 9.63 18.89
N ALA C 325 5.59 9.44 19.61
CA ALA C 325 4.66 8.37 19.29
C ALA C 325 4.19 8.51 17.85
N GLN C 326 3.88 9.75 17.46
CA GLN C 326 3.43 10.08 16.13
C GLN C 326 4.37 9.50 15.10
N LYS C 327 5.66 9.78 15.29
CA LYS C 327 6.70 9.34 14.37
C LYS C 327 7.03 7.85 14.39
N GLY C 328 6.62 7.16 15.44
CA GLY C 328 6.88 5.72 15.51
C GLY C 328 5.58 5.01 15.21
N GLU C 329 5.47 3.74 15.61
CA GLU C 329 4.24 3.01 15.39
C GLU C 329 3.94 1.96 16.48
N ILE C 330 2.66 1.86 16.83
CA ILE C 330 2.21 0.93 17.84
C ILE C 330 2.70 -0.47 17.49
N MET C 331 3.15 -1.18 18.52
CA MET C 331 3.65 -2.52 18.31
C MET C 331 2.55 -3.50 17.99
N PRO C 332 2.88 -4.55 17.23
CA PRO C 332 1.85 -5.54 16.92
C PRO C 332 1.66 -6.26 18.26
N ASN C 333 0.61 -7.07 18.40
CA ASN C 333 0.39 -7.80 19.65
C ASN C 333 0.41 -9.28 19.36
N ILE C 334 0.79 -9.62 18.12
CA ILE C 334 0.85 -11.01 17.69
C ILE C 334 1.88 -11.82 18.46
N PRO C 335 1.61 -13.12 18.61
CA PRO C 335 2.47 -14.07 19.33
C PRO C 335 3.91 -14.05 18.91
N GLN C 336 4.16 -13.75 17.64
CA GLN C 336 5.52 -13.73 17.10
C GLN C 336 6.42 -12.66 17.73
N MET C 337 5.80 -11.69 18.38
CA MET C 337 6.56 -10.61 19.00
C MET C 337 7.72 -11.01 19.91
N SER C 338 7.49 -11.93 20.85
CA SER C 338 8.56 -12.35 21.74
C SER C 338 9.72 -12.97 20.96
N ALA C 339 9.40 -13.63 19.86
CA ALA C 339 10.43 -14.24 19.04
C ALA C 339 11.23 -13.11 18.46
N PHE C 340 10.51 -12.11 17.98
CA PHE C 340 11.09 -10.91 17.39
C PHE C 340 12.02 -10.22 18.37
N TRP C 341 11.47 -9.83 19.51
CA TRP C 341 12.23 -9.18 20.55
C TRP C 341 13.47 -9.98 20.93
N TYR C 342 13.28 -11.25 21.26
CA TYR C 342 14.41 -12.11 21.63
C TYR C 342 15.47 -12.15 20.53
N ALA C 343 15.04 -12.19 19.29
CA ALA C 343 15.97 -12.24 18.16
C ALA C 343 16.76 -10.97 18.01
N VAL C 344 16.08 -9.84 18.21
CA VAL C 344 16.73 -8.55 18.07
C VAL C 344 17.62 -8.23 19.27
N ARG C 345 17.21 -8.68 20.46
CA ARG C 345 17.99 -8.45 21.67
C ARG C 345 19.40 -8.94 21.41
N THR C 346 19.56 -10.24 21.26
CA THR C 346 20.88 -10.81 21.02
C THR C 346 21.62 -10.07 19.92
N ALA C 347 20.94 -9.87 18.79
CA ALA C 347 21.51 -9.21 17.64
C ALA C 347 22.18 -7.89 17.99
N VAL C 348 21.41 -6.94 18.49
CA VAL C 348 21.96 -5.65 18.86
C VAL C 348 23.16 -5.85 19.77
N ILE C 349 22.92 -6.50 20.89
CA ILE C 349 23.95 -6.78 21.88
C ILE C 349 25.26 -7.20 21.22
N ASN C 350 25.28 -8.41 20.68
CA ASN C 350 26.48 -8.94 20.05
C ASN C 350 27.12 -8.03 19.02
N ALA C 351 26.33 -7.46 18.13
CA ALA C 351 26.92 -6.58 17.14
C ALA C 351 27.63 -5.47 17.88
N ALA C 352 26.96 -4.95 18.90
CA ALA C 352 27.45 -3.86 19.72
C ALA C 352 28.72 -4.23 20.44
N SER C 353 28.85 -5.51 20.74
CA SER C 353 30.03 -5.99 21.46
C SER C 353 31.17 -6.30 20.51
N GLY C 354 30.86 -6.38 19.22
CA GLY C 354 31.89 -6.67 18.24
C GLY C 354 32.11 -8.15 18.04
N ARG C 355 31.45 -8.95 18.87
CA ARG C 355 31.55 -10.40 18.78
C ARG C 355 30.84 -10.90 17.52
N GLN C 356 30.16 -9.98 16.84
CA GLN C 356 29.46 -10.30 15.61
C GLN C 356 29.28 -9.06 14.78
N THR C 357 29.22 -9.23 13.47
CA THR C 357 29.04 -8.09 12.56
C THR C 357 27.56 -7.80 12.39
N VAL C 358 27.24 -6.55 12.12
CA VAL C 358 25.85 -6.17 11.92
C VAL C 358 25.14 -7.19 11.00
N ASP C 359 25.78 -7.51 9.88
CA ASP C 359 25.23 -8.45 8.92
C ASP C 359 25.04 -9.82 9.56
N GLU C 360 26.08 -10.36 10.17
CA GLU C 360 25.95 -11.66 10.83
C GLU C 360 24.74 -11.60 11.74
N ALA C 361 24.81 -10.66 12.68
CA ALA C 361 23.75 -10.48 13.67
C ALA C 361 22.33 -10.39 13.11
N LEU C 362 22.10 -9.44 12.22
CA LEU C 362 20.79 -9.27 11.64
C LEU C 362 20.36 -10.45 10.79
N LYS C 363 21.35 -11.23 10.34
CA LYS C 363 21.06 -12.42 9.56
C LYS C 363 20.29 -13.38 10.47
N ASP C 364 20.91 -13.71 11.60
CA ASP C 364 20.33 -14.62 12.58
C ASP C 364 19.02 -14.02 13.03
N ALA C 365 19.06 -12.72 13.32
CA ALA C 365 17.88 -12.01 13.79
C ALA C 365 16.73 -12.32 12.84
N GLN C 366 16.96 -12.07 11.57
CA GLN C 366 15.96 -12.34 10.56
C GLN C 366 15.50 -13.80 10.71
N THR C 367 16.42 -14.74 10.55
CA THR C 367 16.07 -16.14 10.65
C THR C 367 15.17 -16.43 11.86
N ASN C 368 15.66 -16.08 13.05
CA ASN C 368 14.93 -16.32 14.29
C ASN C 368 13.57 -15.66 14.39
N ALA C 369 13.49 -14.42 13.92
CA ALA C 369 12.26 -13.64 13.99
C ALA C 369 11.08 -14.17 13.21
N ALA C 370 11.32 -14.59 11.97
CA ALA C 370 10.25 -15.10 11.15
C ALA C 370 10.15 -16.59 11.39
N ALA C 371 10.29 -16.97 12.66
CA ALA C 371 10.21 -18.37 13.03
C ALA C 371 8.77 -18.86 13.05
N GLU C 372 8.60 -20.12 12.64
CA GLU C 372 7.28 -20.73 12.60
C GLU C 372 6.90 -21.17 13.99
N PHE C 373 5.62 -21.03 14.30
CA PHE C 373 5.10 -21.40 15.60
C PHE C 373 4.41 -22.75 15.50
N VAL C 374 4.78 -23.71 16.35
CA VAL C 374 4.11 -25.00 16.29
C VAL C 374 2.76 -24.85 16.98
N ASP C 375 1.83 -25.75 16.65
CA ASP C 375 0.50 -25.67 17.22
C ASP C 375 0.47 -25.45 18.72
N ILE C 376 -0.39 -24.51 19.13
CA ILE C 376 -0.54 -24.13 20.52
C ILE C 376 -0.86 -25.31 21.44
N SER C 377 -1.46 -26.36 20.91
CA SER C 377 -1.82 -27.50 21.73
C SER C 377 -0.62 -28.20 22.35
N HIS C 378 0.39 -28.46 21.55
CA HIS C 378 1.61 -29.12 22.03
C HIS C 378 2.30 -28.21 23.05
N LYS C 379 2.17 -28.57 24.33
CA LYS C 379 2.71 -27.80 25.44
C LYS C 379 4.13 -28.17 25.87
N SER C 380 4.62 -29.33 25.46
CA SER C 380 5.94 -29.74 25.90
C SER C 380 6.82 -30.23 24.78
N PHE C 381 7.94 -30.78 25.20
CA PHE C 381 8.94 -31.30 24.30
C PHE C 381 9.61 -32.39 25.10
N PRO C 382 9.96 -33.52 24.48
CA PRO C 382 9.73 -33.75 23.05
C PRO C 382 8.24 -33.81 22.68
N ILE C 383 7.92 -33.53 21.41
CA ILE C 383 6.54 -33.56 20.92
C ILE C 383 6.15 -35.01 20.85
N SER C 384 4.97 -35.32 21.36
CA SER C 384 4.46 -36.68 21.35
C SER C 384 3.08 -36.78 20.69
N MET C 385 2.74 -38.01 20.37
CA MET C 385 1.48 -38.30 19.73
C MET C 385 0.85 -39.48 20.43
N PRO C 386 -0.42 -39.33 20.83
CA PRO C 386 -1.12 -40.41 21.50
C PRO C 386 -0.99 -41.68 20.68
N MET C 387 -0.74 -42.79 21.36
CA MET C 387 -0.58 -44.06 20.68
C MET C 387 -1.86 -44.46 19.92
N ILE C 388 -3.02 -43.95 20.32
CA ILE C 388 -4.27 -44.26 19.64
C ILE C 388 -4.20 -43.61 18.27
N GLU C 389 -3.95 -42.30 18.27
CA GLU C 389 -3.83 -41.52 17.05
C GLU C 389 -2.75 -42.15 16.20
N TYR C 390 -1.65 -42.55 16.81
CA TYR C 390 -0.54 -43.14 16.09
C TYR C 390 -0.97 -44.36 15.28
N LEU C 391 -1.66 -45.29 15.92
CA LEU C 391 -2.13 -46.49 15.25
C LEU C 391 -3.07 -46.16 14.10
N GLU C 392 -4.02 -45.26 14.36
CA GLU C 392 -4.99 -44.87 13.35
C GLU C 392 -4.30 -44.32 12.11
N ARG C 393 -3.41 -43.36 12.31
CA ARG C 393 -2.73 -42.70 11.20
C ARG C 393 -1.63 -43.46 10.48
N PHE C 394 -1.00 -44.42 11.15
CA PHE C 394 0.09 -45.13 10.50
C PHE C 394 -0.08 -46.62 10.30
N SER C 395 -1.13 -47.20 10.85
CA SER C 395 -1.31 -48.63 10.70
C SER C 395 -2.71 -49.04 10.28
N LEU C 396 -3.70 -48.68 11.10
CA LEU C 396 -5.08 -49.03 10.83
C LEU C 396 -5.66 -48.17 9.71
N LYS C 397 -5.11 -46.98 9.55
CA LYS C 397 -5.60 -46.08 8.52
C LYS C 397 -7.11 -45.91 8.69
N ALA C 398 -7.54 -45.86 9.95
CA ALA C 398 -8.96 -45.71 10.26
C ALA C 398 -9.10 -45.24 11.71
N LYS C 399 -10.23 -44.61 12.02
CA LYS C 399 -10.45 -44.13 13.39
C LYS C 399 -10.87 -45.26 14.33
N ILE C 400 -10.31 -45.24 15.54
CA ILE C 400 -10.60 -46.24 16.56
C ILE C 400 -11.73 -45.74 17.47
N ASN C 401 -12.59 -46.66 17.92
CA ASN C 401 -13.70 -46.32 18.80
C ASN C 401 -14.09 -47.48 19.71
N ASN C 402 -15.04 -47.21 20.60
CA ASN C 402 -15.52 -48.20 21.58
C ASN C 402 -15.94 -49.57 21.04
N THR C 403 -15.76 -49.80 19.74
CA THR C 403 -16.13 -51.09 19.16
C THR C 403 -14.95 -51.76 18.47
N THR C 404 -14.03 -50.96 17.96
CA THR C 404 -12.84 -51.45 17.28
C THR C 404 -12.28 -52.73 17.89
N ASN C 405 -12.00 -53.72 17.06
CA ASN C 405 -11.43 -54.98 17.55
C ASN C 405 -10.14 -55.13 16.82
N LEU C 406 -9.05 -55.15 17.56
CA LEU C 406 -7.73 -55.25 16.95
C LEU C 406 -7.32 -56.63 16.47
N ASP C 407 -8.12 -57.66 16.78
CA ASP C 407 -7.83 -59.02 16.35
C ASP C 407 -7.77 -59.02 14.84
N TYR C 408 -8.68 -58.28 14.23
CA TYR C 408 -8.77 -58.18 12.79
C TYR C 408 -7.49 -57.64 12.17
N SER C 409 -6.70 -56.92 12.97
CA SER C 409 -5.46 -56.30 12.49
C SER C 409 -4.16 -56.94 12.98
N ARG C 410 -4.27 -57.90 13.91
CA ARG C 410 -3.08 -58.57 14.44
C ARG C 410 -1.97 -58.73 13.41
N ARG C 411 -2.32 -59.39 12.31
CA ARG C 411 -1.38 -59.66 11.24
C ARG C 411 -0.33 -58.58 11.08
N PHE C 412 -0.77 -57.35 10.80
CA PHE C 412 0.18 -56.27 10.62
C PHE C 412 0.49 -55.42 11.85
N LEU C 413 -0.45 -55.33 12.78
CA LEU C 413 -0.21 -54.55 13.99
C LEU C 413 1.04 -54.99 14.74
N GLU C 414 1.15 -56.30 14.96
CA GLU C 414 2.25 -56.86 15.70
C GLU C 414 3.63 -56.42 15.21
N PRO C 415 3.91 -56.58 13.91
CA PRO C 415 5.23 -56.16 13.39
C PRO C 415 5.42 -54.64 13.53
N PHE C 416 4.30 -53.95 13.50
CA PHE C 416 4.28 -52.51 13.62
C PHE C 416 4.60 -52.03 15.02
N LEU C 417 4.30 -52.85 16.01
CA LEU C 417 4.52 -52.49 17.40
C LEU C 417 5.80 -53.05 17.99
N ARG C 418 6.39 -54.04 17.33
CA ARG C 418 7.63 -54.63 17.85
C ARG C 418 8.74 -53.60 17.80
N GLY C 419 9.42 -53.43 18.93
CA GLY C 419 10.51 -52.47 18.99
C GLY C 419 10.10 -51.11 19.53
N ILE C 420 8.88 -50.70 19.20
CA ILE C 420 8.31 -49.43 19.62
C ILE C 420 8.50 -49.07 21.10
N ASN C 421 9.02 -47.88 21.35
CA ASN C 421 9.18 -47.40 22.71
C ASN C 421 7.98 -46.49 22.91
N VAL C 422 7.35 -46.57 24.06
CA VAL C 422 6.20 -45.73 24.31
C VAL C 422 6.30 -45.09 25.68
N VAL C 423 5.55 -44.01 25.88
CA VAL C 423 5.54 -43.35 27.17
C VAL C 423 4.21 -43.61 27.80
N TYR C 424 4.23 -44.44 28.83
CA TYR C 424 3.03 -44.75 29.56
C TYR C 424 2.89 -43.72 30.66
N THR C 425 1.73 -43.11 30.74
CA THR C 425 1.51 -42.13 31.76
C THR C 425 0.14 -42.40 32.39
N PRO C 426 0.15 -42.84 33.65
CA PRO C 426 -1.02 -43.19 34.47
C PRO C 426 -1.91 -42.01 34.79
N PRO C 427 -3.17 -42.28 35.13
CA PRO C 427 -4.07 -41.20 35.46
C PRO C 427 -3.45 -40.42 36.61
N GLN C 428 -3.73 -39.12 36.67
CA GLN C 428 -3.18 -38.31 37.74
C GLN C 428 -3.55 -38.86 39.11
N SER C 429 -4.82 -39.20 39.30
CA SER C 429 -5.28 -39.73 40.57
C SER C 429 -4.44 -40.89 41.08
N PHE C 430 -3.73 -41.58 40.19
CA PHE C 430 -2.91 -42.73 40.60
C PHE C 430 -1.67 -42.36 41.38
N GLN C 431 -1.37 -41.07 41.41
CA GLN C 431 -0.20 -40.55 42.12
C GLN C 431 1.08 -41.30 41.74
N SER C 432 1.24 -41.62 40.46
CA SER C 432 2.43 -42.32 40.01
C SER C 432 3.20 -41.42 39.05
N ALA C 433 4.04 -42.01 38.20
CA ALA C 433 4.86 -41.24 37.27
C ALA C 433 5.02 -41.90 35.92
N PRO C 434 5.14 -41.10 34.85
CA PRO C 434 5.30 -41.52 33.46
C PRO C 434 6.52 -42.39 33.35
N ARG C 435 6.49 -43.32 32.41
CA ARG C 435 7.61 -44.21 32.25
C ARG C 435 7.72 -44.63 30.81
N VAL C 436 8.93 -44.97 30.40
CA VAL C 436 9.17 -45.41 29.05
C VAL C 436 9.22 -46.92 29.07
N TYR C 437 8.54 -47.54 28.11
CA TYR C 437 8.53 -48.98 28.05
C TYR C 437 8.75 -49.34 26.61
N ARG C 438 9.32 -50.51 26.35
CA ARG C 438 9.51 -50.96 24.97
C ARG C 438 8.36 -51.92 24.72
N VAL C 439 7.70 -51.76 23.58
CA VAL C 439 6.58 -52.63 23.26
C VAL C 439 6.99 -53.91 22.54
N ASN C 440 6.58 -55.05 23.11
CA ASN C 440 6.89 -56.36 22.54
C ASN C 440 5.78 -56.79 21.61
N GLY C 441 4.58 -56.27 21.85
CA GLY C 441 3.46 -56.64 21.01
C GLY C 441 2.09 -56.40 21.61
N LEU C 442 1.07 -56.88 20.91
CA LEU C 442 -0.31 -56.74 21.35
C LEU C 442 -0.66 -57.79 22.36
N SER C 443 -1.60 -57.46 23.24
CA SER C 443 -2.02 -58.43 24.25
C SER C 443 -2.77 -59.53 23.51
N ARG C 444 -3.13 -60.56 24.24
CA ARG C 444 -3.87 -61.67 23.67
C ARG C 444 -5.31 -61.25 23.53
N ALA C 445 -5.81 -60.56 24.55
CA ALA C 445 -7.20 -60.13 24.57
C ALA C 445 -7.42 -58.67 24.98
N PRO C 446 -8.67 -58.17 24.79
CA PRO C 446 -9.07 -56.80 25.13
C PRO C 446 -8.87 -56.60 26.62
N ALA C 447 -8.80 -55.33 27.04
CA ALA C 447 -8.59 -55.01 28.43
C ALA C 447 -9.68 -55.57 29.33
N SER C 448 -10.90 -55.58 28.80
CA SER C 448 -12.07 -56.07 29.53
C SER C 448 -12.11 -57.59 29.65
N SER C 449 -11.25 -58.27 28.90
CA SER C 449 -11.19 -59.72 28.94
C SER C 449 -9.87 -60.16 29.55
N GLU C 450 -8.83 -59.36 29.35
CA GLU C 450 -7.51 -59.69 29.89
C GLU C 450 -7.58 -59.69 31.40
N THR C 451 -7.27 -60.82 32.01
CA THR C 451 -7.33 -60.89 33.46
C THR C 451 -6.00 -61.13 34.14
N PHE C 452 -5.99 -60.92 35.45
CA PHE C 452 -4.81 -61.13 36.29
C PHE C 452 -5.31 -61.31 37.72
N GLU C 453 -4.43 -61.74 38.62
CA GLU C 453 -4.81 -61.96 40.02
C GLU C 453 -3.81 -61.41 41.03
N HIS C 454 -4.36 -60.95 42.16
CA HIS C 454 -3.53 -60.40 43.24
C HIS C 454 -4.25 -60.66 44.56
N ASP C 455 -3.48 -60.83 45.63
CA ASP C 455 -4.04 -61.08 46.95
C ASP C 455 -5.11 -62.16 46.84
N GLY C 456 -4.90 -63.05 45.87
CA GLY C 456 -5.81 -64.17 45.63
C GLY C 456 -7.14 -63.87 44.98
N LYS C 457 -7.16 -62.90 44.07
CA LYS C 457 -8.39 -62.54 43.37
C LYS C 457 -8.17 -62.33 41.89
N LYS C 458 -9.15 -62.75 41.10
CA LYS C 458 -9.06 -62.59 39.65
C LYS C 458 -9.82 -61.34 39.24
N VAL C 459 -9.16 -60.49 38.47
CA VAL C 459 -9.75 -59.24 38.04
C VAL C 459 -9.28 -58.92 36.64
N THR C 460 -10.12 -58.23 35.87
CA THR C 460 -9.69 -57.85 34.53
C THR C 460 -9.05 -56.49 34.63
N ILE C 461 -8.27 -56.14 33.61
CA ILE C 461 -7.60 -54.86 33.57
C ILE C 461 -8.66 -53.76 33.57
N ALA C 462 -9.69 -53.95 32.76
CA ALA C 462 -10.79 -52.99 32.62
C ALA C 462 -11.43 -52.85 33.97
N SER C 463 -11.72 -53.99 34.58
CA SER C 463 -12.33 -54.04 35.88
C SER C 463 -11.51 -53.21 36.86
N TYR C 464 -10.23 -53.53 36.96
CA TYR C 464 -9.34 -52.83 37.86
C TYR C 464 -9.41 -51.30 37.68
N PHE C 465 -9.24 -50.83 36.45
CA PHE C 465 -9.26 -49.40 36.22
C PHE C 465 -10.54 -48.75 36.74
N HIS C 466 -11.68 -49.34 36.40
CA HIS C 466 -12.96 -48.82 36.86
C HIS C 466 -12.93 -48.69 38.36
N SER C 467 -12.41 -49.70 39.05
CA SER C 467 -12.35 -49.67 40.50
C SER C 467 -11.49 -48.53 41.02
N ARG C 468 -10.54 -48.08 40.21
CA ARG C 468 -9.67 -47.00 40.64
C ARG C 468 -10.18 -45.66 40.09
N ASN C 469 -11.45 -45.65 39.73
CA ASN C 469 -12.11 -44.47 39.21
C ASN C 469 -11.54 -43.92 37.92
N TYR C 470 -11.02 -44.81 37.08
CA TYR C 470 -10.53 -44.38 35.79
C TYR C 470 -11.03 -45.38 34.76
N PRO C 471 -12.33 -45.31 34.44
CA PRO C 471 -12.98 -46.17 33.47
C PRO C 471 -12.31 -45.97 32.13
N LEU C 472 -11.71 -47.02 31.60
CA LEU C 472 -11.03 -46.90 30.32
C LEU C 472 -11.98 -46.50 29.21
N LYS C 473 -11.51 -45.60 28.37
CA LYS C 473 -12.28 -45.11 27.23
C LYS C 473 -12.61 -46.25 26.25
N PHE C 474 -11.64 -47.14 26.01
CA PHE C 474 -11.82 -48.24 25.08
C PHE C 474 -11.54 -49.62 25.68
N PRO C 475 -12.40 -50.06 26.62
CA PRO C 475 -12.24 -51.36 27.27
C PRO C 475 -12.09 -52.54 26.31
N GLN C 476 -12.67 -52.44 25.11
CA GLN C 476 -12.57 -53.54 24.15
C GLN C 476 -11.28 -53.66 23.36
N LEU C 477 -10.38 -52.71 23.52
CA LEU C 477 -9.13 -52.77 22.79
C LEU C 477 -8.11 -53.69 23.46
N HIS C 478 -7.23 -54.26 22.66
CA HIS C 478 -6.19 -55.08 23.21
C HIS C 478 -5.17 -54.11 23.77
N CYS C 479 -4.43 -54.54 24.78
CA CYS C 479 -3.41 -53.68 25.38
C CYS C 479 -2.03 -53.89 24.74
N LEU C 480 -1.11 -52.99 25.04
CA LEU C 480 0.24 -53.13 24.52
C LEU C 480 1.01 -53.97 25.53
N ASN C 481 1.62 -55.03 25.04
CA ASN C 481 2.38 -55.89 25.91
C ASN C 481 3.80 -55.36 26.05
N VAL C 482 4.17 -55.01 27.26
CA VAL C 482 5.49 -54.49 27.53
C VAL C 482 6.27 -55.55 28.32
N GLY C 483 5.63 -56.70 28.56
CA GLY C 483 6.26 -57.79 29.28
C GLY C 483 7.12 -58.68 28.41
N SER C 484 6.86 -59.99 28.41
CA SER C 484 7.62 -60.94 27.62
C SER C 484 6.93 -62.30 27.55
N SER C 485 7.72 -63.34 27.33
CA SER C 485 7.21 -64.71 27.23
C SER C 485 6.37 -65.07 28.44
N ILE C 486 5.05 -65.12 28.25
CA ILE C 486 4.11 -65.45 29.30
C ILE C 486 4.21 -64.53 30.52
N LYS C 487 5.32 -63.80 30.65
CA LYS C 487 5.50 -62.85 31.75
C LYS C 487 5.29 -61.49 31.10
N SER C 488 4.03 -61.12 31.01
CA SER C 488 3.55 -59.90 30.38
C SER C 488 3.21 -58.73 31.28
N ILE C 489 3.19 -57.56 30.66
CA ILE C 489 2.86 -56.31 31.30
C ILE C 489 1.97 -55.64 30.26
N LEU C 490 0.67 -55.62 30.52
CA LEU C 490 -0.25 -55.05 29.57
C LEU C 490 -0.64 -53.64 29.88
N LEU C 491 -0.52 -52.78 28.88
CA LEU C 491 -0.86 -51.38 29.08
C LEU C 491 -1.96 -50.95 28.14
N PRO C 492 -2.99 -50.29 28.68
CA PRO C 492 -4.06 -49.82 27.80
C PRO C 492 -3.55 -48.73 26.86
N ILE C 493 -3.65 -48.98 25.56
CA ILE C 493 -3.18 -48.04 24.54
C ILE C 493 -3.55 -46.57 24.77
N GLU C 494 -4.74 -46.31 25.29
CA GLU C 494 -5.17 -44.93 25.52
C GLU C 494 -4.30 -44.16 26.53
N LEU C 495 -3.48 -44.84 27.30
CA LEU C 495 -2.62 -44.18 28.28
C LEU C 495 -1.16 -44.15 27.83
N CYS C 496 -0.93 -44.40 26.55
CA CYS C 496 0.42 -44.40 26.00
C CYS C 496 0.57 -43.43 24.83
N SER C 497 1.81 -43.03 24.54
CA SER C 497 2.09 -42.12 23.44
C SER C 497 3.51 -42.35 22.95
N ILE C 498 3.84 -41.77 21.79
CA ILE C 498 5.16 -41.89 21.23
C ILE C 498 5.75 -40.52 20.94
N GLU C 499 7.06 -40.48 21.08
CA GLU C 499 7.80 -39.29 20.78
C GLU C 499 8.47 -39.78 19.50
N GLU C 500 7.95 -39.30 18.37
CA GLU C 500 8.44 -39.71 17.05
C GLU C 500 9.83 -39.21 16.71
N GLY C 501 10.45 -39.92 15.78
CA GLY C 501 11.82 -39.61 15.38
C GLY C 501 12.15 -38.43 14.49
N GLN C 502 13.45 -38.35 14.19
CA GLN C 502 14.05 -37.32 13.34
C GLN C 502 13.16 -36.10 13.16
C1 GLC D . -30.96 -6.36 -1.99
C2 GLC D . -30.05 -5.13 -1.87
C3 GLC D . -29.11 -5.06 -3.05
C4 GLC D . -28.29 -6.32 -3.13
C5 GLC D . -29.30 -7.48 -3.45
C6 GLC D . -28.64 -8.86 -3.56
O1 GLC D . -31.93 -6.17 -2.93
O2 GLC D . -30.82 -3.93 -1.85
O3 GLC D . -28.26 -3.92 -2.80
O4 GLC D . -27.41 -6.23 -4.27
O5 GLC D . -30.34 -7.49 -2.46
O6 GLC D . -29.74 -9.75 -3.89
C1 GLC D . -26.04 -6.10 -4.03
C2 GLC D . -25.55 -5.10 -5.13
C3 GLC D . -25.84 -5.70 -6.49
C4 GLC D . -25.13 -7.08 -6.59
C5 GLC D . -25.59 -7.99 -5.47
C6 GLC D . -24.75 -9.22 -5.41
O2 GLC D . -26.19 -3.81 -4.98
O3 GLC D . -25.36 -4.85 -7.56
O4 GLC D . -25.36 -7.73 -7.86
O5 GLC D . -25.40 -7.30 -4.22
O6 GLC D . -25.48 -10.36 -4.80
C1 GLC E . 9.31 21.30 -19.26
C2 GLC E . 8.80 20.60 -18.01
C3 GLC E . 9.97 19.91 -17.30
C4 GLC E . 10.59 18.88 -18.24
C5 GLC E . 11.21 19.66 -19.47
C6 GLC E . 11.80 18.69 -20.54
O1 GLC E . 10.04 22.37 -18.91
O2 GLC E . 8.22 21.56 -17.14
O3 GLC E . 9.42 19.23 -16.17
O4 GLC E . 11.74 18.28 -17.59
O5 GLC E . 10.23 20.57 -20.01
O6 GLC E . 12.33 19.56 -21.55
C1 GLC E . 11.64 16.98 -17.08
C2 GLC E . 12.29 17.11 -15.66
C3 GLC E . 13.77 17.50 -15.79
C4 GLC E . 14.46 16.42 -16.66
C5 GLC E . 13.78 16.32 -18.03
C6 GLC E . 14.33 15.16 -18.83
O2 GLC E . 11.57 18.08 -14.84
O3 GLC E . 14.44 17.59 -14.52
O4 GLC E . 15.86 16.71 -16.84
O5 GLC E . 12.37 16.07 -17.83
O6 GLC E . 13.98 15.25 -20.27
C1 GLC F . 9.51 -0.29 29.44
C2 GLC F . 8.29 -0.36 28.53
C3 GLC F . 8.09 -1.77 28.02
C4 GLC F . 9.32 -2.20 27.26
C5 GLC F . 10.50 -2.28 28.30
C6 GLC F . 11.83 -2.66 27.62
O1 GLC F . 9.25 -0.87 30.61
O2 GLC F . 7.14 0.02 29.25
O3 GLC F . 6.96 -1.71 27.15
O4 GLC F . 9.15 -3.55 26.77
O5 GLC F . 10.60 -1.02 29.00
O6 GLC F . 12.75 -2.69 28.72
C1 GLC F . 9.06 -3.66 25.35
C2 GLC F . 8.04 -4.82 25.16
C3 GLC F . 8.60 -6.11 25.71
C4 GLC F . 9.95 -6.38 24.98
C5 GLC F . 10.90 -5.23 25.21
C6 GLC F . 12.17 -5.39 24.44
O2 GLC F . 6.77 -4.50 25.78
O3 GLC F . 7.68 -7.20 25.49
O4 GLC F . 10.57 -7.59 25.44
O5 GLC F . 10.27 -4.00 24.76
O6 GLC F . 13.19 -4.38 24.86
NI NI G . -38.78 -2.86 -59.35
NI NI H . -44.12 -9.11 -8.18
NI NI I . -42.10 -8.16 -10.37
NI NI J . 69.45 29.49 -6.53
NI NI K . 15.33 34.34 -24.43
NI NI L . 18.08 33.03 -21.73
NI NI M . -1.10 -56.78 47.64
NI NI N . 11.28 -6.61 42.28
NI NI O . 11.85 -3.74 42.08
#